data_1HBW
#
_entry.id   1HBW
#
_cell.length_a   1.000
_cell.length_b   1.000
_cell.length_c   1.000
_cell.angle_alpha   90.00
_cell.angle_beta   90.00
_cell.angle_gamma   90.00
#
_symmetry.space_group_name_H-M   'P 1'
#
_entity_poly.entity_id   1
_entity_poly.type   'polypeptide(L)'
_entity_poly.pdbx_seq_one_letter_code
;TRAHLTEVESRLERLEQLFLLIFPREDLDMILKMDSLRDIEALLTGLFVQDNVNKDA
;
_entity_poly.pdbx_strand_id   A,B
#
# COMPACT_ATOMS: atom_id res chain seq x y z
N THR A 1 -32.17 -23.81 -17.63
CA THR A 1 -31.06 -23.27 -18.46
C THR A 1 -29.81 -23.03 -17.60
N ARG A 2 -28.65 -23.42 -18.14
CA ARG A 2 -27.40 -23.25 -17.44
C ARG A 2 -26.87 -21.83 -17.60
N ALA A 3 -26.33 -21.27 -16.52
CA ALA A 3 -25.80 -19.92 -16.55
C ALA A 3 -25.17 -19.55 -15.20
N HIS A 4 -24.98 -18.25 -14.98
CA HIS A 4 -24.39 -17.76 -13.74
C HIS A 4 -22.94 -18.21 -13.59
N LEU A 5 -22.16 -17.44 -12.85
CA LEU A 5 -20.76 -17.75 -12.61
C LEU A 5 -19.96 -17.69 -13.92
N THR A 6 -19.07 -18.67 -14.13
CA THR A 6 -18.23 -18.76 -15.34
C THR A 6 -17.97 -17.39 -15.98
N GLU A 7 -18.91 -16.95 -16.82
CA GLU A 7 -18.76 -15.67 -17.51
C GLU A 7 -18.81 -14.50 -16.52
N VAL A 8 -19.95 -14.33 -15.86
CA VAL A 8 -20.11 -13.25 -14.90
C VAL A 8 -19.04 -13.32 -13.80
N GLU A 9 -18.79 -14.52 -13.29
CA GLU A 9 -17.78 -14.69 -12.26
C GLU A 9 -16.45 -14.14 -12.75
N SER A 10 -16.09 -14.55 -13.96
CA SER A 10 -14.86 -14.07 -14.57
C SER A 10 -14.95 -12.57 -14.81
N ARG A 11 -16.19 -12.07 -14.81
CA ARG A 11 -16.46 -10.65 -15.04
C ARG A 11 -16.07 -9.79 -13.85
N LEU A 12 -16.86 -9.85 -12.78
CA LEU A 12 -16.55 -9.04 -11.62
C LEU A 12 -15.22 -9.45 -11.02
N GLU A 13 -14.85 -10.70 -11.27
CA GLU A 13 -13.56 -11.19 -10.81
C GLU A 13 -12.47 -10.50 -11.62
N ARG A 14 -12.75 -10.30 -12.93
CA ARG A 14 -11.82 -9.61 -13.79
C ARG A 14 -11.69 -8.16 -13.33
N LEU A 15 -12.78 -7.64 -12.76
CA LEU A 15 -12.77 -6.28 -12.24
C LEU A 15 -11.96 -6.23 -10.94
N GLU A 16 -11.94 -7.36 -10.26
CA GLU A 16 -11.20 -7.50 -9.02
C GLU A 16 -9.70 -7.55 -9.31
N GLN A 17 -9.35 -8.13 -10.45
CA GLN A 17 -7.96 -8.25 -10.85
C GLN A 17 -7.43 -6.93 -11.42
N LEU A 18 -8.35 -6.09 -11.89
CA LEU A 18 -7.99 -4.80 -12.46
C LEU A 18 -7.81 -3.75 -11.35
N PHE A 19 -8.43 -3.98 -10.21
CA PHE A 19 -8.34 -3.07 -9.08
C PHE A 19 -8.97 -1.72 -9.42
N LEU A 20 -9.02 -0.82 -8.44
CA LEU A 20 -9.60 0.51 -8.65
C LEU A 20 -8.65 1.59 -8.15
N LEU A 21 -8.44 1.64 -6.84
CA LEU A 21 -7.56 2.63 -6.24
C LEU A 21 -6.48 1.97 -5.41
N ILE A 22 -5.84 0.94 -5.97
CA ILE A 22 -4.78 0.22 -5.28
C ILE A 22 -3.52 0.13 -6.14
N PHE A 23 -3.67 -0.45 -7.32
CA PHE A 23 -2.55 -0.60 -8.25
C PHE A 23 -2.76 0.24 -9.51
N PRO A 24 -2.09 1.41 -9.60
CA PRO A 24 -2.22 2.30 -10.76
C PRO A 24 -1.67 1.68 -12.04
N ARG A 25 -0.43 1.18 -11.96
CA ARG A 25 0.22 0.56 -13.10
C ARG A 25 1.60 0.03 -12.72
N GLU A 26 2.42 0.90 -12.15
CA GLU A 26 3.77 0.53 -11.73
C GLU A 26 4.46 1.67 -11.02
N ASP A 27 4.82 1.44 -9.75
CA ASP A 27 5.48 2.47 -8.95
C ASP A 27 6.22 1.83 -7.77
N LEU A 28 5.47 1.21 -6.86
CA LEU A 28 6.04 0.55 -5.69
C LEU A 28 6.49 1.58 -4.64
N ASP A 29 6.20 2.85 -4.89
CA ASP A 29 6.58 3.91 -3.96
C ASP A 29 5.41 4.84 -3.66
N MET A 30 4.55 5.05 -4.64
CA MET A 30 3.38 5.92 -4.48
C MET A 30 2.50 5.45 -3.32
N ILE A 31 2.54 4.15 -3.04
CA ILE A 31 1.75 3.58 -1.95
C ILE A 31 2.22 4.10 -0.60
N LEU A 32 3.44 3.76 -0.23
CA LEU A 32 4.01 4.19 1.03
C LEU A 32 4.14 5.71 1.09
N LYS A 33 4.11 6.35 -0.08
CA LYS A 33 4.22 7.80 -0.16
C LYS A 33 2.87 8.46 0.15
N MET A 34 1.79 7.77 -0.21
CA MET A 34 0.44 8.28 0.02
C MET A 34 -0.07 7.86 1.40
N ASP A 35 0.56 6.84 1.97
CA ASP A 35 0.16 6.34 3.28
C ASP A 35 0.99 6.99 4.39
N SER A 36 2.29 7.14 4.12
CA SER A 36 3.20 7.75 5.09
C SER A 36 3.24 9.27 4.91
N LEU A 37 3.26 9.98 6.04
CA LEU A 37 3.31 11.44 6.01
C LEU A 37 4.74 11.95 6.12
N ARG A 38 5.71 11.07 5.84
CA ARG A 38 7.11 11.43 5.91
C ARG A 38 7.50 11.93 7.31
N ASP A 39 6.72 11.53 8.30
CA ASP A 39 6.98 11.92 9.69
C ASP A 39 8.19 11.17 10.25
N ILE A 40 8.64 10.15 9.52
CA ILE A 40 9.79 9.36 9.92
C ILE A 40 11.04 9.93 9.28
N GLU A 41 10.96 10.13 7.97
CA GLU A 41 12.06 10.71 7.23
C GLU A 41 12.26 12.15 7.70
N ALA A 42 11.21 12.71 8.30
CA ALA A 42 11.24 14.07 8.81
C ALA A 42 11.72 14.07 10.25
N LEU A 43 11.13 13.21 11.08
CA LEU A 43 11.53 13.10 12.47
C LEU A 43 13.02 12.80 12.56
N LEU A 44 13.54 12.17 11.50
CA LEU A 44 14.95 11.83 11.44
C LEU A 44 15.73 12.92 10.72
N THR A 45 15.11 13.52 9.70
CA THR A 45 15.76 14.59 8.96
C THR A 45 15.97 15.83 9.84
N GLY A 46 15.28 15.87 10.97
CA GLY A 46 15.42 17.01 11.87
C GLY A 46 15.85 16.61 13.27
N LEU A 47 15.37 15.47 13.75
CA LEU A 47 15.72 15.01 15.10
C LEU A 47 16.85 13.98 15.08
N PHE A 48 17.30 13.64 13.89
CA PHE A 48 18.39 12.68 13.70
C PHE A 48 18.29 11.52 14.70
N VAL A 49 17.36 10.60 14.45
CA VAL A 49 17.17 9.46 15.33
C VAL A 49 18.32 8.47 15.19
N GLN A 50 18.74 7.88 16.31
CA GLN A 50 19.83 6.92 16.31
C GLN A 50 19.72 5.96 17.49
N ASP A 51 19.35 4.72 17.21
CA ASP A 51 19.20 3.70 18.25
C ASP A 51 18.85 2.35 17.64
N ASN A 52 18.96 1.30 18.45
CA ASN A 52 18.66 -0.05 17.99
C ASN A 52 17.22 -0.44 18.35
N VAL A 53 16.63 -1.31 17.54
CA VAL A 53 15.26 -1.76 17.77
C VAL A 53 15.06 -3.20 17.30
N ASN A 54 15.57 -3.50 16.11
CA ASN A 54 15.45 -4.84 15.54
C ASN A 54 13.99 -5.19 15.27
N LYS A 55 13.75 -6.42 14.84
CA LYS A 55 12.39 -6.87 14.54
C LYS A 55 12.07 -8.16 15.30
N ASP A 56 10.78 -8.37 15.58
CA ASP A 56 10.35 -9.55 16.30
C ASP A 56 10.97 -9.61 17.70
N ALA A 57 10.12 -9.48 18.71
CA ALA A 57 10.58 -9.51 20.10
C ALA A 57 10.18 -10.82 20.78
N THR B 1 -32.71 -13.85 -21.53
CA THR B 1 -32.43 -12.70 -20.63
C THR B 1 -33.21 -12.81 -19.33
N ARG B 2 -32.69 -13.62 -18.42
CA ARG B 2 -33.33 -13.83 -17.12
C ARG B 2 -32.32 -14.31 -16.08
N ALA B 3 -31.10 -13.80 -16.17
CA ALA B 3 -30.04 -14.18 -15.24
C ALA B 3 -28.76 -13.38 -15.50
N HIS B 4 -27.65 -13.88 -14.98
CA HIS B 4 -26.35 -13.23 -15.15
C HIS B 4 -26.32 -11.87 -14.46
N LEU B 5 -25.13 -11.44 -14.08
CA LEU B 5 -24.94 -10.16 -13.40
C LEU B 5 -25.64 -10.15 -12.04
N THR B 6 -26.32 -9.03 -11.71
CA THR B 6 -27.04 -8.89 -10.43
C THR B 6 -26.44 -9.73 -9.30
N GLU B 7 -26.84 -11.00 -9.22
CA GLU B 7 -26.36 -11.89 -8.18
C GLU B 7 -24.87 -12.18 -8.36
N VAL B 8 -24.51 -12.82 -9.45
CA VAL B 8 -23.10 -13.15 -9.71
C VAL B 8 -22.24 -11.90 -9.70
N GLU B 9 -22.71 -10.83 -10.35
CA GLU B 9 -21.96 -9.58 -10.37
C GLU B 9 -21.67 -9.13 -8.95
N SER B 10 -22.69 -9.13 -8.13
CA SER B 10 -22.54 -8.77 -6.73
C SER B 10 -21.63 -9.79 -6.03
N ARG B 11 -21.49 -10.95 -6.65
CA ARG B 11 -20.67 -12.03 -6.12
C ARG B 11 -19.19 -11.75 -6.24
N LEU B 12 -18.66 -11.85 -7.46
CA LEU B 12 -17.24 -11.60 -7.65
C LEU B 12 -16.90 -10.17 -7.28
N GLU B 13 -17.90 -9.30 -7.38
CA GLU B 13 -17.72 -7.92 -7.00
C GLU B 13 -17.57 -7.85 -5.49
N ARG B 14 -18.34 -8.69 -4.79
CA ARG B 14 -18.26 -8.77 -3.34
C ARG B 14 -16.88 -9.30 -2.95
N LEU B 15 -16.32 -10.13 -3.83
CA LEU B 15 -14.99 -10.69 -3.60
C LEU B 15 -13.95 -9.60 -3.82
N GLU B 16 -14.30 -8.67 -4.69
CA GLU B 16 -13.43 -7.55 -5.02
C GLU B 16 -13.40 -6.55 -3.86
N GLN B 17 -14.53 -6.46 -3.15
CA GLN B 17 -14.63 -5.55 -2.01
C GLN B 17 -13.95 -6.15 -0.78
N LEU B 18 -13.84 -7.48 -0.76
CA LEU B 18 -13.21 -8.17 0.36
C LEU B 18 -11.69 -8.17 0.23
N PHE B 19 -11.20 -8.01 -1.00
CA PHE B 19 -9.77 -8.00 -1.25
C PHE B 19 -9.14 -9.35 -0.91
N LEU B 20 -7.85 -9.48 -1.18
CA LEU B 20 -7.13 -10.72 -0.91
C LEU B 20 -5.86 -10.44 -0.13
N LEU B 21 -4.90 -9.79 -0.78
CA LEU B 21 -3.62 -9.47 -0.16
C LEU B 21 -3.35 -7.97 -0.22
N ILE B 22 -4.35 -7.17 0.14
CA ILE B 22 -4.22 -5.72 0.13
C ILE B 22 -4.63 -5.13 1.47
N PHE B 23 -5.88 -5.38 1.87
CA PHE B 23 -6.40 -4.87 3.13
C PHE B 23 -6.67 -6.01 4.11
N PRO B 24 -5.77 -6.23 5.08
CA PRO B 24 -5.94 -7.30 6.08
C PRO B 24 -7.13 -7.06 6.99
N ARG B 25 -7.22 -5.87 7.57
CA ARG B 25 -8.32 -5.53 8.46
C ARG B 25 -8.21 -4.08 8.95
N GLU B 26 -7.06 -3.75 9.53
CA GLU B 26 -6.84 -2.40 10.05
C GLU B 26 -5.35 -2.05 10.02
N ASP B 27 -5.01 -0.89 10.58
CA ASP B 27 -3.62 -0.43 10.62
C ASP B 27 -3.10 -0.10 9.23
N LEU B 28 -2.81 1.18 9.01
CA LEU B 28 -2.30 1.64 7.72
C LEU B 28 -0.79 1.84 7.78
N ASP B 29 -0.10 0.86 8.32
CA ASP B 29 1.35 0.92 8.45
C ASP B 29 2.02 -0.31 7.84
N MET B 30 1.35 -1.46 7.96
CA MET B 30 1.89 -2.71 7.44
C MET B 30 2.16 -2.61 5.94
N ILE B 31 1.42 -1.74 5.27
CA ILE B 31 1.60 -1.55 3.83
C ILE B 31 2.96 -0.94 3.52
N LEU B 32 3.17 0.28 3.97
CA LEU B 32 4.44 0.98 3.75
C LEU B 32 5.60 0.24 4.42
N LYS B 33 5.27 -0.62 5.38
CA LYS B 33 6.27 -1.40 6.09
C LYS B 33 6.72 -2.61 5.27
N MET B 34 5.79 -3.15 4.49
CA MET B 34 6.07 -4.30 3.65
C MET B 34 6.60 -3.87 2.28
N ASP B 35 6.36 -2.61 1.93
CA ASP B 35 6.81 -2.08 0.64
C ASP B 35 8.17 -1.39 0.80
N SER B 36 8.33 -0.66 1.89
CA SER B 36 9.58 0.05 2.14
C SER B 36 10.56 -0.83 2.90
N LEU B 37 11.83 -0.76 2.52
CA LEU B 37 12.87 -1.56 3.16
C LEU B 37 13.57 -0.76 4.27
N ARG B 38 12.93 0.32 4.72
CA ARG B 38 13.49 1.15 5.77
C ARG B 38 14.84 1.72 5.36
N ASP B 39 15.09 1.79 4.05
CA ASP B 39 16.34 2.33 3.54
C ASP B 39 16.40 3.85 3.70
N ILE B 40 15.25 4.44 4.03
CA ILE B 40 15.15 5.88 4.24
C ILE B 40 15.36 6.19 5.69
N GLU B 41 14.61 5.50 6.54
CA GLU B 41 14.73 5.65 7.98
C GLU B 41 16.12 5.19 8.41
N ALA B 42 16.73 4.36 7.57
CA ALA B 42 18.06 3.83 7.83
C ALA B 42 19.12 4.76 7.26
N LEU B 43 18.94 5.16 6.00
CA LEU B 43 19.87 6.08 5.35
C LEU B 43 19.97 7.36 6.18
N LEU B 44 18.91 7.65 6.92
CA LEU B 44 18.87 8.83 7.77
C LEU B 44 19.32 8.48 9.19
N THR B 45 18.96 7.28 9.65
CA THR B 45 19.34 6.84 10.98
C THR B 45 20.86 6.67 11.08
N GLY B 46 21.53 6.62 9.94
CA GLY B 46 22.97 6.45 9.93
C GLY B 46 23.71 7.55 9.20
N LEU B 47 23.13 8.05 8.11
CA LEU B 47 23.76 9.11 7.32
C LEU B 47 23.21 10.49 7.68
N PHE B 48 22.24 10.51 8.58
CA PHE B 48 21.62 11.77 9.03
C PHE B 48 21.44 12.75 7.88
N VAL B 49 20.44 12.49 7.03
CA VAL B 49 20.16 13.36 5.89
C VAL B 49 19.56 14.69 6.34
N GLN B 50 19.97 15.77 5.69
CA GLN B 50 19.47 17.10 6.03
C GLN B 50 19.56 18.03 4.82
N ASP B 51 18.39 18.36 4.25
CA ASP B 51 18.34 19.24 3.10
C ASP B 51 16.89 19.50 2.69
N ASN B 52 16.70 20.49 1.83
CA ASN B 52 15.36 20.85 1.36
C ASN B 52 15.07 20.17 0.02
N VAL B 53 13.80 19.91 -0.24
CA VAL B 53 13.38 19.27 -1.48
C VAL B 53 12.00 19.75 -1.91
N ASN B 54 11.06 19.79 -0.96
CA ASN B 54 9.70 20.22 -1.24
C ASN B 54 9.01 19.25 -2.19
N LYS B 55 7.78 19.59 -2.59
CA LYS B 55 7.02 18.75 -3.51
C LYS B 55 6.55 19.55 -4.71
N ASP B 56 6.35 18.85 -5.83
CA ASP B 56 5.90 19.50 -7.06
C ASP B 56 6.90 20.55 -7.53
N ALA B 57 7.54 20.29 -8.68
CA ALA B 57 8.52 21.21 -9.23
C ALA B 57 7.97 21.93 -10.45
N THR A 1 -35.47 -18.60 -14.05
CA THR A 1 -34.30 -17.98 -13.39
C THR A 1 -34.02 -16.59 -13.96
N ARG A 2 -32.90 -16.00 -13.55
CA ARG A 2 -32.52 -14.68 -14.02
C ARG A 2 -31.09 -14.32 -13.61
N ALA A 3 -30.74 -14.67 -12.37
CA ALA A 3 -29.41 -14.38 -11.86
C ALA A 3 -28.97 -15.42 -10.83
N HIS A 4 -27.75 -15.94 -11.00
CA HIS A 4 -27.22 -16.94 -10.08
C HIS A 4 -26.03 -16.39 -9.30
N LEU A 5 -25.30 -15.48 -9.94
CA LEU A 5 -24.13 -14.86 -9.31
C LEU A 5 -23.03 -15.89 -9.04
N THR A 6 -23.19 -16.63 -7.93
CA THR A 6 -22.24 -17.67 -7.51
C THR A 6 -20.96 -17.72 -8.37
N GLU A 7 -20.99 -18.53 -9.44
CA GLU A 7 -19.83 -18.67 -10.33
C GLU A 7 -19.20 -17.32 -10.67
N VAL A 8 -19.90 -16.52 -11.46
CA VAL A 8 -19.39 -15.21 -11.86
C VAL A 8 -18.90 -14.41 -10.66
N GLU A 9 -19.45 -14.71 -9.47
CA GLU A 9 -19.02 -14.01 -8.27
C GLU A 9 -17.59 -14.41 -7.96
N SER A 10 -17.32 -15.71 -8.04
CA SER A 10 -15.98 -16.21 -7.82
C SER A 10 -15.10 -15.77 -8.98
N ARG A 11 -15.75 -15.34 -10.07
CA ARG A 11 -15.05 -14.89 -11.25
C ARG A 11 -14.41 -13.53 -11.04
N LEU A 12 -15.23 -12.47 -11.02
CA LEU A 12 -14.66 -11.14 -10.82
C LEU A 12 -13.98 -11.07 -9.47
N GLU A 13 -14.47 -11.86 -8.53
CA GLU A 13 -13.85 -11.91 -7.21
C GLU A 13 -12.44 -12.48 -7.36
N ARG A 14 -12.31 -13.48 -8.24
CA ARG A 14 -11.01 -14.08 -8.50
C ARG A 14 -10.12 -13.04 -9.19
N LEU A 15 -10.76 -12.13 -9.92
CA LEU A 15 -10.05 -11.06 -10.60
C LEU A 15 -9.54 -10.04 -9.59
N GLU A 16 -10.26 -9.96 -8.48
CA GLU A 16 -9.92 -9.05 -7.40
C GLU A 16 -8.78 -9.64 -6.58
N GLN A 17 -8.75 -10.96 -6.48
CA GLN A 17 -7.70 -11.65 -5.73
C GLN A 17 -6.41 -11.72 -6.57
N LEU A 18 -6.56 -11.63 -7.89
CA LEU A 18 -5.42 -11.67 -8.79
C LEU A 18 -4.67 -10.35 -8.80
N PHE A 19 -5.40 -9.26 -8.55
CA PHE A 19 -4.79 -7.92 -8.54
C PHE A 19 -4.44 -7.48 -9.96
N LEU A 20 -3.62 -6.42 -10.05
CA LEU A 20 -3.18 -5.89 -11.34
C LEU A 20 -4.17 -4.86 -11.90
N LEU A 21 -5.46 -5.05 -11.63
CA LEU A 21 -6.49 -4.15 -12.11
C LEU A 21 -7.16 -3.40 -10.95
N ILE A 22 -6.99 -3.91 -9.73
CA ILE A 22 -7.59 -3.29 -8.56
C ILE A 22 -7.27 -1.80 -8.49
N PHE A 23 -6.06 -1.44 -8.89
CA PHE A 23 -5.63 -0.05 -8.88
C PHE A 23 -5.52 0.50 -10.30
N PRO A 24 -5.90 1.78 -10.52
CA PRO A 24 -5.84 2.41 -11.84
C PRO A 24 -4.40 2.65 -12.30
N ARG A 25 -3.51 2.84 -11.33
CA ARG A 25 -2.10 3.08 -11.64
C ARG A 25 -1.24 1.90 -11.18
N GLU A 26 0.07 2.00 -11.39
CA GLU A 26 0.99 0.95 -11.01
C GLU A 26 1.65 1.27 -9.67
N ASP A 27 2.18 2.48 -9.54
CA ASP A 27 2.84 2.90 -8.31
C ASP A 27 1.84 3.50 -7.34
N LEU A 28 2.08 3.30 -6.04
CA LEU A 28 1.20 3.82 -5.01
C LEU A 28 1.82 5.05 -4.35
N ASP A 29 2.74 4.83 -3.42
CA ASP A 29 3.41 5.92 -2.71
C ASP A 29 2.47 6.60 -1.73
N MET A 30 1.33 7.11 -2.22
CA MET A 30 0.35 7.79 -1.39
C MET A 30 0.10 7.04 -0.08
N ILE A 31 -0.22 5.75 -0.19
CA ILE A 31 -0.48 4.93 0.99
C ILE A 31 0.76 4.85 1.90
N LEU A 32 1.93 4.95 1.29
CA LEU A 32 3.18 4.89 2.02
C LEU A 32 3.42 6.18 2.81
N LYS A 33 2.85 7.27 2.32
CA LYS A 33 3.00 8.57 2.96
C LYS A 33 1.86 8.83 3.96
N MET A 34 0.77 8.10 3.80
CA MET A 34 -0.38 8.25 4.68
C MET A 34 -0.32 7.24 5.83
N ASP A 35 0.42 6.16 5.64
CA ASP A 35 0.56 5.13 6.66
C ASP A 35 1.71 5.47 7.61
N SER A 36 2.91 5.56 7.07
CA SER A 36 4.09 5.88 7.87
C SER A 36 5.28 6.22 6.98
N LEU A 37 5.80 7.44 7.14
CA LEU A 37 6.94 7.89 6.35
C LEU A 37 7.50 9.20 6.89
N ARG A 38 6.61 10.11 7.27
CA ARG A 38 7.03 11.40 7.81
C ARG A 38 7.55 11.26 9.23
N ASP A 39 6.91 10.39 10.01
CA ASP A 39 7.32 10.17 11.39
C ASP A 39 8.66 9.42 11.46
N ILE A 40 9.10 8.90 10.33
CA ILE A 40 10.36 8.17 10.25
C ILE A 40 11.48 9.14 9.90
N GLU A 41 11.30 9.84 8.79
CA GLU A 41 12.27 10.84 8.36
C GLU A 41 12.35 11.94 9.41
N ALA A 42 11.31 12.03 10.23
CA ALA A 42 11.24 13.02 11.29
C ALA A 42 11.90 12.48 12.56
N LEU A 43 11.45 11.31 13.01
CA LEU A 43 12.02 10.69 14.20
C LEU A 43 13.53 10.57 14.04
N LEU A 44 13.98 10.52 12.80
CA LEU A 44 15.41 10.43 12.51
C LEU A 44 15.99 11.82 12.30
N THR A 45 15.22 12.69 11.66
CA THR A 45 15.67 14.05 11.42
C THR A 45 15.89 14.80 12.73
N GLY A 46 15.36 14.27 13.82
CA GLY A 46 15.52 14.92 15.12
C GLY A 46 16.14 14.02 16.17
N LEU A 47 15.93 12.71 16.05
CA LEU A 47 16.47 11.77 17.03
C LEU A 47 17.68 11.02 16.49
N PHE A 48 18.12 11.39 15.30
CA PHE A 48 19.28 10.76 14.66
C PHE A 48 20.36 10.39 15.68
N VAL A 49 20.95 9.22 15.49
CA VAL A 49 22.00 8.74 16.38
C VAL A 49 23.28 9.54 16.20
N GLN A 50 23.70 10.23 17.27
CA GLN A 50 24.91 11.04 17.23
C GLN A 50 26.15 10.16 17.28
N ASP A 51 26.05 9.02 17.95
CA ASP A 51 27.17 8.09 18.07
C ASP A 51 27.18 7.11 16.91
N ASN A 52 28.32 6.44 16.72
CA ASN A 52 28.45 5.48 15.64
C ASN A 52 28.69 4.07 16.20
N VAL A 53 29.52 3.99 17.23
CA VAL A 53 29.84 2.70 17.87
C VAL A 53 30.11 1.61 16.84
N ASN A 54 30.88 1.95 15.81
CA ASN A 54 31.22 1.00 14.74
C ASN A 54 30.00 0.20 14.30
N LYS A 55 29.29 0.69 13.29
CA LYS A 55 28.11 0.02 12.78
C LYS A 55 28.38 -0.59 11.40
N ASP A 56 29.46 -0.16 10.76
CA ASP A 56 29.81 -0.67 9.44
C ASP A 56 30.83 -1.79 9.54
N ALA A 57 30.75 -2.57 10.61
CA ALA A 57 31.67 -3.68 10.83
C ALA A 57 33.12 -3.20 10.85
N THR B 1 -29.65 -18.99 -19.08
CA THR B 1 -29.45 -20.28 -19.78
C THR B 1 -28.17 -20.98 -19.30
N ARG B 2 -27.03 -20.37 -19.59
CA ARG B 2 -25.74 -20.92 -19.19
C ARG B 2 -24.95 -19.92 -18.34
N ALA B 3 -24.34 -18.95 -19.00
CA ALA B 3 -23.55 -17.94 -18.31
C ALA B 3 -23.54 -16.62 -19.07
N HIS B 4 -23.80 -15.53 -18.37
CA HIS B 4 -23.82 -14.19 -18.97
C HIS B 4 -22.68 -13.33 -18.43
N LEU B 5 -22.33 -13.57 -17.17
CA LEU B 5 -21.25 -12.83 -16.52
C LEU B 5 -21.62 -11.35 -16.38
N THR B 6 -21.44 -10.59 -17.47
CA THR B 6 -21.73 -9.15 -17.52
C THR B 6 -22.12 -8.56 -16.15
N GLU B 7 -23.41 -8.57 -15.83
CA GLU B 7 -23.91 -8.02 -14.57
C GLU B 7 -23.06 -8.46 -13.38
N VAL B 8 -23.13 -9.74 -13.04
CA VAL B 8 -22.37 -10.27 -11.91
C VAL B 8 -20.90 -9.88 -12.00
N GLU B 9 -20.42 -9.61 -13.22
CA GLU B 9 -19.03 -9.21 -13.39
C GLU B 9 -18.86 -7.82 -12.79
N SER B 10 -19.79 -6.94 -13.08
CA SER B 10 -19.76 -5.60 -12.52
C SER B 10 -20.07 -5.69 -11.03
N ARG B 11 -20.60 -6.85 -10.62
CA ARG B 11 -20.95 -7.08 -9.23
C ARG B 11 -19.71 -7.30 -8.38
N LEU B 12 -19.08 -8.47 -8.51
CA LEU B 12 -17.89 -8.73 -7.72
C LEU B 12 -16.81 -7.72 -8.06
N GLU B 13 -16.84 -7.23 -9.30
CA GLU B 13 -15.89 -6.22 -9.72
C GLU B 13 -16.15 -4.96 -8.91
N ARG B 14 -17.43 -4.66 -8.68
CA ARG B 14 -17.80 -3.51 -7.89
C ARG B 14 -17.36 -3.73 -6.45
N LEU B 15 -17.29 -5.00 -6.06
CA LEU B 15 -16.86 -5.37 -4.72
C LEU B 15 -15.36 -5.17 -4.60
N GLU B 16 -14.69 -5.27 -5.73
CA GLU B 16 -13.24 -5.08 -5.80
C GLU B 16 -12.91 -3.59 -5.77
N GLN B 17 -13.79 -2.79 -6.36
CA GLN B 17 -13.60 -1.35 -6.38
C GLN B 17 -13.98 -0.72 -5.05
N LEU B 18 -14.82 -1.43 -4.29
CA LEU B 18 -15.27 -0.96 -2.98
C LEU B 18 -14.18 -1.16 -1.93
N PHE B 19 -13.36 -2.19 -2.12
CA PHE B 19 -12.28 -2.50 -1.19
C PHE B 19 -12.84 -3.08 0.12
N LEU B 20 -12.00 -3.12 1.15
CA LEU B 20 -12.39 -3.64 2.47
C LEU B 20 -12.20 -5.15 2.56
N LEU B 21 -12.39 -5.86 1.45
CA LEU B 21 -12.25 -7.30 1.44
C LEU B 21 -11.07 -7.73 0.56
N ILE B 22 -10.57 -6.82 -0.28
CA ILE B 22 -9.45 -7.11 -1.16
C ILE B 22 -8.27 -7.70 -0.37
N PHE B 23 -8.06 -7.19 0.83
CA PHE B 23 -6.97 -7.66 1.68
C PHE B 23 -7.51 -8.47 2.85
N PRO B 24 -6.81 -9.55 3.25
CA PRO B 24 -7.23 -10.40 4.36
C PRO B 24 -7.11 -9.69 5.71
N ARG B 25 -6.16 -8.76 5.80
CA ARG B 25 -5.95 -8.01 7.03
C ARG B 25 -6.34 -6.55 6.85
N GLU B 26 -6.18 -5.76 7.92
CA GLU B 26 -6.53 -4.34 7.87
C GLU B 26 -5.30 -3.50 7.52
N ASP B 27 -4.28 -3.58 8.36
CA ASP B 27 -3.04 -2.83 8.14
C ASP B 27 -2.16 -3.52 7.11
N LEU B 28 -1.29 -2.75 6.46
CA LEU B 28 -0.39 -3.29 5.46
C LEU B 28 1.05 -3.28 5.97
N ASP B 29 1.70 -2.11 5.92
CA ASP B 29 3.08 -1.98 6.38
C ASP B 29 4.06 -2.62 5.41
N MET B 30 3.88 -3.92 5.15
CA MET B 30 4.75 -4.67 4.26
C MET B 30 5.04 -3.89 2.98
N ILE B 31 3.99 -3.44 2.30
CA ILE B 31 4.14 -2.68 1.07
C ILE B 31 4.91 -1.39 1.30
N LEU B 32 4.78 -0.84 2.51
CA LEU B 32 5.45 0.40 2.87
C LEU B 32 6.95 0.17 3.07
N LYS B 33 7.31 -1.06 3.43
CA LYS B 33 8.71 -1.41 3.67
C LYS B 33 9.35 -1.96 2.39
N MET B 34 8.53 -2.40 1.45
CA MET B 34 9.02 -2.95 0.20
C MET B 34 9.09 -1.87 -0.88
N ASP B 35 8.30 -0.81 -0.70
CA ASP B 35 8.27 0.28 -1.66
C ASP B 35 9.35 1.31 -1.34
N SER B 36 9.28 1.90 -0.16
CA SER B 36 10.25 2.90 0.27
C SER B 36 10.11 3.20 1.76
N LEU B 37 11.19 2.97 2.51
CA LEU B 37 11.19 3.20 3.94
C LEU B 37 12.60 3.09 4.51
N ARG B 38 13.35 2.09 4.06
CA ARG B 38 14.71 1.88 4.53
C ARG B 38 15.66 2.94 3.94
N ASP B 39 15.44 3.28 2.68
CA ASP B 39 16.27 4.27 2.00
C ASP B 39 16.03 5.67 2.56
N ILE B 40 14.96 5.82 3.35
CA ILE B 40 14.62 7.10 3.94
C ILE B 40 15.27 7.22 5.31
N GLU B 41 15.02 6.23 6.15
CA GLU B 41 15.61 6.19 7.48
C GLU B 41 17.12 6.07 7.34
N ALA B 42 17.55 5.61 6.16
CA ALA B 42 18.97 5.45 5.86
C ALA B 42 19.55 6.75 5.31
N LEU B 43 18.92 7.26 4.25
CA LEU B 43 19.38 8.50 3.64
C LEU B 43 19.46 9.59 4.71
N LEU B 44 18.66 9.43 5.76
CA LEU B 44 18.65 10.39 6.86
C LEU B 44 19.62 9.94 7.94
N THR B 45 19.69 8.64 8.18
CA THR B 45 20.59 8.10 9.19
C THR B 45 22.04 8.38 8.84
N GLY B 46 22.30 8.75 7.58
CA GLY B 46 23.66 9.03 7.15
C GLY B 46 23.84 10.41 6.55
N LEU B 47 22.77 10.95 5.95
CA LEU B 47 22.84 12.26 5.33
C LEU B 47 22.16 13.33 6.16
N PHE B 48 21.71 12.95 7.35
CA PHE B 48 21.02 13.87 8.27
C PHE B 48 21.63 15.28 8.22
N VAL B 49 20.77 16.29 8.25
CA VAL B 49 21.22 17.67 8.20
C VAL B 49 21.90 18.06 9.50
N GLN B 50 23.18 18.42 9.41
CA GLN B 50 23.96 18.82 10.58
C GLN B 50 23.58 20.23 11.03
N ASP B 51 23.19 21.07 10.07
CA ASP B 51 22.80 22.44 10.36
C ASP B 51 21.31 22.53 10.69
N ASN B 52 20.91 23.63 11.30
CA ASN B 52 19.51 23.84 11.67
C ASN B 52 18.92 25.02 10.91
N VAL B 53 19.70 26.10 10.80
CA VAL B 53 19.26 27.30 10.09
C VAL B 53 17.82 27.68 10.47
N ASN B 54 17.52 27.63 11.76
CA ASN B 54 16.18 27.96 12.26
C ASN B 54 15.09 27.35 11.38
N LYS B 55 14.65 26.15 11.73
CA LYS B 55 13.60 25.47 10.98
C LYS B 55 12.28 25.43 11.77
N ASP B 56 12.37 25.71 13.06
CA ASP B 56 11.18 25.70 13.91
C ASP B 56 10.62 27.11 14.08
N ALA B 57 10.76 27.92 13.04
CA ALA B 57 10.27 29.30 13.08
C ALA B 57 10.89 30.08 14.23
N THR A 1 -30.19 -23.64 -4.91
CA THR A 1 -28.85 -23.72 -5.53
C THR A 1 -28.58 -22.52 -6.44
N ARG A 2 -27.58 -22.63 -7.30
CA ARG A 2 -27.23 -21.55 -8.21
C ARG A 2 -27.91 -21.72 -9.56
N ALA A 3 -27.83 -22.93 -10.11
CA ALA A 3 -28.44 -23.23 -11.40
C ALA A 3 -27.74 -22.49 -12.53
N HIS A 4 -27.41 -23.21 -13.59
CA HIS A 4 -26.73 -22.64 -14.75
C HIS A 4 -25.48 -21.85 -14.31
N LEU A 5 -25.61 -20.53 -14.19
CA LEU A 5 -24.49 -19.69 -13.77
C LEU A 5 -23.37 -19.69 -14.82
N THR A 6 -22.64 -20.81 -14.89
CA THR A 6 -21.53 -21.01 -15.84
C THR A 6 -21.11 -19.74 -16.58
N GLU A 7 -21.89 -19.35 -17.59
CA GLU A 7 -21.58 -18.17 -18.39
C GLU A 7 -21.59 -16.89 -17.57
N VAL A 8 -22.72 -16.54 -16.97
CA VAL A 8 -22.82 -15.32 -16.19
C VAL A 8 -21.82 -15.30 -15.04
N GLU A 9 -21.75 -16.39 -14.26
CA GLU A 9 -20.81 -16.46 -13.16
C GLU A 9 -19.41 -16.15 -13.67
N SER A 10 -19.05 -16.77 -14.78
CA SER A 10 -17.75 -16.53 -15.39
C SER A 10 -17.67 -15.08 -15.86
N ARG A 11 -18.85 -14.47 -16.05
CA ARG A 11 -18.95 -13.10 -16.50
C ARG A 11 -18.53 -12.10 -15.43
N LEU A 12 -19.35 -11.94 -14.40
CA LEU A 12 -19.00 -10.98 -13.35
C LEU A 12 -17.70 -11.40 -12.69
N GLU A 13 -17.47 -12.71 -12.65
CA GLU A 13 -16.24 -13.23 -12.10
C GLU A 13 -15.08 -12.73 -12.96
N ARG A 14 -15.33 -12.67 -14.27
CA ARG A 14 -14.32 -12.18 -15.20
C ARG A 14 -14.11 -10.69 -14.96
N LEU A 15 -15.16 -10.02 -14.51
CA LEU A 15 -15.09 -8.60 -14.20
C LEU A 15 -14.25 -8.38 -12.95
N GLU A 16 -14.24 -9.40 -12.11
CA GLU A 16 -13.47 -9.39 -10.87
C GLU A 16 -12.01 -9.69 -11.18
N GLN A 17 -11.79 -10.51 -12.21
CA GLN A 17 -10.44 -10.86 -12.63
C GLN A 17 -9.77 -9.67 -13.30
N LEU A 18 -10.59 -8.87 -14.00
CA LEU A 18 -10.09 -7.69 -14.69
C LEU A 18 -9.53 -6.69 -13.69
N PHE A 19 -10.03 -6.75 -12.46
CA PHE A 19 -9.58 -5.86 -11.38
C PHE A 19 -10.02 -4.42 -11.64
N LEU A 20 -9.56 -3.84 -12.75
CA LEU A 20 -9.91 -2.47 -13.11
C LEU A 20 -9.22 -1.48 -12.17
N LEU A 21 -9.59 -1.52 -10.90
CA LEU A 21 -9.01 -0.63 -9.91
C LEU A 21 -8.72 -1.39 -8.62
N ILE A 22 -7.98 -2.48 -8.73
CA ILE A 22 -7.62 -3.30 -7.58
C ILE A 22 -6.12 -3.52 -7.50
N PHE A 23 -5.51 -3.85 -8.63
CA PHE A 23 -4.07 -4.09 -8.69
C PHE A 23 -3.30 -2.98 -7.99
N PRO A 24 -2.76 -3.27 -6.79
CA PRO A 24 -2.00 -2.29 -6.00
C PRO A 24 -0.56 -2.15 -6.51
N ARG A 25 -0.12 -0.91 -6.68
CA ARG A 25 1.23 -0.64 -7.15
C ARG A 25 1.60 0.83 -6.91
N GLU A 26 0.69 1.73 -7.27
CA GLU A 26 0.92 3.16 -7.10
C GLU A 26 -0.38 3.94 -7.24
N ASP A 27 -1.31 3.71 -6.33
CA ASP A 27 -2.60 4.39 -6.36
C ASP A 27 -3.02 4.85 -4.96
N LEU A 28 -3.58 3.91 -4.18
CA LEU A 28 -4.01 4.22 -2.83
C LEU A 28 -2.95 3.80 -1.81
N ASP A 29 -2.33 4.79 -1.16
CA ASP A 29 -1.29 4.52 -0.18
C ASP A 29 -0.77 5.81 0.44
N MET A 30 -1.41 6.23 1.53
CA MET A 30 -1.03 7.46 2.23
C MET A 30 0.46 7.47 2.57
N ILE A 31 0.96 6.36 3.09
CA ILE A 31 2.37 6.25 3.47
C ILE A 31 3.29 6.35 2.25
N LEU A 32 3.00 5.57 1.22
CA LEU A 32 3.82 5.57 0.01
C LEU A 32 3.79 6.92 -0.71
N LYS A 33 2.76 7.72 -0.45
CA LYS A 33 2.63 9.02 -1.10
C LYS A 33 3.23 10.13 -0.26
N MET A 34 3.30 9.93 1.05
CA MET A 34 3.84 10.93 1.96
C MET A 34 5.33 10.71 2.23
N ASP A 35 5.82 9.51 1.89
CA ASP A 35 7.22 9.17 2.11
C ASP A 35 7.53 9.03 3.60
N SER A 36 7.43 10.13 4.32
CA SER A 36 7.69 10.13 5.76
C SER A 36 9.16 9.81 6.04
N LEU A 37 10.04 10.72 5.62
CA LEU A 37 11.47 10.54 5.83
C LEU A 37 12.17 11.89 5.96
N ARG A 38 11.46 12.86 6.52
CA ARG A 38 12.01 14.20 6.70
C ARG A 38 12.19 14.52 8.19
N ASP A 39 11.29 14.04 9.03
CA ASP A 39 11.37 14.28 10.46
C ASP A 39 12.51 13.47 11.09
N ILE A 40 13.04 12.51 10.32
CA ILE A 40 14.13 11.67 10.79
C ILE A 40 15.44 12.36 10.49
N GLU A 41 15.65 12.67 9.22
CA GLU A 41 16.86 13.37 8.80
C GLU A 41 16.86 14.76 9.42
N ALA A 42 15.69 15.21 9.86
CA ALA A 42 15.54 16.52 10.48
C ALA A 42 15.89 16.45 11.96
N LEU A 43 15.06 15.75 12.74
CA LEU A 43 15.31 15.61 14.17
C LEU A 43 16.76 15.18 14.42
N LEU A 44 17.32 14.45 13.45
CA LEU A 44 18.70 13.98 13.56
C LEU A 44 19.69 15.03 13.09
N THR A 45 19.35 15.75 12.01
CA THR A 45 20.26 16.78 11.50
C THR A 45 20.27 18.00 12.42
N GLY A 46 19.37 18.01 13.41
CA GLY A 46 19.29 19.12 14.33
C GLY A 46 19.70 18.74 15.74
N LEU A 47 19.42 17.50 16.15
CA LEU A 47 19.78 17.05 17.48
C LEU A 47 21.09 16.27 17.50
N PHE A 48 21.61 15.98 16.30
CA PHE A 48 22.86 15.24 16.14
C PHE A 48 23.07 14.22 17.25
N VAL A 49 22.00 13.53 17.62
CA VAL A 49 22.07 12.52 18.67
C VAL A 49 22.62 11.20 18.15
N GLN A 50 23.14 10.38 19.05
CA GLN A 50 23.70 9.08 18.69
C GLN A 50 22.84 7.94 19.24
N ASP A 51 21.76 7.63 18.52
CA ASP A 51 20.86 6.55 18.94
C ASP A 51 21.55 5.20 18.87
N ASN A 52 20.85 4.16 19.31
CA ASN A 52 21.40 2.81 19.27
C ASN A 52 20.66 1.94 18.26
N VAL A 53 21.41 1.10 17.55
CA VAL A 53 20.83 0.22 16.54
C VAL A 53 21.61 -1.08 16.43
N ASN A 54 21.02 -2.06 15.75
CA ASN A 54 21.67 -3.35 15.58
C ASN A 54 22.05 -3.57 14.12
N LYS A 55 22.87 -4.59 13.87
CA LYS A 55 23.32 -4.91 12.51
C LYS A 55 22.50 -6.05 11.93
N ASP A 56 22.52 -7.19 12.62
CA ASP A 56 21.78 -8.37 12.18
C ASP A 56 20.28 -8.10 12.17
N ALA A 57 19.78 -7.56 13.27
CA ALA A 57 18.35 -7.25 13.39
C ALA A 57 17.97 -6.07 12.50
N THR B 1 -23.30 -14.71 -22.96
CA THR B 1 -23.17 -13.25 -23.29
C THR B 1 -24.51 -12.53 -23.19
N ARG B 2 -24.64 -11.67 -22.20
CA ARG B 2 -25.88 -10.92 -22.00
C ARG B 2 -27.04 -11.86 -21.70
N ALA B 3 -28.26 -11.34 -21.80
CA ALA B 3 -29.46 -12.13 -21.54
C ALA B 3 -29.56 -12.51 -20.06
N HIS B 4 -30.73 -12.29 -19.48
CA HIS B 4 -30.98 -12.60 -18.08
C HIS B 4 -29.89 -11.97 -17.19
N LEU B 5 -28.87 -12.75 -16.80
CA LEU B 5 -27.79 -12.23 -15.97
C LEU B 5 -28.30 -11.86 -14.57
N THR B 6 -29.02 -10.74 -14.50
CA THR B 6 -29.59 -10.21 -13.26
C THR B 6 -29.11 -10.93 -11.99
N GLU B 7 -29.65 -12.12 -11.74
CA GLU B 7 -29.27 -12.89 -10.55
C GLU B 7 -27.80 -13.27 -10.53
N VAL B 8 -27.35 -14.04 -11.53
CA VAL B 8 -25.97 -14.48 -11.57
C VAL B 8 -25.00 -13.29 -11.60
N GLU B 9 -25.26 -12.32 -12.49
CA GLU B 9 -24.39 -11.15 -12.56
C GLU B 9 -24.26 -10.52 -11.18
N SER B 10 -25.39 -10.37 -10.51
CA SER B 10 -25.40 -9.82 -9.16
C SER B 10 -24.65 -10.77 -8.22
N ARG B 11 -24.55 -12.02 -8.64
CA ARG B 11 -23.89 -13.07 -7.87
C ARG B 11 -22.38 -12.88 -7.84
N LEU B 12 -21.71 -13.13 -8.97
CA LEU B 12 -20.26 -13.00 -8.99
C LEU B 12 -19.88 -11.56 -8.70
N GLU B 13 -20.76 -10.64 -9.10
CA GLU B 13 -20.55 -9.23 -8.83
C GLU B 13 -20.56 -9.03 -7.32
N ARG B 14 -21.43 -9.78 -6.64
CA ARG B 14 -21.52 -9.71 -5.19
C ARG B 14 -20.25 -10.29 -4.59
N LEU B 15 -19.65 -11.24 -5.30
CA LEU B 15 -18.40 -11.86 -4.86
C LEU B 15 -17.27 -10.85 -4.98
N GLU B 16 -17.43 -9.95 -5.93
CA GLU B 16 -16.45 -8.89 -6.16
C GLU B 16 -16.62 -7.79 -5.12
N GLN B 17 -17.86 -7.60 -4.66
CA GLN B 17 -18.15 -6.60 -3.65
C GLN B 17 -17.63 -7.07 -2.30
N LEU B 18 -17.67 -8.38 -2.08
CA LEU B 18 -17.19 -8.97 -0.83
C LEU B 18 -15.69 -8.72 -0.67
N PHE B 19 -15.00 -8.53 -1.80
CA PHE B 19 -13.56 -8.28 -1.78
C PHE B 19 -12.78 -9.51 -1.33
N LEU B 20 -13.04 -9.96 -0.10
CA LEU B 20 -12.34 -11.12 0.46
C LEU B 20 -10.87 -10.79 0.74
N LEU B 21 -10.12 -10.52 -0.32
CA LEU B 21 -8.70 -10.19 -0.19
C LEU B 21 -8.33 -9.03 -1.10
N ILE B 22 -9.07 -7.93 -0.97
CA ILE B 22 -8.82 -6.74 -1.79
C ILE B 22 -8.65 -5.50 -0.92
N PHE B 23 -9.55 -5.35 0.06
CA PHE B 23 -9.51 -4.20 0.96
C PHE B 23 -8.09 -3.97 1.50
N PRO B 24 -7.39 -2.93 0.99
CA PRO B 24 -6.03 -2.61 1.42
C PRO B 24 -6.01 -1.86 2.76
N ARG B 25 -5.15 -2.31 3.67
CA ARG B 25 -5.04 -1.69 4.98
C ARG B 25 -3.76 -2.12 5.70
N GLU B 26 -3.55 -3.44 5.76
CA GLU B 26 -2.38 -3.98 6.42
C GLU B 26 -1.91 -5.26 5.74
N ASP B 27 -2.12 -5.34 4.43
CA ASP B 27 -1.73 -6.52 3.66
C ASP B 27 -1.20 -6.10 2.29
N LEU B 28 -0.10 -6.74 1.87
CA LEU B 28 0.51 -6.44 0.58
C LEU B 28 1.05 -5.02 0.55
N ASP B 29 2.27 -4.84 1.07
CA ASP B 29 2.90 -3.53 1.08
C ASP B 29 4.34 -3.63 1.58
N MET B 30 5.26 -3.87 0.65
CA MET B 30 6.68 -4.01 0.98
C MET B 30 7.19 -2.81 1.78
N ILE B 31 6.82 -1.61 1.33
CA ILE B 31 7.25 -0.37 1.99
C ILE B 31 6.68 -0.26 3.39
N LEU B 32 5.37 -0.47 3.52
CA LEU B 32 4.71 -0.36 4.83
C LEU B 32 5.19 -1.43 5.80
N LYS B 33 5.75 -2.52 5.27
CA LYS B 33 6.22 -3.60 6.13
C LYS B 33 7.70 -3.46 6.47
N MET B 34 8.44 -2.75 5.61
CA MET B 34 9.87 -2.56 5.83
C MET B 34 10.16 -1.24 6.57
N ASP B 35 9.16 -0.36 6.62
CA ASP B 35 9.31 0.93 7.28
C ASP B 35 10.26 1.84 6.52
N SER B 36 11.53 1.45 6.44
CA SER B 36 12.53 2.23 5.73
C SER B 36 12.76 3.57 6.41
N LEU B 37 13.27 3.53 7.63
CA LEU B 37 13.54 4.74 8.39
C LEU B 37 14.73 4.54 9.33
N ARG B 38 15.68 3.72 8.90
CA ARG B 38 16.87 3.43 9.71
C ARG B 38 18.12 4.00 9.05
N ASP B 39 18.18 3.96 7.72
CA ASP B 39 19.33 4.47 6.99
C ASP B 39 19.36 6.01 7.04
N ILE B 40 18.25 6.61 7.46
CA ILE B 40 18.16 8.05 7.57
C ILE B 40 18.70 8.49 8.91
N GLU B 41 18.10 7.95 9.97
CA GLU B 41 18.54 8.25 11.31
C GLU B 41 19.96 7.73 11.51
N ALA B 42 20.37 6.81 10.63
CA ALA B 42 21.71 6.23 10.68
C ALA B 42 22.71 7.13 9.97
N LEU B 43 22.58 7.24 8.65
CA LEU B 43 23.48 8.08 7.88
C LEU B 43 23.60 9.46 8.52
N LEU B 44 22.53 9.89 9.19
CA LEU B 44 22.51 11.19 9.86
C LEU B 44 23.12 11.12 11.25
N THR B 45 22.86 10.03 11.98
CA THR B 45 23.43 9.90 13.32
C THR B 45 24.92 9.60 13.26
N GLY B 46 25.42 9.35 12.05
CA GLY B 46 26.84 9.04 11.88
C GLY B 46 27.59 10.13 11.12
N LEU B 47 26.90 10.79 10.19
CA LEU B 47 27.54 11.85 9.41
C LEU B 47 27.22 13.24 9.96
N PHE B 48 26.32 13.27 10.93
CA PHE B 48 25.89 14.52 11.58
C PHE B 48 25.94 15.70 10.60
N VAL B 49 25.49 15.48 9.37
CA VAL B 49 25.48 16.52 8.35
C VAL B 49 24.28 17.45 8.51
N GLN B 50 24.39 18.65 7.96
CA GLN B 50 23.31 19.63 8.03
C GLN B 50 22.71 19.88 6.65
N ASP B 51 21.81 18.98 6.24
CA ASP B 51 21.16 19.10 4.93
C ASP B 51 20.25 20.33 4.89
N ASN B 52 19.68 20.59 3.72
CA ASN B 52 18.78 21.73 3.55
C ASN B 52 17.34 21.26 3.34
N VAL B 53 16.40 21.98 3.94
CA VAL B 53 14.99 21.65 3.80
C VAL B 53 14.11 22.89 3.87
N ASN B 54 12.85 22.75 3.49
CA ASN B 54 11.91 23.86 3.50
C ASN B 54 10.84 23.66 4.57
N LYS B 55 10.09 24.72 4.86
CA LYS B 55 9.04 24.67 5.86
C LYS B 55 7.68 24.48 5.20
N ASP B 56 7.32 25.41 4.32
CA ASP B 56 6.05 25.36 3.62
C ASP B 56 5.96 24.12 2.72
N ALA B 57 7.01 23.91 1.93
CA ALA B 57 7.05 22.76 1.03
C ALA B 57 7.24 21.46 1.81
N THR A 1 -28.02 -28.82 -8.24
CA THR A 1 -27.92 -27.34 -8.40
C THR A 1 -26.88 -26.98 -9.46
N ARG A 2 -27.16 -25.92 -10.23
CA ARG A 2 -26.26 -25.47 -11.27
C ARG A 2 -26.22 -23.95 -11.34
N ALA A 3 -25.11 -23.41 -11.85
CA ALA A 3 -24.95 -21.96 -11.95
C ALA A 3 -23.68 -21.62 -12.71
N HIS A 4 -23.81 -20.79 -13.75
CA HIS A 4 -22.67 -20.39 -14.56
C HIS A 4 -22.29 -18.94 -14.28
N LEU A 5 -21.45 -18.74 -13.27
CA LEU A 5 -21.01 -17.40 -12.90
C LEU A 5 -19.49 -17.32 -12.81
N THR A 6 -18.81 -18.39 -13.24
CA THR A 6 -17.35 -18.45 -13.21
C THR A 6 -16.72 -17.23 -13.88
N GLU A 7 -17.08 -17.01 -15.14
CA GLU A 7 -16.55 -15.89 -15.90
C GLU A 7 -16.73 -14.57 -15.15
N VAL A 8 -17.90 -14.39 -14.55
CA VAL A 8 -18.19 -13.17 -13.80
C VAL A 8 -17.25 -13.03 -12.60
N GLU A 9 -16.95 -14.15 -11.94
CA GLU A 9 -16.05 -14.12 -10.79
C GLU A 9 -14.69 -13.62 -11.26
N SER A 10 -14.18 -14.25 -12.30
CA SER A 10 -12.91 -13.83 -12.85
C SER A 10 -13.02 -12.39 -13.35
N ARG A 11 -14.26 -11.95 -13.57
CA ARG A 11 -14.54 -10.62 -14.06
C ARG A 11 -14.24 -9.55 -13.03
N LEU A 12 -15.10 -9.43 -12.01
CA LEU A 12 -14.86 -8.41 -11.01
C LEU A 12 -13.53 -8.66 -10.30
N GLU A 13 -13.18 -9.94 -10.21
CA GLU A 13 -11.93 -10.34 -9.60
C GLU A 13 -10.78 -9.76 -10.41
N ARG A 14 -10.94 -9.72 -11.73
CA ARG A 14 -9.91 -9.16 -12.60
C ARG A 14 -10.02 -7.64 -12.68
N LEU A 15 -11.16 -7.11 -12.26
CA LEU A 15 -11.40 -5.67 -12.28
C LEU A 15 -10.85 -5.00 -11.04
N GLU A 16 -10.69 -5.77 -9.98
CA GLU A 16 -10.18 -5.25 -8.72
C GLU A 16 -8.80 -5.81 -8.41
N GLN A 17 -8.43 -6.91 -9.06
CA GLN A 17 -7.14 -7.53 -8.84
C GLN A 17 -6.01 -6.53 -9.04
N LEU A 18 -5.63 -5.84 -7.98
CA LEU A 18 -4.56 -4.84 -8.04
C LEU A 18 -4.92 -3.70 -8.99
N PHE A 19 -6.21 -3.57 -9.31
CA PHE A 19 -6.66 -2.50 -10.20
C PHE A 19 -7.33 -1.39 -9.41
N LEU A 20 -6.58 -0.32 -9.14
CA LEU A 20 -7.11 0.82 -8.40
C LEU A 20 -6.07 1.93 -8.27
N LEU A 21 -5.06 1.69 -7.45
CA LEU A 21 -4.00 2.68 -7.24
C LEU A 21 -2.68 1.99 -6.92
N ILE A 22 -2.73 0.93 -6.12
CA ILE A 22 -1.53 0.18 -5.74
C ILE A 22 -0.66 -0.14 -6.94
N PHE A 23 -1.28 -0.25 -8.11
CA PHE A 23 -0.55 -0.55 -9.34
C PHE A 23 -0.41 0.69 -10.22
N PRO A 24 0.52 1.60 -9.87
CA PRO A 24 0.74 2.83 -10.63
C PRO A 24 1.38 2.56 -11.99
N ARG A 25 2.41 1.72 -12.01
CA ARG A 25 3.10 1.38 -13.25
C ARG A 25 4.11 0.27 -13.02
N GLU A 26 3.62 -0.96 -12.85
CA GLU A 26 4.48 -2.11 -12.63
C GLU A 26 5.17 -2.03 -11.27
N ASP A 27 6.10 -1.09 -11.13
CA ASP A 27 6.83 -0.90 -9.88
C ASP A 27 5.93 -0.33 -8.80
N LEU A 28 6.06 -0.84 -7.58
CA LEU A 28 5.25 -0.37 -6.47
C LEU A 28 6.05 0.58 -5.59
N ASP A 29 5.43 1.73 -5.27
CA ASP A 29 6.09 2.74 -4.45
C ASP A 29 5.14 3.90 -4.16
N MET A 30 4.37 4.28 -5.18
CA MET A 30 3.42 5.39 -5.05
C MET A 30 2.46 5.15 -3.88
N ILE A 31 2.28 3.88 -3.52
CA ILE A 31 1.39 3.52 -2.42
C ILE A 31 1.85 4.13 -1.10
N LEU A 32 3.12 3.92 -0.78
CA LEU A 32 3.69 4.45 0.46
C LEU A 32 4.23 5.86 0.28
N LYS A 33 4.33 6.30 -0.97
CA LYS A 33 4.84 7.64 -1.26
C LYS A 33 3.72 8.68 -1.25
N MET A 34 2.49 8.22 -1.46
CA MET A 34 1.34 9.11 -1.48
C MET A 34 0.38 8.79 -0.34
N ASP A 35 0.14 7.50 -0.13
CA ASP A 35 -0.77 7.05 0.93
C ASP A 35 0.02 6.43 2.09
N SER A 36 0.40 7.28 3.04
CA SER A 36 1.17 6.82 4.20
C SER A 36 1.03 7.80 5.36
N LEU A 37 1.20 7.29 6.58
CA LEU A 37 1.09 8.12 7.78
C LEU A 37 2.45 8.69 8.18
N ARG A 38 3.43 8.61 7.27
CA ARG A 38 4.76 9.12 7.54
C ARG A 38 5.39 8.43 8.75
N ASP A 39 4.98 7.19 9.01
CA ASP A 39 5.51 6.43 10.15
C ASP A 39 6.94 5.97 9.87
N ILE A 40 7.36 6.05 8.61
CA ILE A 40 8.70 5.65 8.22
C ILE A 40 9.60 6.87 8.23
N GLU A 41 9.15 7.93 7.59
CA GLU A 41 9.89 9.18 7.57
C GLU A 41 9.97 9.71 8.99
N ALA A 42 9.05 9.26 9.84
CA ALA A 42 9.00 9.66 11.23
C ALA A 42 9.89 8.75 12.07
N LEU A 43 9.69 7.44 11.92
CA LEU A 43 10.51 6.47 12.65
C LEU A 43 11.99 6.78 12.41
N LEU A 44 12.27 7.38 11.26
CA LEU A 44 13.63 7.75 10.90
C LEU A 44 13.92 9.16 11.37
N THR A 45 12.93 10.04 11.29
CA THR A 45 13.10 11.42 11.72
C THR A 45 13.38 11.48 13.22
N GLY A 46 13.14 10.39 13.93
CA GLY A 46 13.37 10.36 15.36
C GLY A 46 14.34 9.28 15.80
N LEU A 47 14.39 8.18 15.04
CA LEU A 47 15.29 7.08 15.39
C LEU A 47 16.55 7.09 14.54
N PHE A 48 16.69 8.10 13.70
CA PHE A 48 17.85 8.24 12.81
C PHE A 48 19.16 7.89 13.54
N VAL A 49 19.98 7.08 12.89
CA VAL A 49 21.27 6.66 13.43
C VAL A 49 21.13 6.09 14.85
N GLN A 50 22.20 5.46 15.34
CA GLN A 50 22.19 4.87 16.67
C GLN A 50 23.63 4.69 17.18
N ASP A 51 23.91 5.25 18.34
CA ASP A 51 25.24 5.16 18.93
C ASP A 51 25.18 4.54 20.32
N ASN A 52 26.23 3.80 20.69
CA ASN A 52 26.30 3.15 21.99
C ASN A 52 25.13 2.17 22.18
N VAL A 53 25.29 1.25 23.11
CA VAL A 53 24.25 0.26 23.39
C VAL A 53 23.99 -0.61 22.17
N ASN A 54 23.52 -1.83 22.41
CA ASN A 54 23.22 -2.77 21.34
C ASN A 54 21.84 -3.37 21.52
N LYS A 55 21.47 -4.27 20.60
CA LYS A 55 20.17 -4.92 20.67
C LYS A 55 20.29 -6.40 20.28
N ASP A 56 19.49 -7.25 20.94
CA ASP A 56 19.50 -8.67 20.67
C ASP A 56 20.89 -9.27 20.96
N ALA A 57 20.94 -10.60 21.08
CA ALA A 57 22.19 -11.28 21.36
C ALA A 57 22.14 -12.73 20.88
N THR B 1 -33.76 -10.39 -18.31
CA THR B 1 -34.05 -10.22 -19.75
C THR B 1 -32.76 -10.25 -20.58
N ARG B 2 -31.89 -9.27 -20.34
CA ARG B 2 -30.63 -9.19 -21.05
C ARG B 2 -29.55 -10.04 -20.38
N ALA B 3 -29.30 -9.75 -19.10
CA ALA B 3 -28.31 -10.49 -18.33
C ALA B 3 -28.34 -10.08 -16.86
N HIS B 4 -28.46 -11.07 -15.98
CA HIS B 4 -28.50 -10.82 -14.55
C HIS B 4 -27.20 -11.25 -13.88
N LEU B 5 -26.23 -10.33 -13.85
CA LEU B 5 -24.94 -10.61 -13.24
C LEU B 5 -24.55 -9.51 -12.24
N THR B 6 -25.49 -8.62 -11.95
CA THR B 6 -25.25 -7.52 -11.01
C THR B 6 -24.71 -8.03 -9.68
N GLU B 7 -25.45 -8.93 -9.06
CA GLU B 7 -25.05 -9.50 -7.77
C GLU B 7 -23.64 -10.05 -7.83
N VAL B 8 -23.31 -10.74 -8.91
CA VAL B 8 -21.99 -11.33 -9.07
C VAL B 8 -20.92 -10.25 -9.12
N GLU B 9 -21.23 -9.13 -9.78
CA GLU B 9 -20.28 -8.02 -9.87
C GLU B 9 -19.98 -7.51 -8.48
N SER B 10 -21.03 -7.23 -7.74
CA SER B 10 -20.88 -6.77 -6.37
C SER B 10 -20.19 -7.87 -5.55
N ARG B 11 -20.26 -9.10 -6.06
CA ARG B 11 -19.67 -10.25 -5.41
C ARG B 11 -18.15 -10.21 -5.42
N LEU B 12 -17.54 -10.47 -6.58
CA LEU B 12 -16.09 -10.46 -6.62
C LEU B 12 -15.56 -9.07 -6.27
N GLU B 13 -16.35 -8.07 -6.61
CA GLU B 13 -16.01 -6.69 -6.31
C GLU B 13 -15.93 -6.52 -4.79
N ARG B 14 -16.81 -7.21 -4.06
CA ARG B 14 -16.82 -7.14 -2.61
C ARG B 14 -15.79 -8.11 -2.02
N LEU B 15 -15.33 -9.05 -2.85
CA LEU B 15 -14.34 -10.04 -2.39
C LEU B 15 -12.92 -9.51 -2.53
N GLU B 16 -12.75 -8.53 -3.38
CA GLU B 16 -11.43 -7.93 -3.60
C GLU B 16 -11.38 -6.49 -3.09
N GLN B 17 -12.55 -5.89 -2.89
CA GLN B 17 -12.62 -4.51 -2.41
C GLN B 17 -11.84 -4.35 -1.11
N LEU B 18 -10.56 -4.03 -1.24
CA LEU B 18 -9.69 -3.85 -0.08
C LEU B 18 -9.55 -5.13 0.73
N PHE B 19 -9.91 -6.27 0.12
CA PHE B 19 -9.82 -7.55 0.80
C PHE B 19 -8.60 -8.34 0.32
N LEU B 20 -7.52 -8.27 1.08
CA LEU B 20 -6.30 -8.99 0.73
C LEU B 20 -5.24 -8.81 1.81
N LEU B 21 -4.65 -7.63 1.88
CA LEU B 21 -3.62 -7.33 2.86
C LEU B 21 -3.66 -5.86 3.28
N ILE B 22 -3.91 -4.97 2.31
CA ILE B 22 -3.98 -3.54 2.57
C ILE B 22 -4.86 -3.23 3.78
N PHE B 23 -5.83 -4.11 4.05
CA PHE B 23 -6.74 -3.91 5.17
C PHE B 23 -6.41 -4.87 6.31
N PRO B 24 -5.34 -4.57 7.09
CA PRO B 24 -4.93 -5.41 8.22
C PRO B 24 -5.92 -5.37 9.36
N ARG B 25 -6.35 -4.16 9.74
CA ARG B 25 -7.30 -3.99 10.83
C ARG B 25 -7.78 -2.54 10.91
N GLU B 26 -8.63 -2.14 9.98
CA GLU B 26 -9.16 -0.78 9.95
C GLU B 26 -8.05 0.23 9.62
N ASP B 27 -7.11 0.40 10.53
CA ASP B 27 -6.02 1.33 10.34
C ASP B 27 -5.04 0.82 9.28
N LEU B 28 -4.58 1.72 8.43
CA LEU B 28 -3.64 1.36 7.36
C LEU B 28 -2.23 1.74 7.75
N ASP B 29 -1.30 0.79 7.61
CA ASP B 29 0.10 1.03 7.94
C ASP B 29 0.95 -0.19 7.61
N MET B 30 0.41 -1.37 7.86
CA MET B 30 1.13 -2.62 7.60
C MET B 30 1.56 -2.70 6.14
N ILE B 31 0.86 -1.96 5.27
CA ILE B 31 1.18 -1.95 3.85
C ILE B 31 2.58 -1.41 3.59
N LEU B 32 2.88 -0.25 4.16
CA LEU B 32 4.19 0.38 3.99
C LEU B 32 5.18 -0.10 5.04
N LYS B 33 4.68 -0.80 6.06
CA LYS B 33 5.54 -1.30 7.13
C LYS B 33 6.09 -2.68 6.80
N MET B 34 5.40 -3.40 5.91
CA MET B 34 5.83 -4.73 5.51
C MET B 34 6.18 -4.76 4.02
N ASP B 35 5.35 -4.13 3.20
CA ASP B 35 5.58 -4.08 1.77
C ASP B 35 6.05 -2.71 1.33
N SER B 36 7.36 -2.50 1.34
CA SER B 36 7.94 -1.23 0.94
C SER B 36 9.40 -1.40 0.52
N LEU B 37 9.88 -0.48 -0.30
CA LEU B 37 11.26 -0.53 -0.78
C LEU B 37 12.18 0.30 0.12
N ARG B 38 11.69 0.67 1.29
CA ARG B 38 12.48 1.46 2.24
C ARG B 38 12.91 2.79 1.63
N ASP B 39 12.11 3.30 0.69
CA ASP B 39 12.42 4.56 0.04
C ASP B 39 12.16 5.74 0.99
N ILE B 40 11.45 5.47 2.08
CA ILE B 40 11.14 6.49 3.06
C ILE B 40 12.19 6.47 4.15
N GLU B 41 12.44 5.28 4.68
CA GLU B 41 13.46 5.10 5.69
C GLU B 41 14.82 5.45 5.09
N ALA B 42 14.88 5.39 3.76
CA ALA B 42 16.09 5.71 3.02
C ALA B 42 16.16 7.19 2.75
N LEU B 43 15.09 7.74 2.16
CA LEU B 43 15.02 9.16 1.87
C LEU B 43 15.34 9.95 3.14
N LEU B 44 15.06 9.35 4.28
CA LEU B 44 15.32 9.97 5.57
C LEU B 44 16.71 9.58 6.06
N THR B 45 17.11 8.34 5.79
CA THR B 45 18.43 7.87 6.20
C THR B 45 19.54 8.64 5.49
N GLY B 46 19.16 9.39 4.44
CA GLY B 46 20.15 10.16 3.69
C GLY B 46 19.84 11.63 3.63
N LEU B 47 18.55 11.99 3.70
CA LEU B 47 18.15 13.39 3.64
C LEU B 47 17.81 13.94 5.03
N PHE B 48 18.00 13.12 6.05
CA PHE B 48 17.71 13.51 7.43
C PHE B 48 18.19 14.94 7.72
N VAL B 49 17.31 15.72 8.34
CA VAL B 49 17.60 17.10 8.70
C VAL B 49 18.11 17.91 7.50
N GLN B 50 18.18 19.22 7.67
CA GLN B 50 18.65 20.11 6.60
C GLN B 50 19.11 21.44 7.17
N ASP B 51 20.35 21.81 6.88
CA ASP B 51 20.91 23.07 7.36
C ASP B 51 21.38 23.94 6.21
N ASN B 52 21.29 25.26 6.40
CA ASN B 52 21.70 26.21 5.37
C ASN B 52 20.92 26.00 4.08
N VAL B 53 20.90 27.02 3.23
CA VAL B 53 20.19 26.95 1.96
C VAL B 53 18.70 26.74 2.18
N ASN B 54 17.89 27.19 1.22
CA ASN B 54 16.45 27.05 1.31
C ASN B 54 15.87 26.48 0.02
N LYS B 55 14.55 26.34 -0.03
CA LYS B 55 13.88 25.80 -1.21
C LYS B 55 12.59 26.55 -1.49
N ASP B 56 12.27 26.73 -2.77
CA ASP B 56 11.06 27.43 -3.17
C ASP B 56 11.08 28.87 -2.67
N ALA B 57 10.21 29.70 -3.25
CA ALA B 57 10.13 31.10 -2.86
C ALA B 57 8.75 31.67 -3.18
N THR A 1 -33.49 -23.82 -11.15
CA THR A 1 -32.23 -23.41 -10.47
C THR A 1 -31.01 -23.67 -11.35
N ARG A 2 -30.11 -22.70 -11.40
CA ARG A 2 -28.91 -22.83 -12.20
C ARG A 2 -27.66 -22.47 -11.38
N ALA A 3 -26.52 -22.35 -12.05
CA ALA A 3 -25.28 -22.01 -11.39
C ALA A 3 -25.35 -20.64 -10.73
N HIS A 4 -26.26 -19.80 -11.21
CA HIS A 4 -26.43 -18.45 -10.68
C HIS A 4 -25.17 -17.61 -10.89
N LEU A 5 -24.18 -17.82 -10.02
CA LEU A 5 -22.93 -17.07 -10.12
C LEU A 5 -21.89 -17.86 -10.91
N THR A 6 -21.44 -18.97 -10.32
CA THR A 6 -20.43 -19.87 -10.93
C THR A 6 -19.58 -19.19 -11.99
N GLU A 7 -20.07 -19.17 -13.23
CA GLU A 7 -19.34 -18.57 -14.34
C GLU A 7 -19.07 -17.08 -14.08
N VAL A 8 -20.12 -16.28 -14.10
CA VAL A 8 -19.98 -14.85 -13.88
C VAL A 8 -19.30 -14.54 -12.55
N GLU A 9 -19.33 -15.48 -11.61
CA GLU A 9 -18.67 -15.28 -10.35
C GLU A 9 -17.17 -15.31 -10.58
N SER A 10 -16.74 -16.30 -11.34
CA SER A 10 -15.34 -16.41 -11.70
C SER A 10 -14.97 -15.27 -12.63
N ARG A 11 -15.99 -14.64 -13.21
CA ARG A 11 -15.80 -13.54 -14.13
C ARG A 11 -15.39 -12.27 -13.40
N LEU A 12 -16.34 -11.63 -12.72
CA LEU A 12 -16.00 -10.40 -12.02
C LEU A 12 -14.95 -10.68 -10.96
N GLU A 13 -14.95 -11.90 -10.44
CA GLU A 13 -13.94 -12.29 -9.47
C GLU A 13 -12.58 -12.32 -10.16
N ARG A 14 -12.57 -12.77 -11.42
CA ARG A 14 -11.34 -12.81 -12.20
C ARG A 14 -10.88 -11.38 -12.46
N LEU A 15 -11.84 -10.46 -12.51
CA LEU A 15 -11.54 -9.06 -12.74
C LEU A 15 -10.96 -8.45 -11.47
N GLU A 16 -11.35 -9.03 -10.35
CA GLU A 16 -10.88 -8.59 -9.04
C GLU A 16 -9.47 -9.10 -8.78
N GLN A 17 -9.15 -10.26 -9.35
CA GLN A 17 -7.84 -10.86 -9.19
C GLN A 17 -6.78 -10.05 -9.93
N LEU A 18 -7.18 -9.41 -11.02
CA LEU A 18 -6.27 -8.59 -11.82
C LEU A 18 -6.26 -7.15 -11.33
N PHE A 19 -7.19 -6.81 -10.45
CA PHE A 19 -7.28 -5.45 -9.91
C PHE A 19 -7.58 -4.45 -11.01
N LEU A 20 -8.38 -3.44 -10.68
CA LEU A 20 -8.75 -2.41 -11.64
C LEU A 20 -7.81 -1.21 -11.55
N LEU A 21 -7.81 -0.54 -10.40
CA LEU A 21 -6.96 0.61 -10.18
C LEU A 21 -6.52 0.70 -8.72
N ILE A 22 -6.34 -0.47 -8.10
CA ILE A 22 -5.91 -0.53 -6.70
C ILE A 22 -4.40 -0.54 -6.59
N PHE A 23 -3.77 -1.54 -7.20
CA PHE A 23 -2.32 -1.68 -7.16
C PHE A 23 -1.67 -0.88 -8.28
N PRO A 24 -0.93 0.20 -7.96
CA PRO A 24 -0.26 1.03 -8.95
C PRO A 24 0.74 0.24 -9.80
N ARG A 25 1.66 0.96 -10.43
CA ARG A 25 2.67 0.33 -11.27
C ARG A 25 4.04 0.94 -10.98
N GLU A 26 5.11 0.24 -11.37
CA GLU A 26 6.46 0.73 -11.14
C GLU A 26 6.71 1.00 -9.66
N ASP A 27 7.69 1.84 -9.36
CA ASP A 27 8.03 2.17 -7.97
C ASP A 27 7.04 3.18 -7.39
N LEU A 28 6.62 4.15 -8.20
CA LEU A 28 5.68 5.18 -7.75
C LEU A 28 4.51 4.56 -7.00
N ASP A 29 4.40 4.86 -5.71
CA ASP A 29 3.34 4.31 -4.88
C ASP A 29 2.62 5.39 -4.07
N MET A 30 1.40 5.73 -4.50
CA MET A 30 0.60 6.74 -3.82
C MET A 30 0.14 6.28 -2.45
N ILE A 31 -0.22 5.00 -2.34
CA ILE A 31 -0.70 4.44 -1.08
C ILE A 31 0.37 4.51 0.01
N LEU A 32 1.59 4.10 -0.34
CA LEU A 32 2.70 4.10 0.63
C LEU A 32 3.29 5.49 0.82
N LYS A 33 3.16 6.36 -0.18
CA LYS A 33 3.70 7.71 -0.09
C LYS A 33 2.75 8.67 0.63
N MET A 34 1.47 8.29 0.72
CA MET A 34 0.47 9.13 1.36
C MET A 34 0.04 8.56 2.72
N ASP A 35 0.20 7.25 2.89
CA ASP A 35 -0.19 6.60 4.13
C ASP A 35 0.53 7.21 5.33
N SER A 36 1.81 6.88 5.48
CA SER A 36 2.61 7.40 6.58
C SER A 36 4.07 6.99 6.44
N LEU A 37 4.95 7.97 6.52
CA LEU A 37 6.39 7.72 6.41
C LEU A 37 7.18 8.86 7.04
N ARG A 38 6.59 9.50 8.04
CA ARG A 38 7.23 10.61 8.73
C ARG A 38 7.90 10.15 10.02
N ASP A 39 7.55 8.95 10.49
CA ASP A 39 8.14 8.42 11.71
C ASP A 39 9.61 8.03 11.50
N ILE A 40 10.03 8.01 10.24
CA ILE A 40 11.41 7.69 9.90
C ILE A 40 12.26 8.95 9.96
N GLU A 41 11.85 9.93 9.17
CA GLU A 41 12.54 11.21 9.15
C GLU A 41 12.42 11.87 10.53
N ALA A 42 11.44 11.40 11.30
CA ALA A 42 11.19 11.91 12.65
C ALA A 42 12.10 11.22 13.65
N LEU A 43 11.87 9.93 13.88
CA LEU A 43 12.70 9.18 14.80
C LEU A 43 14.18 9.45 14.53
N LEU A 44 14.49 9.76 13.27
CA LEU A 44 15.86 10.05 12.86
C LEU A 44 16.21 11.50 13.15
N THR A 45 15.26 12.42 12.91
CA THR A 45 15.52 13.83 13.18
C THR A 45 15.61 14.09 14.69
N GLY A 46 15.25 13.08 15.48
CA GLY A 46 15.30 13.20 16.93
C GLY A 46 16.43 12.40 17.54
N LEU A 47 16.74 11.27 16.93
CA LEU A 47 17.83 10.41 17.42
C LEU A 47 19.15 10.82 16.81
N PHE A 48 19.09 11.72 15.84
CA PHE A 48 20.29 12.20 15.16
C PHE A 48 20.93 11.06 14.37
N VAL A 49 22.24 11.13 14.17
CA VAL A 49 22.96 10.11 13.41
C VAL A 49 24.35 9.89 13.98
N GLN A 50 24.60 8.69 14.47
CA GLN A 50 25.90 8.34 15.05
C GLN A 50 26.23 6.87 14.81
N ASP A 51 27.47 6.60 14.41
CA ASP A 51 27.92 5.23 14.17
C ASP A 51 26.88 4.44 13.38
N ASN A 52 27.01 4.45 12.05
CA ASN A 52 26.08 3.73 11.18
C ASN A 52 26.82 3.03 10.06
N VAL A 53 26.99 1.71 10.20
CA VAL A 53 27.68 0.92 9.20
C VAL A 53 26.82 -0.26 8.75
N ASN A 54 26.22 -0.95 9.70
CA ASN A 54 25.37 -2.09 9.40
C ASN A 54 24.32 -2.30 10.50
N LYS A 55 24.76 -2.24 11.75
CA LYS A 55 23.85 -2.43 12.89
C LYS A 55 23.27 -3.83 12.89
N ASP A 56 23.36 -4.50 14.04
CA ASP A 56 22.84 -5.86 14.16
C ASP A 56 23.51 -6.81 13.18
N ALA A 57 24.56 -7.47 13.64
CA ALA A 57 25.29 -8.42 12.80
C ALA A 57 24.76 -9.83 12.96
N THR B 1 -29.12 -12.03 -25.96
CA THR B 1 -29.33 -13.13 -24.97
C THR B 1 -29.62 -12.56 -23.58
N ARG B 2 -29.54 -13.42 -22.58
CA ARG B 2 -29.79 -13.01 -21.19
C ARG B 2 -28.76 -11.97 -20.74
N ALA B 3 -28.93 -11.49 -19.51
CA ALA B 3 -28.03 -10.50 -18.95
C ALA B 3 -26.60 -11.04 -18.85
N HIS B 4 -26.49 -12.36 -18.81
CA HIS B 4 -25.18 -13.02 -18.71
C HIS B 4 -24.50 -12.66 -17.39
N LEU B 5 -23.89 -11.49 -17.34
CA LEU B 5 -23.20 -11.04 -16.15
C LEU B 5 -24.11 -10.17 -15.28
N THR B 6 -24.43 -8.98 -15.81
CA THR B 6 -25.31 -8.01 -15.12
C THR B 6 -25.38 -8.21 -13.61
N GLU B 7 -26.28 -9.08 -13.16
CA GLU B 7 -26.45 -9.34 -11.73
C GLU B 7 -25.16 -9.87 -11.10
N VAL B 8 -24.78 -11.08 -11.49
CA VAL B 8 -23.58 -11.70 -10.94
C VAL B 8 -22.35 -10.83 -11.18
N GLU B 9 -22.41 -9.95 -12.16
CA GLU B 9 -21.29 -9.06 -12.43
C GLU B 9 -21.21 -8.06 -11.29
N SER B 10 -22.35 -7.51 -10.93
CA SER B 10 -22.42 -6.58 -9.82
C SER B 10 -22.15 -7.34 -8.53
N ARG B 11 -22.28 -8.66 -8.60
CA ARG B 11 -22.05 -9.52 -7.44
C ARG B 11 -20.58 -9.62 -7.11
N LEU B 12 -19.84 -10.39 -7.89
CA LEU B 12 -18.42 -10.55 -7.61
C LEU B 12 -17.71 -9.20 -7.67
N GLU B 13 -18.25 -8.31 -8.49
CA GLU B 13 -17.71 -6.97 -8.58
C GLU B 13 -17.94 -6.26 -7.26
N ARG B 14 -19.11 -6.51 -6.66
CA ARG B 14 -19.44 -5.91 -5.36
C ARG B 14 -18.51 -6.49 -4.30
N LEU B 15 -18.04 -7.72 -4.54
CA LEU B 15 -17.13 -8.38 -3.63
C LEU B 15 -15.73 -7.78 -3.77
N GLU B 16 -15.47 -7.27 -4.96
CA GLU B 16 -14.20 -6.65 -5.28
C GLU B 16 -14.14 -5.24 -4.71
N GLN B 17 -15.31 -4.61 -4.62
CA GLN B 17 -15.40 -3.25 -4.08
C GLN B 17 -15.11 -3.24 -2.59
N LEU B 18 -15.46 -4.34 -1.91
CA LEU B 18 -15.24 -4.46 -0.48
C LEU B 18 -13.86 -5.05 -0.17
N PHE B 19 -13.19 -5.56 -1.21
CA PHE B 19 -11.87 -6.16 -1.05
C PHE B 19 -11.94 -7.39 -0.15
N LEU B 20 -11.13 -8.40 -0.48
CA LEU B 20 -11.10 -9.64 0.29
C LEU B 20 -10.01 -9.58 1.35
N LEU B 21 -8.76 -9.49 0.91
CA LEU B 21 -7.63 -9.44 1.82
C LEU B 21 -6.51 -8.56 1.24
N ILE B 22 -6.89 -7.53 0.50
CA ILE B 22 -5.93 -6.62 -0.10
C ILE B 22 -5.60 -5.47 0.83
N PHE B 23 -6.61 -4.71 1.22
CA PHE B 23 -6.42 -3.57 2.11
C PHE B 23 -6.49 -4.00 3.58
N PRO B 24 -5.36 -3.94 4.30
CA PRO B 24 -5.30 -4.33 5.71
C PRO B 24 -6.24 -3.52 6.58
N ARG B 25 -5.99 -3.51 7.89
CA ARG B 25 -6.84 -2.77 8.82
C ARG B 25 -6.00 -1.98 9.81
N GLU B 26 -6.65 -1.03 10.49
CA GLU B 26 -5.97 -0.18 11.46
C GLU B 26 -5.23 -1.02 12.50
N ASP B 27 -3.93 -1.20 12.27
CA ASP B 27 -3.09 -1.98 13.17
C ASP B 27 -1.66 -2.05 12.64
N LEU B 28 -1.55 -2.17 11.33
CA LEU B 28 -0.25 -2.23 10.66
C LEU B 28 -0.43 -2.39 9.15
N ASP B 29 0.51 -1.84 8.39
CA ASP B 29 0.44 -1.92 6.93
C ASP B 29 1.63 -2.70 6.39
N MET B 30 1.37 -3.94 5.97
CA MET B 30 2.40 -4.81 5.43
C MET B 30 2.91 -4.32 4.08
N ILE B 31 2.00 -3.82 3.26
CA ILE B 31 2.35 -3.34 1.93
C ILE B 31 3.32 -2.15 2.00
N LEU B 32 3.01 -1.20 2.86
CA LEU B 32 3.86 0.00 3.00
C LEU B 32 5.10 -0.27 3.85
N LYS B 33 5.02 -1.26 4.73
CA LYS B 33 6.16 -1.58 5.59
C LYS B 33 7.16 -2.51 4.90
N MET B 34 6.71 -3.18 3.85
CA MET B 34 7.58 -4.11 3.12
C MET B 34 7.99 -3.55 1.75
N ASP B 35 7.20 -2.64 1.23
CA ASP B 35 7.48 -2.05 -0.08
C ASP B 35 8.86 -1.37 -0.09
N SER B 36 8.94 -0.21 0.55
CA SER B 36 10.20 0.53 0.61
C SER B 36 10.08 1.76 1.49
N LEU B 37 11.00 1.88 2.45
CA LEU B 37 11.00 3.01 3.37
C LEU B 37 12.39 3.21 3.97
N ARG B 38 13.41 2.82 3.22
CA ARG B 38 14.79 2.95 3.68
C ARG B 38 15.44 4.21 3.14
N ASP B 39 14.82 4.82 2.12
CA ASP B 39 15.36 6.04 1.54
C ASP B 39 15.21 7.23 2.50
N ILE B 40 14.43 7.03 3.55
CA ILE B 40 14.21 8.08 4.55
C ILE B 40 15.30 8.00 5.60
N GLU B 41 15.42 6.84 6.22
CA GLU B 41 16.45 6.62 7.21
C GLU B 41 17.82 6.72 6.55
N ALA B 42 17.82 6.59 5.21
CA ALA B 42 19.05 6.67 4.43
C ALA B 42 19.38 8.13 4.14
N LEU B 43 18.57 8.77 3.32
CA LEU B 43 18.80 10.18 2.98
C LEU B 43 19.07 10.99 4.26
N LEU B 44 18.50 10.51 5.37
CA LEU B 44 18.69 11.17 6.65
C LEU B 44 20.00 10.73 7.30
N THR B 45 20.32 9.45 7.20
CA THR B 45 21.57 8.95 7.78
C THR B 45 22.78 9.48 7.01
N GLY B 46 22.52 10.12 5.86
CA GLY B 46 23.58 10.67 5.06
C GLY B 46 23.62 12.18 5.11
N LEU B 47 22.44 12.79 5.22
CA LEU B 47 22.36 14.25 5.30
C LEU B 47 22.48 14.73 6.73
N PHE B 48 22.47 13.79 7.66
CA PHE B 48 22.58 14.12 9.07
C PHE B 48 21.33 14.88 9.53
N VAL B 49 21.49 15.70 10.56
CA VAL B 49 20.37 16.49 11.09
C VAL B 49 20.85 17.85 11.59
N GLN B 50 20.35 18.91 10.95
CA GLN B 50 20.72 20.26 11.33
C GLN B 50 19.57 21.23 11.08
N ASP B 51 19.32 22.11 12.05
CA ASP B 51 18.25 23.10 11.95
C ASP B 51 16.96 22.47 11.41
N ASN B 52 16.11 22.02 12.33
CA ASN B 52 14.85 21.40 11.95
C ASN B 52 13.71 21.87 12.85
N VAL B 53 12.89 22.78 12.34
CA VAL B 53 11.77 23.31 13.10
C VAL B 53 10.47 23.16 12.32
N ASN B 54 10.50 23.50 11.04
CA ASN B 54 9.33 23.41 10.19
C ASN B 54 9.72 23.21 8.72
N LYS B 55 10.67 24.01 8.26
CA LYS B 55 11.15 23.93 6.89
C LYS B 55 10.03 24.28 5.91
N ASP B 56 10.33 25.20 4.99
CA ASP B 56 9.35 25.63 4.00
C ASP B 56 8.12 26.25 4.67
N ALA B 57 8.14 27.57 4.81
CA ALA B 57 7.03 28.28 5.44
C ALA B 57 6.02 28.75 4.40
N THR A 1 -30.11 -23.29 -12.94
CA THR A 1 -28.66 -23.58 -13.07
C THR A 1 -28.07 -24.05 -11.74
N ARG A 2 -26.87 -24.62 -11.80
CA ARG A 2 -26.19 -25.10 -10.59
C ARG A 2 -24.94 -24.29 -10.31
N ALA A 3 -24.10 -24.11 -11.33
CA ALA A 3 -22.86 -23.35 -11.18
C ALA A 3 -23.15 -21.86 -11.06
N HIS A 4 -23.78 -21.30 -12.09
CA HIS A 4 -24.11 -19.88 -12.11
C HIS A 4 -22.85 -19.01 -12.12
N LEU A 5 -22.19 -18.97 -13.27
CA LEU A 5 -20.98 -18.18 -13.43
C LEU A 5 -20.88 -17.62 -14.86
N THR A 6 -20.14 -18.33 -15.71
CA THR A 6 -19.96 -17.93 -17.11
C THR A 6 -19.85 -16.40 -17.28
N GLU A 7 -20.44 -15.89 -18.37
CA GLU A 7 -20.41 -14.46 -18.69
C GLU A 7 -20.41 -13.60 -17.43
N VAL A 8 -21.49 -13.67 -16.66
CA VAL A 8 -21.61 -12.86 -15.44
C VAL A 8 -20.37 -13.01 -14.55
N GLU A 9 -19.80 -14.21 -14.50
CA GLU A 9 -18.62 -14.44 -13.68
C GLU A 9 -17.49 -13.56 -14.21
N SER A 10 -17.30 -13.60 -15.52
CA SER A 10 -16.28 -12.76 -16.13
C SER A 10 -16.67 -11.29 -15.99
N ARG A 11 -17.93 -11.06 -15.64
CA ARG A 11 -18.47 -9.72 -15.47
C ARG A 11 -17.95 -9.08 -14.20
N LEU A 12 -18.42 -9.55 -13.05
CA LEU A 12 -17.96 -8.96 -11.80
C LEU A 12 -16.48 -9.21 -11.63
N GLU A 13 -16.00 -10.30 -12.22
CA GLU A 13 -14.60 -10.64 -12.17
C GLU A 13 -13.80 -9.63 -12.99
N ARG A 14 -14.40 -9.12 -14.07
CA ARG A 14 -13.74 -8.13 -14.90
C ARG A 14 -13.89 -6.75 -14.27
N LEU A 15 -14.88 -6.61 -13.38
CA LEU A 15 -15.13 -5.35 -12.69
C LEU A 15 -14.20 -5.21 -11.49
N GLU A 16 -13.75 -6.35 -10.99
CA GLU A 16 -12.84 -6.38 -9.85
C GLU A 16 -11.39 -6.42 -10.32
N GLN A 17 -11.00 -7.51 -10.98
CA GLN A 17 -9.65 -7.65 -11.48
C GLN A 17 -9.37 -6.59 -12.54
N LEU A 18 -8.21 -5.94 -12.44
CA LEU A 18 -7.83 -4.89 -13.39
C LEU A 18 -8.44 -3.55 -12.99
N PHE A 19 -9.73 -3.57 -12.66
CA PHE A 19 -10.43 -2.35 -12.26
C PHE A 19 -10.61 -2.30 -10.75
N LEU A 20 -9.61 -1.75 -10.05
CA LEU A 20 -9.65 -1.64 -8.61
C LEU A 20 -8.72 -0.53 -8.13
N LEU A 21 -8.94 -0.08 -6.89
CA LEU A 21 -8.11 0.98 -6.31
C LEU A 21 -6.65 0.56 -6.23
N ILE A 22 -6.40 -0.75 -6.28
CA ILE A 22 -5.04 -1.26 -6.20
C ILE A 22 -4.70 -2.16 -7.39
N PHE A 23 -5.36 -1.91 -8.52
CA PHE A 23 -5.11 -2.69 -9.73
C PHE A 23 -3.64 -2.62 -10.15
N PRO A 24 -3.05 -3.78 -10.54
CA PRO A 24 -1.66 -3.83 -10.96
C PRO A 24 -1.45 -3.31 -12.38
N ARG A 25 -0.73 -2.21 -12.50
CA ARG A 25 -0.47 -1.60 -13.81
C ARG A 25 0.60 -0.51 -13.70
N GLU A 26 0.27 0.56 -12.98
CA GLU A 26 1.20 1.67 -12.80
C GLU A 26 1.51 1.90 -11.32
N ASP A 27 0.53 2.40 -10.58
CA ASP A 27 0.69 2.66 -9.16
C ASP A 27 1.80 3.69 -8.92
N LEU A 28 1.72 4.39 -7.80
CA LEU A 28 2.71 5.40 -7.47
C LEU A 28 2.88 5.54 -5.95
N ASP A 29 2.60 4.45 -5.24
CA ASP A 29 2.72 4.45 -3.79
C ASP A 29 1.76 5.45 -3.15
N MET A 30 0.46 5.15 -3.23
CA MET A 30 -0.56 6.03 -2.66
C MET A 30 -0.43 6.10 -1.15
N ILE A 31 -0.33 4.93 -0.51
CA ILE A 31 -0.19 4.87 0.94
C ILE A 31 1.22 5.22 1.36
N LEU A 32 2.20 4.72 0.62
CA LEU A 32 3.61 4.99 0.92
C LEU A 32 3.89 6.49 0.87
N LYS A 33 3.14 7.20 0.03
CA LYS A 33 3.30 8.64 -0.10
C LYS A 33 2.40 9.37 0.88
N MET A 34 1.27 8.74 1.22
CA MET A 34 0.33 9.33 2.15
C MET A 34 0.89 9.33 3.58
N ASP A 35 1.84 8.42 3.83
CA ASP A 35 2.46 8.32 5.14
C ASP A 35 3.70 9.22 5.21
N SER A 36 3.52 10.42 5.76
CA SER A 36 4.62 11.38 5.89
C SER A 36 5.81 10.76 6.60
N LEU A 37 6.89 10.52 5.87
CA LEU A 37 8.09 9.94 6.44
C LEU A 37 9.35 10.60 5.87
N ARG A 38 9.20 11.86 5.46
CA ARG A 38 10.32 12.61 4.90
C ARG A 38 10.84 13.63 5.91
N ASP A 39 10.00 14.01 6.87
CA ASP A 39 10.39 14.97 7.89
C ASP A 39 11.36 14.34 8.89
N ILE A 40 11.58 13.04 8.77
CA ILE A 40 12.49 12.33 9.65
C ILE A 40 13.88 12.31 9.03
N GLU A 41 13.93 11.83 7.78
CA GLU A 41 15.18 11.80 7.04
C GLU A 41 15.64 13.22 6.76
N ALA A 42 14.68 14.16 6.82
CA ALA A 42 14.97 15.56 6.57
C ALA A 42 15.38 16.24 7.87
N LEU A 43 14.51 16.17 8.88
CA LEU A 43 14.81 16.77 10.17
C LEU A 43 16.13 16.24 10.70
N LEU A 44 16.51 15.05 10.22
CA LEU A 44 17.77 14.43 10.63
C LEU A 44 18.88 14.81 9.66
N THR A 45 18.56 14.85 8.37
CA THR A 45 19.57 15.20 7.37
C THR A 45 20.00 16.66 7.52
N GLY A 46 19.26 17.44 8.29
CA GLY A 46 19.60 18.85 8.48
C GLY A 46 19.81 19.22 9.94
N LEU A 47 18.95 18.70 10.81
CA LEU A 47 19.05 19.02 12.25
C LEU A 47 19.47 17.82 13.07
N PHE A 48 19.68 16.69 12.41
CA PHE A 48 20.09 15.45 13.08
C PHE A 48 19.37 15.26 14.42
N VAL A 49 18.05 15.33 14.40
CA VAL A 49 17.25 15.18 15.60
C VAL A 49 17.59 13.89 16.33
N GLN A 50 17.48 13.90 17.66
CA GLN A 50 17.78 12.72 18.47
C GLN A 50 16.60 11.75 18.48
N ASP A 51 15.50 12.19 19.07
CA ASP A 51 14.29 11.36 19.14
C ASP A 51 13.15 12.11 19.80
N ASN A 52 13.47 12.89 20.83
CA ASN A 52 12.46 13.65 21.55
C ASN A 52 11.68 14.56 20.60
N VAL A 53 10.36 14.52 20.71
CA VAL A 53 9.50 15.34 19.86
C VAL A 53 8.39 16.00 20.68
N ASN A 54 8.29 17.32 20.57
CA ASN A 54 7.28 18.07 21.29
C ASN A 54 5.94 18.04 20.56
N LYS A 55 4.85 17.95 21.32
CA LYS A 55 3.52 17.91 20.74
C LYS A 55 3.36 16.69 19.83
N ASP A 56 2.81 15.61 20.38
CA ASP A 56 2.60 14.38 19.63
C ASP A 56 1.17 14.29 19.12
N ALA A 57 0.88 13.23 18.38
CA ALA A 57 -0.46 13.04 17.83
C ALA A 57 -0.86 14.19 16.91
N THR B 1 -30.37 -13.95 -21.50
CA THR B 1 -30.52 -12.78 -20.59
C THR B 1 -29.84 -11.54 -21.16
N ARG B 2 -30.39 -10.37 -20.85
CA ARG B 2 -29.83 -9.11 -21.33
C ARG B 2 -28.83 -8.54 -20.34
N ALA B 3 -29.23 -8.46 -19.07
CA ALA B 3 -28.36 -7.94 -18.02
C ALA B 3 -27.26 -8.93 -17.68
N HIS B 4 -27.66 -10.12 -17.23
CA HIS B 4 -26.71 -11.17 -16.87
C HIS B 4 -25.88 -10.75 -15.66
N LEU B 5 -26.49 -10.77 -14.49
CA LEU B 5 -25.81 -10.40 -13.25
C LEU B 5 -26.35 -11.23 -12.08
N THR B 6 -27.29 -10.65 -11.33
CA THR B 6 -27.91 -11.33 -10.19
C THR B 6 -26.92 -12.18 -9.39
N GLU B 7 -27.38 -13.34 -8.90
CA GLU B 7 -26.55 -14.25 -8.11
C GLU B 7 -25.09 -14.22 -8.52
N VAL B 8 -24.81 -14.64 -9.75
CA VAL B 8 -23.45 -14.67 -10.25
C VAL B 8 -22.72 -13.33 -10.04
N GLU B 9 -23.46 -12.22 -10.19
CA GLU B 9 -22.87 -10.91 -9.98
C GLU B 9 -22.38 -10.81 -8.55
N SER B 10 -23.25 -11.19 -7.63
CA SER B 10 -22.88 -11.18 -6.22
C SER B 10 -21.79 -12.22 -5.97
N ARG B 11 -21.62 -13.12 -6.93
CA ARG B 11 -20.63 -14.18 -6.85
C ARG B 11 -19.23 -13.65 -7.03
N LEU B 12 -18.88 -13.25 -8.24
CA LEU B 12 -17.54 -12.74 -8.47
C LEU B 12 -17.33 -11.45 -7.68
N GLU B 13 -18.44 -10.75 -7.45
CA GLU B 13 -18.39 -9.53 -6.67
C GLU B 13 -18.07 -9.87 -5.21
N ARG B 14 -18.55 -11.02 -4.73
CA ARG B 14 -18.25 -11.44 -3.37
C ARG B 14 -16.86 -12.07 -3.30
N LEU B 15 -16.36 -12.48 -4.46
CA LEU B 15 -15.03 -13.09 -4.54
C LEU B 15 -13.96 -12.01 -4.60
N GLU B 16 -14.36 -10.84 -5.06
CA GLU B 16 -13.46 -9.70 -5.17
C GLU B 16 -13.55 -8.82 -3.93
N GLN B 17 -14.70 -8.21 -3.71
CA GLN B 17 -14.90 -7.36 -2.54
C GLN B 17 -14.80 -8.20 -1.27
N LEU B 18 -14.06 -7.68 -0.29
CA LEU B 18 -13.86 -8.39 0.99
C LEU B 18 -12.74 -9.42 0.88
N PHE B 19 -12.76 -10.20 -0.21
CA PHE B 19 -11.74 -11.22 -0.43
C PHE B 19 -10.72 -10.75 -1.46
N LEU B 20 -9.69 -10.05 -1.00
CA LEU B 20 -8.65 -9.54 -1.88
C LEU B 20 -7.36 -9.29 -1.09
N LEU B 21 -6.25 -9.22 -1.81
CA LEU B 21 -4.95 -8.98 -1.18
C LEU B 21 -4.93 -7.65 -0.42
N ILE B 22 -5.86 -6.76 -0.76
CA ILE B 22 -5.93 -5.46 -0.09
C ILE B 22 -7.32 -5.21 0.50
N PHE B 23 -8.02 -6.28 0.86
CA PHE B 23 -9.35 -6.17 1.44
C PHE B 23 -9.31 -5.31 2.72
N PRO B 24 -10.30 -4.41 2.90
CA PRO B 24 -10.36 -3.55 4.07
C PRO B 24 -10.90 -4.28 5.30
N ARG B 25 -10.06 -4.43 6.31
CA ARG B 25 -10.46 -5.11 7.53
C ARG B 25 -9.41 -4.91 8.63
N GLU B 26 -8.22 -5.46 8.41
CA GLU B 26 -7.14 -5.35 9.39
C GLU B 26 -5.88 -4.75 8.75
N ASP B 27 -5.41 -3.65 9.32
CA ASP B 27 -4.22 -2.99 8.80
C ASP B 27 -2.98 -3.86 9.02
N LEU B 28 -1.85 -3.42 8.48
CA LEU B 28 -0.60 -4.16 8.61
C LEU B 28 0.53 -3.47 7.86
N ASP B 29 0.20 -2.79 6.77
CA ASP B 29 1.18 -2.10 5.95
C ASP B 29 2.16 -3.10 5.33
N MET B 30 1.66 -3.88 4.39
CA MET B 30 2.49 -4.87 3.71
C MET B 30 3.58 -4.20 2.88
N ILE B 31 3.19 -3.22 2.08
CA ILE B 31 4.13 -2.48 1.25
C ILE B 31 4.93 -1.48 2.07
N LEU B 32 4.24 -0.81 3.00
CA LEU B 32 4.88 0.18 3.86
C LEU B 32 5.98 -0.49 4.69
N LYS B 33 5.80 -1.77 5.00
CA LYS B 33 6.78 -2.51 5.77
C LYS B 33 7.81 -3.16 4.85
N MET B 34 7.37 -3.49 3.64
CA MET B 34 8.25 -4.11 2.66
C MET B 34 9.31 -3.11 2.17
N ASP B 35 8.99 -1.83 2.27
CA ASP B 35 9.92 -0.78 1.85
C ASP B 35 10.83 -0.37 2.99
N SER B 36 12.02 -0.94 3.04
CA SER B 36 13.00 -0.64 4.08
C SER B 36 13.25 0.86 4.18
N LEU B 37 12.77 1.47 5.27
CA LEU B 37 12.95 2.89 5.48
C LEU B 37 13.27 3.19 6.95
N ARG B 38 13.87 2.20 7.62
CA ARG B 38 14.25 2.37 9.02
C ARG B 38 15.75 2.58 9.17
N ASP B 39 16.51 2.16 8.17
CA ASP B 39 17.96 2.31 8.19
C ASP B 39 18.36 3.78 7.97
N ILE B 40 17.37 4.61 7.65
CA ILE B 40 17.62 6.04 7.43
C ILE B 40 17.43 6.78 8.75
N GLU B 41 16.26 6.58 9.35
CA GLU B 41 15.96 7.19 10.63
C GLU B 41 16.88 6.60 11.69
N ALA B 42 17.42 5.42 11.40
CA ALA B 42 18.32 4.74 12.32
C ALA B 42 19.75 5.18 12.07
N LEU B 43 20.22 5.01 10.84
CA LEU B 43 21.57 5.42 10.47
C LEU B 43 21.79 6.89 10.83
N LEU B 44 20.68 7.63 10.89
CA LEU B 44 20.73 9.05 11.23
C LEU B 44 20.55 9.25 12.73
N THR B 45 19.66 8.47 13.34
CA THR B 45 19.42 8.56 14.77
C THR B 45 20.64 8.12 15.57
N GLY B 46 21.60 7.48 14.91
CA GLY B 46 22.79 7.02 15.60
C GLY B 46 24.08 7.55 14.99
N LEU B 47 24.14 7.59 13.66
CA LEU B 47 25.35 8.07 12.97
C LEU B 47 25.11 9.38 12.25
N PHE B 48 23.88 9.89 12.33
CA PHE B 48 23.52 11.15 11.70
C PHE B 48 24.15 11.30 10.32
N VAL B 49 23.95 10.29 9.46
CA VAL B 49 24.51 10.30 8.12
C VAL B 49 24.12 11.57 7.36
N GLN B 50 25.00 12.04 6.48
CA GLN B 50 24.75 13.24 5.70
C GLN B 50 23.84 12.94 4.51
N ASP B 51 24.36 12.14 3.57
CA ASP B 51 23.59 11.79 2.38
C ASP B 51 24.37 10.80 1.51
N ASN B 52 25.68 11.03 1.40
CA ASN B 52 26.54 10.17 0.60
C ASN B 52 26.41 8.71 1.03
N VAL B 53 26.22 7.82 0.07
CA VAL B 53 26.09 6.40 0.34
C VAL B 53 26.92 5.57 -0.63
N ASN B 54 27.77 4.71 -0.09
CA ASN B 54 28.62 3.85 -0.92
C ASN B 54 27.87 2.61 -1.38
N LYS B 55 28.12 2.20 -2.61
CA LYS B 55 27.46 1.02 -3.17
C LYS B 55 25.95 1.21 -3.21
N ASP B 56 25.45 1.65 -4.37
CA ASP B 56 24.01 1.88 -4.54
C ASP B 56 23.36 0.69 -5.23
N ALA B 57 22.04 0.76 -5.39
CA ALA B 57 21.29 -0.31 -6.04
C ALA B 57 21.43 -1.62 -5.27
N THR A 1 -38.97 -14.09 -14.35
CA THR A 1 -38.07 -12.93 -14.17
C THR A 1 -36.73 -13.14 -14.88
N ARG A 2 -36.71 -12.88 -16.18
CA ARG A 2 -35.51 -13.05 -16.97
C ARG A 2 -34.38 -12.16 -16.45
N ALA A 3 -33.36 -12.78 -15.86
CA ALA A 3 -32.23 -12.05 -15.32
C ALA A 3 -30.91 -12.63 -15.81
N HIS A 4 -29.86 -11.81 -15.78
CA HIS A 4 -28.54 -12.23 -16.22
C HIS A 4 -27.55 -12.20 -15.07
N LEU A 5 -27.26 -11.00 -14.58
CA LEU A 5 -26.32 -10.82 -13.47
C LEU A 5 -26.75 -11.68 -12.26
N THR A 6 -27.71 -11.16 -11.49
CA THR A 6 -28.24 -11.87 -10.34
C THR A 6 -27.15 -12.55 -9.47
N GLU A 7 -27.56 -13.63 -8.80
CA GLU A 7 -26.69 -14.40 -7.92
C GLU A 7 -25.26 -14.51 -8.46
N VAL A 8 -25.10 -14.73 -9.75
CA VAL A 8 -23.77 -14.84 -10.34
C VAL A 8 -23.00 -13.53 -10.21
N GLU A 9 -23.71 -12.42 -10.48
CA GLU A 9 -23.09 -11.12 -10.38
C GLU A 9 -22.60 -10.91 -8.96
N SER A 10 -23.51 -11.09 -8.01
CA SER A 10 -23.14 -10.96 -6.61
C SER A 10 -22.09 -12.01 -6.25
N ARG A 11 -21.98 -13.03 -7.10
CA ARG A 11 -21.04 -14.12 -6.90
C ARG A 11 -19.61 -13.67 -7.06
N LEU A 12 -19.19 -13.38 -8.29
CA LEU A 12 -17.81 -12.95 -8.45
C LEU A 12 -17.61 -11.59 -7.80
N GLU A 13 -18.72 -10.88 -7.60
CA GLU A 13 -18.70 -9.60 -6.93
C GLU A 13 -18.31 -9.82 -5.48
N ARG A 14 -18.74 -10.95 -4.92
CA ARG A 14 -18.42 -11.28 -3.55
C ARG A 14 -17.06 -11.98 -3.47
N LEU A 15 -16.61 -12.51 -4.61
CA LEU A 15 -15.32 -13.19 -4.66
C LEU A 15 -14.19 -12.19 -4.64
N GLU A 16 -14.42 -11.05 -5.26
CA GLU A 16 -13.42 -9.99 -5.31
C GLU A 16 -13.66 -8.96 -4.22
N GLN A 17 -14.92 -8.79 -3.83
CA GLN A 17 -15.28 -7.84 -2.79
C GLN A 17 -15.03 -6.40 -3.25
N LEU A 18 -15.39 -6.13 -4.50
CA LEU A 18 -15.21 -4.78 -5.06
C LEU A 18 -13.73 -4.41 -5.16
N PHE A 19 -13.27 -4.17 -6.38
CA PHE A 19 -11.87 -3.81 -6.60
C PHE A 19 -11.73 -2.93 -7.85
N LEU A 20 -11.14 -1.76 -7.67
CA LEU A 20 -10.93 -0.83 -8.78
C LEU A 20 -10.13 0.39 -8.34
N LEU A 21 -10.42 0.88 -7.13
CA LEU A 21 -9.72 2.04 -6.60
C LEU A 21 -8.69 1.64 -5.55
N ILE A 22 -8.19 0.41 -5.65
CA ILE A 22 -7.21 -0.09 -4.71
C ILE A 22 -5.87 -0.34 -5.40
N PHE A 23 -5.91 -0.58 -6.71
CA PHE A 23 -4.70 -0.83 -7.48
C PHE A 23 -4.03 -2.12 -7.02
N PRO A 24 -3.82 -3.09 -7.94
CA PRO A 24 -3.18 -4.36 -7.61
C PRO A 24 -1.66 -4.28 -7.63
N ARG A 25 -1.08 -3.90 -6.49
CA ARG A 25 0.37 -3.78 -6.38
C ARG A 25 0.94 -2.84 -7.43
N GLU A 26 0.17 -1.81 -7.76
CA GLU A 26 0.59 -0.83 -8.75
C GLU A 26 0.93 0.49 -8.07
N ASP A 27 2.23 0.78 -7.96
CA ASP A 27 2.71 2.00 -7.32
C ASP A 27 2.57 1.92 -5.81
N LEU A 28 1.35 2.08 -5.31
CA LEU A 28 1.09 2.04 -3.87
C LEU A 28 2.00 3.01 -3.12
N ASP A 29 1.75 4.30 -3.33
CA ASP A 29 2.55 5.35 -2.69
C ASP A 29 1.71 6.17 -1.71
N MET A 30 0.39 6.11 -1.86
CA MET A 30 -0.51 6.85 -0.98
C MET A 30 -0.27 6.50 0.49
N ILE A 31 -0.04 5.22 0.75
CA ILE A 31 0.21 4.75 2.11
C ILE A 31 1.53 5.29 2.64
N LEU A 32 2.57 5.22 1.80
CA LEU A 32 3.89 5.70 2.18
C LEU A 32 3.88 7.20 2.41
N LYS A 33 2.92 7.89 1.79
CA LYS A 33 2.81 9.34 1.93
C LYS A 33 1.95 9.71 3.15
N MET A 34 1.04 8.81 3.50
CA MET A 34 0.15 9.04 4.64
C MET A 34 0.82 8.62 5.95
N ASP A 35 1.84 7.77 5.86
CA ASP A 35 2.54 7.29 7.04
C ASP A 35 3.85 8.07 7.24
N SER A 36 3.87 9.31 6.77
CA SER A 36 5.06 10.17 6.90
C SER A 36 6.27 9.51 6.25
N LEU A 37 7.34 10.28 6.10
CA LEU A 37 8.56 9.78 5.49
C LEU A 37 9.66 10.85 5.52
N ARG A 38 9.27 12.09 5.24
CA ARG A 38 10.23 13.20 5.24
C ARG A 38 10.41 13.77 6.64
N ASP A 39 9.35 13.69 7.45
CA ASP A 39 9.40 14.20 8.82
C ASP A 39 10.28 13.31 9.71
N ILE A 40 10.67 12.15 9.18
CA ILE A 40 11.52 11.22 9.90
C ILE A 40 12.98 11.51 9.60
N GLU A 41 13.30 11.49 8.30
CA GLU A 41 14.65 11.79 7.86
C GLU A 41 14.98 13.24 8.24
N ALA A 42 13.93 14.03 8.46
CA ALA A 42 14.08 15.42 8.84
C ALA A 42 14.21 15.53 10.36
N LEU A 43 13.29 14.88 11.07
CA LEU A 43 13.33 14.88 12.53
C LEU A 43 14.70 14.40 13.01
N LEU A 44 15.34 13.60 12.17
CA LEU A 44 16.66 13.08 12.49
C LEU A 44 17.73 14.01 11.92
N THR A 45 17.47 14.56 10.75
CA THR A 45 18.42 15.47 10.11
C THR A 45 18.60 16.74 10.95
N GLY A 46 17.70 16.97 11.91
CA GLY A 46 17.80 18.14 12.74
C GLY A 46 17.88 17.81 14.23
N LEU A 47 17.28 16.70 14.63
CA LEU A 47 17.29 16.30 16.04
C LEU A 47 18.34 15.23 16.32
N PHE A 48 19.10 14.87 15.29
CA PHE A 48 20.15 13.84 15.42
C PHE A 48 20.88 13.95 16.75
N VAL A 49 21.15 12.80 17.37
CA VAL A 49 21.85 12.76 18.64
C VAL A 49 22.79 11.57 18.71
N GLN A 50 23.97 11.78 19.29
CA GLN A 50 24.97 10.73 19.41
C GLN A 50 24.55 9.71 20.47
N ASP A 51 24.60 8.44 20.10
CA ASP A 51 24.23 7.35 21.02
C ASP A 51 25.25 6.23 20.97
N ASN A 52 25.40 5.52 22.09
CA ASN A 52 26.34 4.42 22.17
C ASN A 52 25.87 3.23 21.34
N VAL A 53 24.66 2.76 21.65
CA VAL A 53 24.08 1.62 20.92
C VAL A 53 23.48 2.06 19.60
N ASN A 54 23.70 1.26 18.56
CA ASN A 54 23.18 1.58 17.23
C ASN A 54 21.88 0.82 16.97
N LYS A 55 21.79 -0.39 17.50
CA LYS A 55 20.61 -1.22 17.32
C LYS A 55 19.84 -1.37 18.63
N ASP A 56 18.64 -0.80 18.68
CA ASP A 56 17.81 -0.87 19.88
C ASP A 56 16.33 -0.88 19.52
N ALA A 57 16.01 -1.46 18.36
CA ALA A 57 14.63 -1.54 17.90
C ALA A 57 14.39 -2.84 17.13
N THR B 1 -26.81 -24.78 -22.76
CA THR B 1 -27.98 -24.10 -22.15
C THR B 1 -28.19 -24.55 -20.71
N ARG B 2 -27.09 -24.76 -19.99
CA ARG B 2 -27.16 -25.19 -18.60
C ARG B 2 -25.97 -24.67 -17.81
N ALA B 3 -25.84 -23.34 -17.76
CA ALA B 3 -24.74 -22.71 -17.03
C ALA B 3 -25.25 -21.64 -16.08
N HIS B 4 -24.45 -21.32 -15.06
CA HIS B 4 -24.82 -20.32 -14.08
C HIS B 4 -23.84 -19.14 -14.12
N LEU B 5 -22.60 -19.41 -13.74
CA LEU B 5 -21.56 -18.39 -13.73
C LEU B 5 -21.44 -17.72 -15.11
N THR B 6 -20.73 -18.38 -16.01
CA THR B 6 -20.55 -17.90 -17.38
C THR B 6 -20.27 -16.39 -17.46
N GLU B 7 -20.68 -15.80 -18.59
CA GLU B 7 -20.48 -14.38 -18.88
C GLU B 7 -20.66 -13.51 -17.63
N VAL B 8 -21.66 -13.80 -16.81
CA VAL B 8 -21.90 -13.02 -15.61
C VAL B 8 -20.73 -13.15 -14.63
N GLU B 9 -20.24 -14.38 -14.48
CA GLU B 9 -19.12 -14.64 -13.60
C GLU B 9 -17.94 -13.81 -14.06
N SER B 10 -17.59 -13.97 -15.33
CA SER B 10 -16.48 -13.20 -15.90
C SER B 10 -16.82 -11.72 -15.85
N ARG B 11 -18.10 -11.42 -15.66
CA ARG B 11 -18.59 -10.05 -15.61
C ARG B 11 -18.11 -9.34 -14.37
N LEU B 12 -18.64 -9.70 -13.20
CA LEU B 12 -18.20 -9.01 -12.01
C LEU B 12 -16.75 -9.36 -11.72
N GLU B 13 -16.30 -10.47 -12.29
CA GLU B 13 -14.92 -10.90 -12.17
C GLU B 13 -14.03 -9.91 -12.90
N ARG B 14 -14.55 -9.36 -14.00
CA ARG B 14 -13.81 -8.38 -14.77
C ARG B 14 -14.03 -6.98 -14.20
N LEU B 15 -15.09 -6.82 -13.40
CA LEU B 15 -15.39 -5.53 -12.79
C LEU B 15 -14.45 -5.26 -11.63
N GLU B 16 -14.09 -6.32 -10.94
CA GLU B 16 -13.18 -6.22 -9.80
C GLU B 16 -11.74 -6.52 -10.21
N GLN B 17 -11.59 -7.35 -11.23
CA GLN B 17 -10.27 -7.72 -11.73
C GLN B 17 -9.50 -8.54 -10.68
N LEU B 18 -10.20 -9.47 -10.03
CA LEU B 18 -9.58 -10.33 -9.01
C LEU B 18 -9.12 -9.50 -7.81
N PHE B 19 -9.68 -9.80 -6.65
CA PHE B 19 -9.31 -9.09 -5.43
C PHE B 19 -9.49 -9.99 -4.20
N LEU B 20 -8.42 -10.15 -3.43
CA LEU B 20 -8.46 -10.97 -2.23
C LEU B 20 -7.14 -10.90 -1.47
N LEU B 21 -6.03 -10.88 -2.21
CA LEU B 21 -4.71 -10.81 -1.59
C LEU B 21 -4.11 -9.42 -1.73
N ILE B 22 -4.98 -8.41 -1.83
CA ILE B 22 -4.53 -7.03 -1.95
C ILE B 22 -4.94 -6.21 -0.74
N PHE B 23 -5.98 -6.65 -0.05
CA PHE B 23 -6.47 -5.95 1.14
C PHE B 23 -6.97 -4.55 0.77
N PRO B 24 -8.24 -4.23 1.08
CA PRO B 24 -8.82 -2.92 0.78
C PRO B 24 -8.51 -1.88 1.84
N ARG B 25 -7.37 -1.21 1.70
CA ARG B 25 -6.96 -0.19 2.65
C ARG B 25 -6.96 -0.74 4.07
N GLU B 26 -6.82 -2.06 4.21
CA GLU B 26 -6.83 -2.70 5.52
C GLU B 26 -5.45 -2.65 6.16
N ASP B 27 -4.53 -3.46 5.66
CA ASP B 27 -3.17 -3.50 6.19
C ASP B 27 -2.14 -3.37 5.08
N LEU B 28 -1.79 -2.14 4.75
CA LEU B 28 -0.81 -1.88 3.70
C LEU B 28 0.55 -1.50 4.29
N ASP B 29 1.19 -2.46 4.94
CA ASP B 29 2.50 -2.22 5.54
C ASP B 29 3.60 -2.88 4.72
N MET B 30 3.22 -3.86 3.89
CA MET B 30 4.18 -4.57 3.06
C MET B 30 4.95 -3.60 2.17
N ILE B 31 4.24 -2.60 1.63
CA ILE B 31 4.86 -1.61 0.77
C ILE B 31 5.84 -0.74 1.54
N LEU B 32 5.42 -0.31 2.73
CA LEU B 32 6.25 0.54 3.58
C LEU B 32 7.49 -0.22 4.05
N LYS B 33 7.40 -1.54 4.07
CA LYS B 33 8.52 -2.37 4.50
C LYS B 33 9.43 -2.70 3.33
N MET B 34 8.87 -2.71 2.12
CA MET B 34 9.63 -3.02 0.92
C MET B 34 10.33 -1.77 0.38
N ASP B 35 9.84 -0.59 0.78
CA ASP B 35 10.41 0.67 0.32
C ASP B 35 11.34 1.25 1.39
N SER B 36 11.92 0.38 2.20
CA SER B 36 12.83 0.81 3.26
C SER B 36 12.15 1.79 4.21
N LEU B 37 12.80 2.06 5.34
CA LEU B 37 12.25 2.97 6.33
C LEU B 37 13.23 3.18 7.48
N ARG B 38 13.88 2.10 7.90
CA ARG B 38 14.83 2.16 9.00
C ARG B 38 16.22 2.54 8.48
N ASP B 39 16.52 2.15 7.25
CA ASP B 39 17.81 2.46 6.64
C ASP B 39 17.92 3.96 6.31
N ILE B 40 16.80 4.67 6.43
CA ILE B 40 16.77 6.10 6.16
C ILE B 40 17.03 6.86 7.44
N GLU B 41 16.21 6.59 8.46
CA GLU B 41 16.38 7.20 9.75
C GLU B 41 17.72 6.79 10.33
N ALA B 42 18.26 5.69 9.82
CA ALA B 42 19.54 5.17 10.25
C ALA B 42 20.66 5.82 9.45
N LEU B 43 20.51 5.81 8.12
CA LEU B 43 21.50 6.43 7.24
C LEU B 43 21.72 7.87 7.67
N LEU B 44 20.69 8.46 8.28
CA LEU B 44 20.76 9.83 8.76
C LEU B 44 21.24 9.85 10.21
N THR B 45 20.81 8.86 10.99
CA THR B 45 21.21 8.78 12.39
C THR B 45 22.71 8.55 12.52
N GLY B 46 23.36 8.16 11.41
CA GLY B 46 24.79 7.92 11.44
C GLY B 46 25.56 8.77 10.44
N LEU B 47 24.92 9.13 9.33
CA LEU B 47 25.58 9.94 8.31
C LEU B 47 25.18 11.40 8.39
N PHE B 48 24.37 11.73 9.38
CA PHE B 48 23.90 13.10 9.60
C PHE B 48 25.00 14.12 9.31
N VAL B 49 24.64 15.21 8.63
CA VAL B 49 25.59 16.26 8.29
C VAL B 49 24.95 17.63 8.40
N GLN B 50 25.71 18.60 8.91
CA GLN B 50 25.20 19.95 9.07
C GLN B 50 25.10 20.66 7.71
N ASP B 51 23.95 21.26 7.46
CA ASP B 51 23.71 21.97 6.20
C ASP B 51 23.05 23.32 6.45
N ASN B 52 23.33 24.28 5.57
CA ASN B 52 22.75 25.61 5.69
C ASN B 52 21.25 25.59 5.40
N VAL B 53 20.90 25.12 4.21
CA VAL B 53 19.50 25.03 3.81
C VAL B 53 18.83 23.81 4.41
N ASN B 54 17.59 23.99 4.87
CA ASN B 54 16.83 22.90 5.47
C ASN B 54 15.87 22.28 4.46
N LYS B 55 15.34 23.12 3.57
CA LYS B 55 14.41 22.65 2.55
C LYS B 55 15.05 22.71 1.16
N ASP B 56 15.28 21.55 0.56
CA ASP B 56 15.88 21.48 -0.76
C ASP B 56 15.36 20.27 -1.53
N ALA B 57 14.11 19.89 -1.27
CA ALA B 57 13.50 18.76 -1.94
C ALA B 57 12.01 18.99 -2.16
N THR A 1 -22.29 -24.47 -12.92
CA THR A 1 -21.62 -23.78 -14.04
C THR A 1 -22.19 -24.22 -15.39
N ARG A 2 -23.25 -23.53 -15.82
CA ARG A 2 -23.89 -23.86 -17.09
C ARG A 2 -23.93 -22.64 -18.00
N ALA A 3 -24.80 -21.68 -17.68
CA ALA A 3 -24.93 -20.48 -18.48
C ALA A 3 -25.02 -19.23 -17.60
N HIS A 4 -24.41 -19.31 -16.41
CA HIS A 4 -24.43 -18.18 -15.48
C HIS A 4 -23.01 -17.83 -15.05
N LEU A 5 -22.35 -16.99 -15.85
CA LEU A 5 -20.98 -16.57 -15.54
C LEU A 5 -20.50 -15.49 -16.51
N THR A 6 -19.71 -15.87 -17.52
CA THR A 6 -19.18 -14.95 -18.54
C THR A 6 -19.48 -13.47 -18.26
N GLU A 7 -20.73 -13.08 -18.44
CA GLU A 7 -21.16 -11.71 -18.24
C GLU A 7 -20.91 -11.24 -16.80
N VAL A 8 -21.65 -11.81 -15.86
CA VAL A 8 -21.53 -11.42 -14.45
C VAL A 8 -20.10 -11.58 -13.95
N GLU A 9 -19.48 -12.73 -14.21
CA GLU A 9 -18.10 -12.96 -13.78
C GLU A 9 -17.23 -11.81 -14.24
N SER A 10 -17.38 -11.45 -15.50
CA SER A 10 -16.63 -10.33 -16.06
C SER A 10 -17.09 -9.03 -15.41
N ARG A 11 -18.28 -9.07 -14.83
CA ARG A 11 -18.87 -7.91 -14.17
C ARG A 11 -18.11 -7.55 -12.92
N LEU A 12 -18.19 -8.39 -11.88
CA LEU A 12 -17.48 -8.09 -10.65
C LEU A 12 -15.99 -8.06 -10.94
N GLU A 13 -15.56 -9.03 -11.72
CA GLU A 13 -14.18 -9.11 -12.15
C GLU A 13 -13.74 -7.76 -12.72
N ARG A 14 -14.66 -7.08 -13.40
CA ARG A 14 -14.36 -5.78 -13.97
C ARG A 14 -14.43 -4.72 -12.88
N LEU A 15 -15.23 -4.98 -11.85
CA LEU A 15 -15.36 -4.06 -10.73
C LEU A 15 -14.04 -3.95 -9.98
N GLU A 16 -13.26 -5.01 -10.07
CA GLU A 16 -11.96 -5.04 -9.44
C GLU A 16 -10.87 -4.76 -10.48
N GLN A 17 -11.21 -4.97 -11.75
CA GLN A 17 -10.29 -4.76 -12.86
C GLN A 17 -8.96 -5.47 -12.59
N LEU A 18 -9.05 -6.63 -11.95
CA LEU A 18 -7.88 -7.43 -11.61
C LEU A 18 -7.05 -6.74 -10.53
N PHE A 19 -7.61 -5.70 -9.92
CA PHE A 19 -6.94 -4.94 -8.86
C PHE A 19 -7.54 -3.56 -8.72
N LEU A 20 -7.74 -3.11 -7.48
CA LEU A 20 -8.30 -1.78 -7.24
C LEU A 20 -7.33 -0.70 -7.72
N LEU A 21 -7.57 0.54 -7.30
CA LEU A 21 -6.73 1.67 -7.70
C LEU A 21 -5.29 1.51 -7.18
N ILE A 22 -5.11 0.61 -6.21
CA ILE A 22 -3.79 0.38 -5.63
C ILE A 22 -2.76 -0.01 -6.70
N PHE A 23 -3.24 -0.64 -7.76
CA PHE A 23 -2.36 -1.06 -8.85
C PHE A 23 -2.49 -0.15 -10.07
N PRO A 24 -1.64 0.88 -10.16
CA PRO A 24 -1.66 1.83 -11.28
C PRO A 24 -1.13 1.23 -12.58
N ARG A 25 -0.58 0.01 -12.48
CA ARG A 25 -0.04 -0.66 -13.66
C ARG A 25 1.18 0.08 -14.19
N GLU A 26 2.12 0.39 -13.31
CA GLU A 26 3.33 1.11 -13.71
C GLU A 26 4.27 1.27 -12.52
N ASP A 27 3.75 1.77 -11.41
CA ASP A 27 4.54 1.98 -10.21
C ASP A 27 4.16 0.98 -9.12
N LEU A 28 5.16 0.39 -8.48
CA LEU A 28 4.93 -0.58 -7.42
C LEU A 28 5.30 0.00 -6.05
N ASP A 29 5.16 1.31 -5.91
CA ASP A 29 5.48 1.99 -4.67
C ASP A 29 4.83 3.37 -4.61
N MET A 30 3.69 3.51 -5.27
CA MET A 30 2.98 4.79 -5.30
C MET A 30 2.41 5.13 -3.92
N ILE A 31 1.72 4.16 -3.32
CA ILE A 31 1.14 4.36 -2.00
C ILE A 31 2.21 4.63 -0.95
N LEU A 32 3.28 3.84 -1.00
CA LEU A 32 4.38 4.01 -0.05
C LEU A 32 5.09 5.34 -0.27
N LYS A 33 5.08 5.79 -1.53
CA LYS A 33 5.72 7.05 -1.88
C LYS A 33 4.89 8.23 -1.41
N MET A 34 3.57 8.04 -1.35
CA MET A 34 2.67 9.10 -0.91
C MET A 34 2.55 9.11 0.61
N ASP A 35 1.83 8.13 1.15
CA ASP A 35 1.65 8.02 2.59
C ASP A 35 2.95 7.62 3.28
N SER A 36 3.47 8.51 4.12
CA SER A 36 4.72 8.25 4.83
C SER A 36 5.92 8.41 3.90
N LEU A 37 7.06 7.86 4.30
CA LEU A 37 8.28 7.94 3.50
C LEU A 37 8.75 9.39 3.39
N ARG A 38 8.39 10.20 4.37
CA ARG A 38 8.78 11.61 4.38
C ARG A 38 8.94 12.12 5.80
N ASP A 39 8.04 11.70 6.70
CA ASP A 39 8.11 12.11 8.10
C ASP A 39 9.29 11.43 8.81
N ILE A 40 9.92 10.48 8.11
CA ILE A 40 11.07 9.77 8.66
C ILE A 40 12.34 10.52 8.31
N GLU A 41 12.54 10.73 7.02
CA GLU A 41 13.69 11.47 6.54
C GLU A 41 13.61 12.91 7.03
N ALA A 42 12.39 13.32 7.39
CA ALA A 42 12.15 14.68 7.87
C ALA A 42 12.37 14.76 9.37
N LEU A 43 11.62 13.96 10.13
CA LEU A 43 11.77 13.94 11.57
C LEU A 43 13.22 13.65 11.96
N LEU A 44 13.95 13.00 11.06
CA LEU A 44 15.34 12.66 11.30
C LEU A 44 16.27 13.75 10.76
N THR A 45 15.94 14.29 9.58
CA THR A 45 16.78 15.35 9.01
C THR A 45 16.66 16.64 9.82
N GLY A 46 15.69 16.69 10.72
CA GLY A 46 15.50 17.87 11.54
C GLY A 46 15.69 17.62 13.03
N LEU A 47 15.28 16.44 13.49
CA LEU A 47 15.42 16.10 14.91
C LEU A 47 16.69 15.30 15.18
N PHE A 48 17.40 14.95 14.12
CA PHE A 48 18.64 14.19 14.23
C PHE A 48 18.59 13.14 15.35
N VAL A 49 18.22 11.92 14.98
CA VAL A 49 18.14 10.83 15.94
C VAL A 49 19.32 9.87 15.80
N GLN A 50 20.17 9.82 16.82
CA GLN A 50 21.34 8.95 16.81
C GLN A 50 21.01 7.61 17.46
N ASP A 51 21.75 6.57 17.05
CA ASP A 51 21.54 5.23 17.59
C ASP A 51 22.78 4.37 17.37
N ASN A 52 23.06 3.51 18.34
CA ASN A 52 24.23 2.62 18.26
C ASN A 52 23.80 1.19 17.90
N VAL A 53 24.54 0.58 16.99
CA VAL A 53 24.24 -0.79 16.56
C VAL A 53 25.52 -1.53 16.18
N ASN A 54 26.36 -0.88 15.38
CA ASN A 54 27.61 -1.48 14.95
C ASN A 54 28.75 -1.11 15.89
N LYS A 55 29.48 -2.12 16.35
CA LYS A 55 30.60 -1.89 17.27
C LYS A 55 31.93 -2.20 16.58
N ASP A 56 32.93 -1.37 16.83
CA ASP A 56 34.25 -1.54 16.24
C ASP A 56 34.16 -1.54 14.71
N ALA A 57 34.52 -0.42 14.11
CA ALA A 57 34.48 -0.29 12.65
C ALA A 57 33.06 -0.47 12.12
N THR B 1 -33.54 -11.36 -20.01
CA THR B 1 -33.75 -12.08 -18.73
C THR B 1 -32.92 -11.48 -17.61
N ARG B 2 -33.51 -11.39 -16.42
CA ARG B 2 -32.83 -10.83 -15.26
C ARG B 2 -32.58 -11.90 -14.21
N ALA B 3 -31.87 -12.96 -14.61
CA ALA B 3 -31.57 -14.06 -13.70
C ALA B 3 -30.10 -14.46 -13.80
N HIS B 4 -29.25 -13.50 -14.16
CA HIS B 4 -27.81 -13.75 -14.28
C HIS B 4 -27.02 -12.76 -13.44
N LEU B 5 -26.83 -13.06 -12.16
CA LEU B 5 -26.09 -12.19 -11.27
C LEU B 5 -25.88 -12.85 -9.91
N THR B 6 -26.69 -12.47 -8.90
CA THR B 6 -26.61 -13.02 -7.54
C THR B 6 -25.42 -13.94 -7.31
N GLU B 7 -25.49 -15.14 -7.87
CA GLU B 7 -24.43 -16.14 -7.71
C GLU B 7 -23.09 -15.64 -8.25
N VAL B 8 -22.99 -15.48 -9.56
CA VAL B 8 -21.75 -15.03 -10.19
C VAL B 8 -21.27 -13.70 -9.61
N GLU B 9 -22.17 -12.73 -9.50
CA GLU B 9 -21.80 -11.42 -8.95
C GLU B 9 -21.12 -11.62 -7.60
N SER B 10 -21.74 -12.44 -6.78
CA SER B 10 -21.18 -12.75 -5.47
C SER B 10 -19.89 -13.55 -5.64
N ARG B 11 -19.73 -14.15 -6.82
CA ARG B 11 -18.56 -14.95 -7.13
C ARG B 11 -17.32 -14.11 -7.26
N LEU B 12 -17.25 -13.27 -8.29
CA LEU B 12 -16.08 -12.43 -8.45
C LEU B 12 -15.98 -11.48 -7.27
N GLU B 13 -17.14 -10.95 -6.89
CA GLU B 13 -17.23 -10.07 -5.75
C GLU B 13 -16.57 -10.75 -4.55
N ARG B 14 -16.70 -12.07 -4.46
CA ARG B 14 -16.09 -12.82 -3.36
C ARG B 14 -14.61 -13.02 -3.64
N LEU B 15 -14.25 -13.02 -4.93
CA LEU B 15 -12.86 -13.18 -5.32
C LEU B 15 -12.04 -11.99 -4.86
N GLU B 16 -12.72 -10.86 -4.73
CA GLU B 16 -12.10 -9.65 -4.26
C GLU B 16 -12.40 -9.45 -2.77
N GLN B 17 -13.46 -10.09 -2.30
CA GLN B 17 -13.89 -9.98 -0.91
C GLN B 17 -13.98 -8.53 -0.49
N LEU B 18 -14.40 -7.68 -1.42
CA LEU B 18 -14.54 -6.26 -1.18
C LEU B 18 -13.17 -5.60 -1.01
N PHE B 19 -12.11 -6.34 -1.34
CA PHE B 19 -10.73 -5.83 -1.22
C PHE B 19 -9.75 -7.00 -1.14
N LEU B 20 -8.62 -6.86 -1.84
CA LEU B 20 -7.60 -7.90 -1.83
C LEU B 20 -6.98 -8.02 -0.44
N LEU B 21 -5.85 -8.72 -0.36
CA LEU B 21 -5.16 -8.92 0.93
C LEU B 21 -4.67 -7.58 1.49
N ILE B 22 -4.64 -6.56 0.65
CA ILE B 22 -4.17 -5.23 1.09
C ILE B 22 -4.99 -4.71 2.26
N PHE B 23 -6.24 -5.14 2.35
CA PHE B 23 -7.12 -4.70 3.42
C PHE B 23 -7.30 -5.80 4.46
N PRO B 24 -6.47 -5.80 5.53
CA PRO B 24 -6.54 -6.80 6.59
C PRO B 24 -7.76 -6.60 7.50
N ARG B 25 -8.47 -5.50 7.32
CA ARG B 25 -9.65 -5.20 8.12
C ARG B 25 -9.26 -4.96 9.58
N GLU B 26 -8.26 -4.12 9.78
CA GLU B 26 -7.79 -3.79 11.13
C GLU B 26 -6.80 -2.63 11.09
N ASP B 27 -5.68 -2.83 10.40
CA ASP B 27 -4.66 -1.80 10.29
C ASP B 27 -4.68 -1.16 8.90
N LEU B 28 -4.51 0.15 8.86
CA LEU B 28 -4.51 0.89 7.60
C LEU B 28 -3.11 1.38 7.25
N ASP B 29 -2.10 0.59 7.62
CA ASP B 29 -0.71 0.95 7.33
C ASP B 29 0.20 -0.26 7.45
N MET B 30 -0.35 -1.44 7.15
CA MET B 30 0.42 -2.68 7.22
C MET B 30 1.49 -2.71 6.12
N ILE B 31 1.08 -2.43 4.90
CA ILE B 31 2.00 -2.43 3.77
C ILE B 31 3.09 -1.38 3.94
N LEU B 32 2.69 -0.18 4.35
CA LEU B 32 3.64 0.90 4.58
C LEU B 32 4.57 0.58 5.74
N LYS B 33 4.06 -0.19 6.70
CA LYS B 33 4.84 -0.57 7.87
C LYS B 33 5.86 -1.66 7.51
N MET B 34 5.53 -2.47 6.51
CA MET B 34 6.42 -3.53 6.06
C MET B 34 7.42 -3.01 5.05
N ASP B 35 6.95 -2.76 3.84
CA ASP B 35 7.82 -2.25 2.77
C ASP B 35 8.22 -0.81 3.06
N SER B 36 9.52 -0.58 3.26
CA SER B 36 10.03 0.75 3.53
C SER B 36 9.73 1.15 4.98
N LEU B 37 9.81 2.45 5.26
CA LEU B 37 9.55 2.96 6.61
C LEU B 37 10.59 2.44 7.59
N ARG B 38 11.78 2.12 7.08
CA ARG B 38 12.86 1.62 7.91
C ARG B 38 14.21 2.04 7.35
N ASP B 39 14.36 1.98 6.03
CA ASP B 39 15.61 2.38 5.38
C ASP B 39 15.80 3.88 5.44
N ILE B 40 14.77 4.60 5.90
CA ILE B 40 14.83 6.05 6.04
C ILE B 40 15.36 6.40 7.41
N GLU B 41 14.68 5.90 8.42
CA GLU B 41 15.09 6.13 9.80
C GLU B 41 16.44 5.46 10.04
N ALA B 42 16.77 4.50 9.18
CA ALA B 42 18.03 3.76 9.27
C ALA B 42 19.13 4.49 8.53
N LEU B 43 18.93 4.70 7.23
CA LEU B 43 19.92 5.40 6.42
C LEU B 43 20.23 6.77 7.03
N LEU B 44 19.28 7.29 7.80
CA LEU B 44 19.44 8.59 8.45
C LEU B 44 20.03 8.43 9.85
N THR B 45 19.58 7.41 10.59
CA THR B 45 20.10 7.20 11.94
C THR B 45 21.55 6.72 11.90
N GLY B 46 22.02 6.34 10.71
CA GLY B 46 23.38 5.87 10.56
C GLY B 46 24.23 6.76 9.66
N LEU B 47 23.62 7.32 8.61
CA LEU B 47 24.36 8.18 7.69
C LEU B 47 24.21 9.66 8.04
N PHE B 48 23.36 9.94 9.02
CA PHE B 48 23.10 11.31 9.48
C PHE B 48 23.09 12.31 8.32
N VAL B 49 21.90 12.58 7.79
CA VAL B 49 21.76 13.52 6.69
C VAL B 49 21.18 14.85 7.16
N GLN B 50 21.99 15.91 7.08
CA GLN B 50 21.55 17.23 7.51
C GLN B 50 20.96 18.01 6.34
N ASP B 51 20.08 18.96 6.65
CA ASP B 51 19.45 19.78 5.63
C ASP B 51 18.90 21.07 6.24
N ASN B 52 18.99 22.15 5.47
CA ASN B 52 18.50 23.46 5.93
C ASN B 52 17.17 23.79 5.28
N VAL B 53 16.24 24.31 6.09
CA VAL B 53 14.92 24.68 5.59
C VAL B 53 14.35 25.86 6.37
N ASN B 54 14.43 25.79 7.69
CA ASN B 54 13.93 26.85 8.55
C ASN B 54 15.03 27.85 8.88
N LYS B 55 14.75 29.13 8.66
CA LYS B 55 15.72 30.18 8.93
C LYS B 55 15.27 31.04 10.12
N ASP B 56 16.23 31.38 10.98
CA ASP B 56 15.94 32.20 12.16
C ASP B 56 14.90 31.52 13.04
N ALA B 57 15.36 30.90 14.12
CA ALA B 57 14.47 30.21 15.05
C ALA B 57 13.73 29.07 14.36
N THR A 1 -32.88 -18.03 -16.63
CA THR A 1 -32.53 -16.67 -16.15
C THR A 1 -33.60 -16.10 -15.24
N ARG A 2 -33.28 -16.00 -13.95
CA ARG A 2 -34.23 -15.47 -12.98
C ARG A 2 -33.53 -15.18 -11.65
N ALA A 3 -32.78 -16.15 -11.14
CA ALA A 3 -32.07 -15.99 -9.88
C ALA A 3 -31.01 -17.07 -9.70
N HIS A 4 -29.87 -16.89 -10.36
CA HIS A 4 -28.78 -17.85 -10.26
C HIS A 4 -27.44 -17.19 -10.60
N LEU A 5 -27.36 -15.89 -10.37
CA LEU A 5 -26.13 -15.15 -10.66
C LEU A 5 -25.30 -14.89 -9.39
N THR A 6 -25.82 -15.36 -8.25
CA THR A 6 -25.14 -15.20 -6.97
C THR A 6 -23.73 -15.78 -7.03
N GLU A 7 -23.65 -17.05 -7.44
CA GLU A 7 -22.36 -17.73 -7.56
C GLU A 7 -21.39 -16.90 -8.38
N VAL A 8 -21.88 -16.33 -9.47
CA VAL A 8 -21.04 -15.51 -10.33
C VAL A 8 -20.51 -14.30 -9.59
N GLU A 9 -21.38 -13.67 -8.77
CA GLU A 9 -20.97 -12.52 -7.97
C GLU A 9 -19.79 -12.92 -7.12
N SER A 10 -20.04 -13.84 -6.21
CA SER A 10 -18.98 -14.34 -5.35
C SER A 10 -17.79 -14.81 -6.18
N ARG A 11 -18.04 -15.08 -7.46
CA ARG A 11 -17.01 -15.54 -8.39
C ARG A 11 -15.98 -14.46 -8.68
N LEU A 12 -16.36 -13.46 -9.47
CA LEU A 12 -15.40 -12.42 -9.79
C LEU A 12 -14.95 -11.69 -8.53
N GLU A 13 -15.81 -11.75 -7.52
CA GLU A 13 -15.50 -11.16 -6.23
C GLU A 13 -14.34 -11.92 -5.62
N ARG A 14 -14.33 -13.24 -5.84
CA ARG A 14 -13.25 -14.09 -5.35
C ARG A 14 -12.04 -13.94 -6.25
N LEU A 15 -12.28 -13.46 -7.48
CA LEU A 15 -11.19 -13.25 -8.43
C LEU A 15 -10.39 -12.03 -8.06
N GLU A 16 -11.06 -11.07 -7.47
CA GLU A 16 -10.42 -9.84 -7.05
C GLU A 16 -9.96 -9.94 -5.60
N GLN A 17 -10.60 -10.82 -4.84
CA GLN A 17 -10.25 -11.03 -3.43
C GLN A 17 -8.78 -11.43 -3.31
N LEU A 18 -8.34 -12.27 -4.24
CA LEU A 18 -6.96 -12.75 -4.25
C LEU A 18 -6.01 -11.67 -4.77
N PHE A 19 -6.59 -10.61 -5.35
CA PHE A 19 -5.80 -9.50 -5.90
C PHE A 19 -5.18 -9.88 -7.24
N LEU A 20 -5.35 -9.00 -8.23
CA LEU A 20 -4.81 -9.23 -9.55
C LEU A 20 -4.37 -7.92 -10.19
N LEU A 21 -3.40 -7.25 -9.56
CA LEU A 21 -2.89 -5.99 -10.06
C LEU A 21 -4.02 -4.98 -10.30
N ILE A 22 -4.85 -4.77 -9.28
CA ILE A 22 -5.96 -3.83 -9.38
C ILE A 22 -5.61 -2.50 -8.73
N PHE A 23 -4.94 -2.55 -7.58
CA PHE A 23 -4.55 -1.33 -6.88
C PHE A 23 -3.32 -0.70 -7.52
N PRO A 24 -3.47 0.50 -8.11
CA PRO A 24 -2.36 1.21 -8.76
C PRO A 24 -1.17 1.39 -7.83
N ARG A 25 0.02 1.10 -8.34
CA ARG A 25 1.24 1.23 -7.55
C ARG A 25 2.46 1.42 -8.45
N GLU A 26 2.77 2.68 -8.77
CA GLU A 26 3.90 2.98 -9.63
C GLU A 26 4.50 4.35 -9.30
N ASP A 27 3.79 5.40 -9.69
CA ASP A 27 4.25 6.77 -9.45
C ASP A 27 3.63 7.34 -8.17
N LEU A 28 4.49 7.73 -7.23
CA LEU A 28 4.04 8.29 -5.96
C LEU A 28 3.05 7.36 -5.27
N ASP A 29 3.53 6.62 -4.28
CA ASP A 29 2.68 5.69 -3.54
C ASP A 29 1.78 6.44 -2.56
N MET A 30 0.55 6.71 -2.98
CA MET A 30 -0.40 7.41 -2.15
C MET A 30 -0.72 6.61 -0.88
N ILE A 31 -0.56 5.29 -0.97
CA ILE A 31 -0.82 4.42 0.16
C ILE A 31 0.08 4.75 1.35
N LEU A 32 1.39 4.73 1.12
CA LEU A 32 2.35 5.03 2.17
C LEU A 32 2.52 6.53 2.37
N LYS A 33 2.06 7.31 1.40
CA LYS A 33 2.16 8.76 1.48
C LYS A 33 1.04 9.34 2.35
N MET A 34 -0.06 8.62 2.44
CA MET A 34 -1.19 9.04 3.25
C MET A 34 -1.29 8.23 4.53
N ASP A 35 -0.71 7.03 4.52
CA ASP A 35 -0.73 6.16 5.69
C ASP A 35 0.16 6.71 6.79
N SER A 36 1.47 6.69 6.55
CA SER A 36 2.44 7.19 7.52
C SER A 36 3.66 7.80 6.82
N LEU A 37 4.69 6.98 6.61
CA LEU A 37 5.91 7.43 5.94
C LEU A 37 6.37 8.79 6.48
N ARG A 38 6.06 9.05 7.75
CA ARG A 38 6.44 10.31 8.39
C ARG A 38 7.14 10.08 9.72
N ASP A 39 6.74 9.02 10.42
CA ASP A 39 7.34 8.70 11.72
C ASP A 39 8.79 8.21 11.55
N ILE A 40 9.18 7.95 10.30
CA ILE A 40 10.53 7.49 10.00
C ILE A 40 11.43 8.68 9.78
N GLU A 41 11.01 9.56 8.87
CA GLU A 41 11.76 10.77 8.60
C GLU A 41 11.70 11.69 9.81
N ALA A 42 10.75 11.40 10.70
CA ALA A 42 10.56 12.17 11.91
C ALA A 42 11.42 11.62 13.03
N LEU A 43 11.39 10.30 13.21
CA LEU A 43 12.21 9.65 14.23
C LEU A 43 13.68 9.84 13.90
N LEU A 44 13.96 10.06 12.61
CA LEU A 44 15.33 10.26 12.15
C LEU A 44 15.68 11.74 12.16
N THR A 45 14.73 12.60 11.82
CA THR A 45 14.99 14.04 11.81
C THR A 45 15.03 14.60 13.22
N GLY A 46 14.57 13.80 14.19
CA GLY A 46 14.55 14.26 15.57
C GLY A 46 15.45 13.42 16.47
N LEU A 47 15.60 12.13 16.17
CA LEU A 47 16.42 11.26 17.00
C LEU A 47 17.64 10.72 16.23
N PHE A 48 17.75 11.13 14.97
CA PHE A 48 18.86 10.72 14.11
C PHE A 48 19.30 9.27 14.38
N VAL A 49 20.29 9.08 15.25
CA VAL A 49 20.79 7.76 15.57
C VAL A 49 19.67 6.86 16.11
N GLN A 50 19.84 5.55 15.96
CA GLN A 50 18.86 4.58 16.42
C GLN A 50 19.33 3.15 16.19
N ASP A 51 20.02 2.60 17.18
CA ASP A 51 20.54 1.24 17.08
C ASP A 51 20.13 0.39 18.29
N ASN A 52 19.23 0.93 19.10
CA ASN A 52 18.75 0.23 20.29
C ASN A 52 19.93 -0.19 21.19
N VAL A 53 19.62 -0.97 22.22
CA VAL A 53 20.65 -1.44 23.15
C VAL A 53 20.80 -2.95 23.07
N ASN A 54 22.01 -3.43 23.30
CA ASN A 54 22.29 -4.87 23.25
C ASN A 54 21.98 -5.43 21.87
N LYS A 55 22.18 -6.74 21.71
CA LYS A 55 21.91 -7.40 20.44
C LYS A 55 21.59 -8.87 20.67
N ASP A 56 22.43 -9.55 21.44
CA ASP A 56 22.24 -10.96 21.73
C ASP A 56 20.89 -11.20 22.42
N ALA A 57 20.60 -10.37 23.42
CA ALA A 57 19.34 -10.48 24.15
C ALA A 57 18.19 -9.90 23.36
N THR B 1 -28.69 -21.72 -17.39
CA THR B 1 -27.73 -20.75 -17.99
C THR B 1 -26.90 -21.41 -19.09
N ARG B 2 -26.68 -20.67 -20.18
CA ARG B 2 -25.90 -21.19 -21.30
C ARG B 2 -24.67 -20.31 -21.54
N ALA B 3 -24.91 -19.03 -21.78
CA ALA B 3 -23.81 -18.09 -22.03
C ALA B 3 -24.28 -16.65 -21.86
N HIS B 4 -24.39 -16.22 -20.62
CA HIS B 4 -24.83 -14.85 -20.32
C HIS B 4 -24.35 -14.41 -18.94
N LEU B 5 -23.23 -14.98 -18.50
CA LEU B 5 -22.67 -14.64 -17.19
C LEU B 5 -21.49 -13.67 -17.32
N THR B 6 -21.16 -13.30 -18.56
CA THR B 6 -20.07 -12.37 -18.82
C THR B 6 -20.28 -11.05 -18.07
N GLU B 7 -21.45 -10.46 -18.27
CA GLU B 7 -21.79 -9.20 -17.61
C GLU B 7 -21.58 -9.31 -16.11
N VAL B 8 -21.97 -10.44 -15.53
CA VAL B 8 -21.82 -10.65 -14.09
C VAL B 8 -20.33 -10.65 -13.71
N GLU B 9 -19.51 -11.28 -14.55
CA GLU B 9 -18.07 -11.31 -14.30
C GLU B 9 -17.57 -9.88 -14.19
N SER B 10 -17.69 -9.16 -15.29
CA SER B 10 -17.28 -7.76 -15.32
C SER B 10 -17.96 -7.00 -14.17
N ARG B 11 -19.05 -7.55 -13.67
CA ARG B 11 -19.82 -6.95 -12.59
C ARG B 11 -19.05 -6.93 -11.28
N LEU B 12 -18.92 -8.10 -10.65
CA LEU B 12 -18.21 -8.13 -9.37
C LEU B 12 -16.77 -7.69 -9.56
N GLU B 13 -16.28 -7.85 -10.79
CA GLU B 13 -14.95 -7.42 -11.14
C GLU B 13 -14.89 -5.90 -11.03
N ARG B 14 -15.98 -5.26 -11.43
CA ARG B 14 -16.08 -3.81 -11.35
C ARG B 14 -16.36 -3.40 -9.91
N LEU B 15 -16.87 -4.34 -9.11
CA LEU B 15 -17.17 -4.09 -7.71
C LEU B 15 -15.89 -4.04 -6.89
N GLU B 16 -14.93 -4.82 -7.33
CA GLU B 16 -13.62 -4.87 -6.66
C GLU B 16 -12.66 -3.89 -7.28
N GLN B 17 -12.90 -3.53 -8.55
CA GLN B 17 -12.04 -2.58 -9.25
C GLN B 17 -12.00 -1.25 -8.51
N LEU B 18 -13.15 -0.84 -7.97
CA LEU B 18 -13.25 0.40 -7.22
C LEU B 18 -12.66 0.26 -5.82
N PHE B 19 -12.38 -0.99 -5.43
CA PHE B 19 -11.81 -1.28 -4.11
C PHE B 19 -12.86 -1.18 -3.02
N LEU B 20 -12.92 -2.20 -2.17
CA LEU B 20 -13.88 -2.23 -1.07
C LEU B 20 -13.27 -2.92 0.16
N LEU B 21 -12.20 -2.34 0.67
CA LEU B 21 -11.53 -2.89 1.85
C LEU B 21 -11.16 -4.37 1.64
N ILE B 22 -10.47 -4.64 0.53
CA ILE B 22 -10.07 -6.01 0.21
C ILE B 22 -8.60 -6.25 0.60
N PHE B 23 -7.76 -5.26 0.32
CA PHE B 23 -6.33 -5.37 0.63
C PHE B 23 -6.09 -5.11 2.13
N PRO B 24 -5.64 -6.14 2.87
CA PRO B 24 -5.37 -6.01 4.31
C PRO B 24 -4.41 -4.87 4.61
N ARG B 25 -4.74 -4.06 5.61
CA ARG B 25 -3.91 -2.94 6.00
C ARG B 25 -4.15 -2.55 7.46
N GLU B 26 -3.42 -3.20 8.35
CA GLU B 26 -3.54 -2.94 9.78
C GLU B 26 -2.34 -3.49 10.54
N ASP B 27 -1.41 -2.61 10.90
CA ASP B 27 -0.21 -3.00 11.62
C ASP B 27 0.68 -3.87 10.72
N LEU B 28 1.94 -3.48 10.61
CA LEU B 28 2.89 -4.20 9.77
C LEU B 28 2.49 -4.15 8.30
N ASP B 29 2.60 -2.96 7.72
CA ASP B 29 2.26 -2.75 6.32
C ASP B 29 3.29 -3.40 5.41
N MET B 30 2.98 -4.60 4.94
CA MET B 30 3.88 -5.34 4.06
C MET B 30 4.08 -4.58 2.75
N ILE B 31 3.10 -3.77 2.37
CA ILE B 31 3.18 -2.99 1.14
C ILE B 31 4.37 -2.04 1.15
N LEU B 32 4.44 -1.19 2.17
CA LEU B 32 5.53 -0.23 2.28
C LEU B 32 6.78 -0.87 2.89
N LYS B 33 6.61 -2.04 3.49
CA LYS B 33 7.74 -2.75 4.10
C LYS B 33 8.54 -3.51 3.05
N MET B 34 7.86 -3.85 1.95
CA MET B 34 8.51 -4.58 0.86
C MET B 34 8.77 -3.65 -0.33
N ASP B 35 8.01 -2.57 -0.41
CA ASP B 35 8.15 -1.62 -1.50
C ASP B 35 9.45 -0.82 -1.34
N SER B 36 9.50 0.03 -0.32
CA SER B 36 10.68 0.85 -0.07
C SER B 36 10.86 1.09 1.43
N LEU B 37 10.31 2.19 1.93
CA LEU B 37 10.42 2.54 3.35
C LEU B 37 11.83 2.33 3.87
N ARG B 38 12.82 2.49 2.99
CA ARG B 38 14.22 2.31 3.37
C ARG B 38 15.06 3.51 2.91
N ASP B 39 14.71 4.11 1.78
CA ASP B 39 15.45 5.26 1.26
C ASP B 39 15.24 6.49 2.14
N ILE B 40 14.28 6.40 3.07
CA ILE B 40 14.00 7.50 3.99
C ILE B 40 14.86 7.38 5.22
N GLU B 41 14.82 6.21 5.85
CA GLU B 41 15.64 5.95 7.02
C GLU B 41 17.11 5.90 6.59
N ALA B 42 17.32 5.75 5.29
CA ALA B 42 18.66 5.69 4.72
C ALA B 42 19.16 7.09 4.40
N LEU B 43 18.32 7.87 3.73
CA LEU B 43 18.68 9.24 3.39
C LEU B 43 18.85 10.06 4.67
N LEU B 44 18.20 9.61 5.73
CA LEU B 44 18.28 10.28 7.03
C LEU B 44 19.42 9.70 7.85
N THR B 45 19.64 8.39 7.77
CA THR B 45 20.71 7.77 8.54
C THR B 45 22.08 8.07 7.92
N GLY B 46 22.07 8.59 6.69
CA GLY B 46 23.32 8.91 6.01
C GLY B 46 23.48 10.38 5.71
N LEU B 47 22.38 11.09 5.49
CA LEU B 47 22.43 12.52 5.18
C LEU B 47 21.75 13.36 6.25
N PHE B 48 21.22 12.70 7.27
CA PHE B 48 20.55 13.36 8.39
C PHE B 48 19.75 14.60 7.94
N VAL B 49 20.38 15.77 7.99
CA VAL B 49 19.73 17.01 7.59
C VAL B 49 19.24 16.93 6.14
N GLN B 50 18.22 17.73 5.82
CA GLN B 50 17.66 17.76 4.48
C GLN B 50 16.56 18.81 4.36
N ASP B 51 16.95 20.03 4.00
CA ASP B 51 15.98 21.12 3.85
C ASP B 51 16.12 21.80 2.50
N ASN B 52 16.89 21.19 1.60
CA ASN B 52 17.09 21.74 0.26
C ASN B 52 17.59 23.18 0.33
N VAL B 53 17.67 23.85 -0.82
CA VAL B 53 18.13 25.22 -0.88
C VAL B 53 17.02 26.14 -1.35
N ASN B 54 17.03 27.38 -0.87
CA ASN B 54 16.01 28.36 -1.24
C ASN B 54 14.62 27.88 -0.83
N LYS B 55 13.61 28.69 -1.12
CA LYS B 55 12.24 28.34 -0.79
C LYS B 55 11.26 29.03 -1.73
N ASP B 56 11.44 30.33 -1.91
CA ASP B 56 10.58 31.11 -2.80
C ASP B 56 10.63 30.56 -4.21
N ALA B 57 11.85 30.31 -4.71
CA ALA B 57 12.04 29.79 -6.05
C ALA B 57 11.72 28.29 -6.11
N THR A 1 -36.04 -18.99 -11.47
CA THR A 1 -35.17 -20.19 -11.41
C THR A 1 -33.80 -19.91 -12.04
N ARG A 2 -33.81 -19.11 -13.10
CA ARG A 2 -32.57 -18.77 -13.80
C ARG A 2 -31.89 -20.02 -14.35
N ALA A 3 -30.84 -19.81 -15.14
CA ALA A 3 -30.10 -20.91 -15.74
C ALA A 3 -28.87 -21.26 -14.91
N HIS A 4 -27.83 -20.43 -15.03
CA HIS A 4 -26.60 -20.65 -14.28
C HIS A 4 -25.96 -19.32 -13.87
N LEU A 5 -25.49 -19.27 -12.63
CA LEU A 5 -24.86 -18.06 -12.09
C LEU A 5 -23.36 -18.28 -11.91
N THR A 6 -23.03 -19.29 -11.11
CA THR A 6 -21.64 -19.66 -10.79
C THR A 6 -20.63 -19.14 -11.82
N GLU A 7 -20.84 -19.49 -13.08
CA GLU A 7 -19.94 -19.08 -14.14
C GLU A 7 -19.83 -17.57 -14.22
N VAL A 8 -20.97 -16.91 -14.28
CA VAL A 8 -21.03 -15.45 -14.38
C VAL A 8 -20.43 -14.76 -13.14
N GLU A 9 -20.92 -15.11 -11.95
CA GLU A 9 -20.40 -14.49 -10.73
C GLU A 9 -18.89 -14.65 -10.71
N SER A 10 -18.45 -15.90 -10.68
CA SER A 10 -17.03 -16.21 -10.69
C SER A 10 -16.35 -15.44 -11.82
N ARG A 11 -17.12 -15.14 -12.86
CA ARG A 11 -16.62 -14.39 -14.00
C ARG A 11 -16.14 -13.02 -13.59
N LEU A 12 -17.05 -12.18 -13.09
CA LEU A 12 -16.61 -10.85 -12.69
C LEU A 12 -15.62 -10.98 -11.54
N GLU A 13 -15.61 -12.14 -10.88
CA GLU A 13 -14.64 -12.39 -9.83
C GLU A 13 -13.27 -12.42 -10.48
N ARG A 14 -13.22 -12.99 -11.69
CA ARG A 14 -12.00 -13.04 -12.46
C ARG A 14 -11.66 -11.63 -12.89
N LEU A 15 -12.70 -10.83 -13.11
CA LEU A 15 -12.51 -9.43 -13.48
C LEU A 15 -11.79 -8.71 -12.35
N GLU A 16 -12.06 -9.19 -11.14
CA GLU A 16 -11.45 -8.64 -9.94
C GLU A 16 -10.02 -9.17 -9.77
N GLN A 17 -9.81 -10.40 -10.24
CA GLN A 17 -8.49 -11.02 -10.14
C GLN A 17 -7.43 -10.14 -10.80
N LEU A 18 -7.81 -9.49 -11.89
CA LEU A 18 -6.91 -8.61 -12.62
C LEU A 18 -6.67 -7.33 -11.83
N PHE A 19 -7.67 -6.92 -11.05
CA PHE A 19 -7.55 -5.70 -10.24
C PHE A 19 -6.49 -5.87 -9.16
N LEU A 20 -5.32 -5.27 -9.40
CA LEU A 20 -4.22 -5.34 -8.45
C LEU A 20 -4.65 -4.90 -7.05
N LEU A 21 -4.86 -3.60 -6.89
CA LEU A 21 -5.27 -3.05 -5.60
C LEU A 21 -6.30 -1.94 -5.79
N ILE A 22 -7.38 -2.26 -6.52
CA ILE A 22 -8.45 -1.30 -6.79
C ILE A 22 -7.90 0.07 -7.13
N PHE A 23 -6.74 0.10 -7.78
CA PHE A 23 -6.12 1.35 -8.17
C PHE A 23 -5.48 1.23 -9.55
N PRO A 24 -5.27 2.37 -10.24
CA PRO A 24 -4.67 2.39 -11.57
C PRO A 24 -3.36 1.62 -11.63
N ARG A 25 -2.92 1.31 -12.85
CA ARG A 25 -1.68 0.57 -13.05
C ARG A 25 -0.48 1.51 -13.09
N GLU A 26 0.09 1.78 -11.92
CA GLU A 26 1.24 2.66 -11.82
C GLU A 26 2.00 2.43 -10.52
N ASP A 27 3.30 2.71 -10.54
CA ASP A 27 4.14 2.53 -9.36
C ASP A 27 3.99 3.71 -8.40
N LEU A 28 3.05 3.61 -7.48
CA LEU A 28 2.81 4.67 -6.51
C LEU A 28 3.03 4.17 -5.09
N ASP A 29 2.93 5.07 -4.12
CA ASP A 29 3.12 4.72 -2.71
C ASP A 29 2.07 5.39 -1.84
N MET A 30 0.80 5.09 -2.12
CA MET A 30 -0.31 5.67 -1.36
C MET A 30 -0.16 5.39 0.13
N ILE A 31 0.17 4.15 0.47
CA ILE A 31 0.34 3.76 1.86
C ILE A 31 1.40 4.62 2.54
N LEU A 32 2.48 4.91 1.81
CA LEU A 32 3.56 5.74 2.33
C LEU A 32 3.12 7.19 2.45
N LYS A 33 2.18 7.60 1.61
CA LYS A 33 1.67 8.96 1.62
C LYS A 33 0.66 9.17 2.75
N MET A 34 0.05 8.08 3.20
CA MET A 34 -0.94 8.14 4.27
C MET A 34 -0.30 7.84 5.63
N ASP A 35 0.84 7.16 5.60
CA ASP A 35 1.54 6.80 6.83
C ASP A 35 2.68 7.78 7.13
N SER A 36 2.90 8.75 6.23
CA SER A 36 3.96 9.73 6.41
C SER A 36 5.32 9.07 6.40
N LEU A 37 6.30 9.76 5.83
CA LEU A 37 7.66 9.25 5.76
C LEU A 37 8.68 10.39 5.78
N ARG A 38 8.30 11.51 6.37
CA ARG A 38 9.17 12.67 6.45
C ARG A 38 9.53 13.00 7.91
N ASP A 39 8.76 12.45 8.85
CA ASP A 39 9.01 12.70 10.27
C ASP A 39 10.28 11.99 10.74
N ILE A 40 10.84 11.13 9.89
CA ILE A 40 12.06 10.41 10.22
C ILE A 40 13.25 11.23 9.76
N GLU A 41 13.26 11.57 8.47
CA GLU A 41 14.32 12.39 7.92
C GLU A 41 14.26 13.79 8.54
N ALA A 42 13.11 14.10 9.14
CA ALA A 42 12.91 15.39 9.79
C ALA A 42 13.37 15.34 11.24
N LEU A 43 12.83 14.39 12.00
CA LEU A 43 13.23 14.26 13.40
C LEU A 43 14.73 14.00 13.50
N LEU A 44 15.30 13.48 12.42
CA LEU A 44 16.72 13.19 12.36
C LEU A 44 17.50 14.38 11.82
N THR A 45 16.97 15.04 10.79
CA THR A 45 17.65 16.19 10.22
C THR A 45 17.60 17.39 11.16
N GLY A 46 16.77 17.29 12.20
CA GLY A 46 16.65 18.39 13.15
C GLY A 46 17.08 17.99 14.56
N LEU A 47 16.84 16.74 14.93
CA LEU A 47 17.20 16.27 16.27
C LEU A 47 18.50 15.49 16.26
N PHE A 48 19.07 15.29 15.08
CA PHE A 48 20.32 14.56 14.92
C PHE A 48 20.38 13.33 15.83
N VAL A 49 19.73 12.26 15.41
CA VAL A 49 19.70 11.03 16.19
C VAL A 49 20.88 10.13 15.83
N GLN A 50 21.88 10.09 16.71
CA GLN A 50 23.06 9.28 16.49
C GLN A 50 23.05 8.04 17.39
N ASP A 51 23.21 8.26 18.68
CA ASP A 51 23.22 7.16 19.65
C ASP A 51 21.85 6.48 19.71
N ASN A 52 21.85 5.22 20.13
CA ASN A 52 20.61 4.45 20.23
C ASN A 52 20.31 4.09 21.68
N VAL A 53 19.20 3.40 21.90
CA VAL A 53 18.81 2.98 23.24
C VAL A 53 19.63 1.80 23.71
N ASN A 54 19.87 0.85 22.81
CA ASN A 54 20.64 -0.35 23.14
C ASN A 54 21.28 -0.94 21.89
N LYS A 55 22.52 -0.54 21.61
CA LYS A 55 23.25 -1.02 20.45
C LYS A 55 24.67 -1.44 20.82
N ASP A 56 25.42 -0.50 21.37
CA ASP A 56 26.81 -0.76 21.77
C ASP A 56 27.29 0.30 22.77
N ALA A 57 27.52 -0.14 24.01
CA ALA A 57 27.99 0.76 25.05
C ALA A 57 29.47 0.56 25.33
N THR B 1 -29.72 -22.79 -21.30
CA THR B 1 -28.65 -22.34 -20.38
C THR B 1 -28.12 -20.96 -20.77
N ARG B 2 -28.98 -19.95 -20.66
CA ARG B 2 -28.60 -18.59 -21.01
C ARG B 2 -29.75 -17.62 -20.71
N ALA B 3 -29.93 -17.31 -19.44
CA ALA B 3 -30.99 -16.39 -19.03
C ALA B 3 -30.46 -14.97 -18.86
N HIS B 4 -29.76 -14.74 -17.75
CA HIS B 4 -29.20 -13.42 -17.47
C HIS B 4 -27.86 -13.54 -16.77
N LEU B 5 -26.89 -12.72 -17.18
CA LEU B 5 -25.56 -12.73 -16.60
C LEU B 5 -25.32 -11.45 -15.80
N THR B 6 -25.45 -10.31 -16.49
CA THR B 6 -25.26 -8.99 -15.91
C THR B 6 -25.40 -8.96 -14.38
N GLU B 7 -26.53 -9.44 -13.89
CA GLU B 7 -26.79 -9.45 -12.45
C GLU B 7 -25.73 -10.25 -11.70
N VAL B 8 -25.49 -11.47 -12.17
CA VAL B 8 -24.52 -12.36 -11.55
C VAL B 8 -23.09 -11.81 -11.63
N GLU B 9 -22.63 -11.48 -12.84
CA GLU B 9 -21.28 -10.96 -12.99
C GLU B 9 -21.10 -9.77 -12.06
N SER B 10 -21.90 -8.74 -12.30
CA SER B 10 -21.89 -7.55 -11.47
C SER B 10 -21.96 -7.95 -9.99
N ARG B 11 -22.59 -9.10 -9.74
CA ARG B 11 -22.72 -9.63 -8.39
C ARG B 11 -21.37 -9.87 -7.77
N LEU B 12 -20.60 -10.80 -8.34
CA LEU B 12 -19.30 -11.06 -7.76
C LEU B 12 -18.43 -9.81 -7.84
N GLU B 13 -18.83 -8.88 -8.73
CA GLU B 13 -18.14 -7.61 -8.82
C GLU B 13 -18.35 -6.87 -7.51
N ARG B 14 -19.55 -7.02 -6.97
CA ARG B 14 -19.89 -6.42 -5.70
C ARG B 14 -19.11 -7.15 -4.62
N LEU B 15 -18.86 -8.43 -4.85
CA LEU B 15 -18.07 -9.23 -3.93
C LEU B 15 -16.66 -8.65 -3.85
N GLU B 16 -16.24 -8.08 -4.97
CA GLU B 16 -14.93 -7.46 -5.08
C GLU B 16 -14.94 -6.07 -4.44
N GLN B 17 -16.10 -5.41 -4.52
CA GLN B 17 -16.26 -4.08 -3.95
C GLN B 17 -15.88 -4.07 -2.47
N LEU B 18 -16.20 -5.16 -1.79
CA LEU B 18 -15.89 -5.30 -0.37
C LEU B 18 -14.39 -5.52 -0.18
N PHE B 19 -13.76 -6.16 -1.16
CA PHE B 19 -12.33 -6.42 -1.08
C PHE B 19 -11.53 -5.12 -1.11
N LEU B 20 -11.05 -4.72 0.07
CA LEU B 20 -10.27 -3.49 0.19
C LEU B 20 -9.09 -3.48 -0.78
N LEU B 21 -8.08 -4.29 -0.49
CA LEU B 21 -6.89 -4.36 -1.33
C LEU B 21 -6.41 -5.81 -1.46
N ILE B 22 -7.32 -6.70 -1.86
CA ILE B 22 -7.00 -8.12 -2.02
C ILE B 22 -6.15 -8.64 -0.88
N PHE B 23 -6.35 -8.08 0.31
CA PHE B 23 -5.59 -8.48 1.50
C PHE B 23 -6.50 -8.54 2.72
N PRO B 24 -6.09 -9.30 3.76
CA PRO B 24 -6.87 -9.43 4.99
C PRO B 24 -7.24 -8.08 5.60
N ARG B 25 -8.20 -8.08 6.51
CA ARG B 25 -8.64 -6.85 7.16
C ARG B 25 -7.77 -6.54 8.37
N GLU B 26 -6.69 -5.79 8.14
CA GLU B 26 -5.78 -5.42 9.22
C GLU B 26 -4.94 -4.21 8.82
N ASP B 27 -4.53 -3.43 9.81
CA ASP B 27 -3.73 -2.24 9.57
C ASP B 27 -2.25 -2.61 9.38
N LEU B 28 -1.88 -2.87 8.13
CA LEU B 28 -0.50 -3.23 7.82
C LEU B 28 0.13 -2.21 6.87
N ASP B 29 1.41 -2.40 6.58
CA ASP B 29 2.13 -1.49 5.69
C ASP B 29 3.02 -2.27 4.71
N MET B 30 2.39 -3.13 3.91
CA MET B 30 3.11 -3.94 2.94
C MET B 30 3.94 -3.06 2.01
N ILE B 31 3.34 -2.00 1.50
CA ILE B 31 4.02 -1.08 0.60
C ILE B 31 5.29 -0.53 1.24
N LEU B 32 5.19 -0.21 2.53
CA LEU B 32 6.32 0.32 3.27
C LEU B 32 7.38 -0.76 3.50
N LYS B 33 6.94 -2.01 3.55
CA LYS B 33 7.84 -3.13 3.78
C LYS B 33 8.57 -3.51 2.48
N MET B 34 7.97 -3.16 1.35
CA MET B 34 8.57 -3.47 0.05
C MET B 34 9.37 -2.28 -0.49
N ASP B 35 9.07 -1.09 0.01
CA ASP B 35 9.76 0.11 -0.42
C ASP B 35 10.87 0.51 0.56
N SER B 36 10.99 -0.24 1.64
CA SER B 36 12.01 0.03 2.65
C SER B 36 11.79 1.39 3.31
N LEU B 37 12.07 1.48 4.60
CA LEU B 37 11.89 2.72 5.34
C LEU B 37 12.91 2.83 6.48
N ARG B 38 14.04 2.15 6.31
CA ARG B 38 15.10 2.18 7.32
C ARG B 38 16.37 2.83 6.80
N ASP B 39 16.47 2.98 5.48
CA ASP B 39 17.64 3.60 4.86
C ASP B 39 17.68 5.10 5.14
N ILE B 40 16.58 5.63 5.68
CA ILE B 40 16.50 7.05 6.00
C ILE B 40 16.99 7.27 7.42
N GLU B 41 16.39 6.55 8.36
CA GLU B 41 16.79 6.63 9.75
C GLU B 41 18.21 6.07 9.90
N ALA B 42 18.63 5.31 8.90
CA ALA B 42 19.96 4.70 8.89
C ALA B 42 20.97 5.65 8.28
N LEU B 43 20.71 6.12 7.06
CA LEU B 43 21.61 7.04 6.40
C LEU B 43 21.76 8.30 7.24
N LEU B 44 20.77 8.57 8.08
CA LEU B 44 20.78 9.73 8.94
C LEU B 44 21.41 9.40 10.30
N THR B 45 21.10 8.23 10.84
CA THR B 45 21.66 7.84 12.13
C THR B 45 23.16 7.53 12.00
N GLY B 46 23.63 7.41 10.76
CA GLY B 46 25.03 7.10 10.54
C GLY B 46 25.77 8.20 9.79
N LEU B 47 25.08 8.88 8.88
CA LEU B 47 25.71 9.94 8.11
C LEU B 47 25.37 11.33 8.67
N PHE B 48 24.53 11.36 9.70
CA PHE B 48 24.12 12.60 10.34
C PHE B 48 23.86 13.71 9.31
N VAL B 49 22.68 13.66 8.69
CA VAL B 49 22.32 14.66 7.69
C VAL B 49 21.64 15.86 8.33
N GLN B 50 22.39 16.96 8.44
CA GLN B 50 21.86 18.18 9.03
C GLN B 50 21.57 19.23 7.96
N ASP B 51 22.62 19.75 7.36
CA ASP B 51 22.49 20.77 6.32
C ASP B 51 21.80 20.19 5.09
N ASN B 52 21.16 21.07 4.30
CA ASN B 52 20.45 20.64 3.10
C ASN B 52 21.11 21.23 1.86
N VAL B 53 20.57 20.91 0.69
CA VAL B 53 21.10 21.40 -0.57
C VAL B 53 20.71 22.85 -0.79
N ASN B 54 19.46 23.19 -0.47
CA ASN B 54 18.96 24.55 -0.64
C ASN B 54 17.81 24.83 0.32
N LYS B 55 18.14 25.39 1.48
CA LYS B 55 17.13 25.70 2.48
C LYS B 55 17.34 27.11 3.04
N ASP B 56 18.52 27.35 3.59
CA ASP B 56 18.85 28.66 4.16
C ASP B 56 20.36 28.83 4.29
N ALA B 57 20.92 29.74 3.51
CA ALA B 57 22.35 30.00 3.55
C ALA B 57 22.66 31.30 4.29
N THR A 1 -26.44 -27.66 -16.76
CA THR A 1 -27.30 -26.96 -15.77
C THR A 1 -27.64 -25.55 -16.25
N ARG A 2 -28.29 -24.78 -15.38
CA ARG A 2 -28.67 -23.41 -15.70
C ARG A 2 -27.44 -22.55 -16.00
N ALA A 3 -27.49 -21.82 -17.11
CA ALA A 3 -26.39 -20.95 -17.50
C ALA A 3 -26.10 -19.92 -16.42
N HIS A 4 -24.88 -19.94 -15.89
CA HIS A 4 -24.48 -19.01 -14.83
C HIS A 4 -23.01 -18.62 -14.98
N LEU A 5 -22.72 -17.74 -15.92
CA LEU A 5 -21.34 -17.29 -16.15
C LEU A 5 -21.28 -16.23 -17.27
N THR A 6 -20.41 -16.45 -18.28
CA THR A 6 -20.23 -15.54 -19.41
C THR A 6 -20.62 -14.09 -19.12
N GLU A 7 -21.91 -13.77 -19.26
CA GLU A 7 -22.38 -12.41 -19.05
C GLU A 7 -22.17 -11.97 -17.61
N VAL A 8 -22.91 -12.59 -16.68
CA VAL A 8 -22.80 -12.22 -15.28
C VAL A 8 -21.36 -12.34 -14.78
N GLU A 9 -20.69 -13.43 -15.15
CA GLU A 9 -19.30 -13.63 -14.74
C GLU A 9 -18.49 -12.39 -15.13
N SER A 10 -18.65 -11.97 -16.36
CA SER A 10 -17.96 -10.78 -16.85
C SER A 10 -18.48 -9.56 -16.11
N ARG A 11 -19.66 -9.68 -15.53
CA ARG A 11 -20.29 -8.60 -14.80
C ARG A 11 -19.56 -8.30 -13.49
N LEU A 12 -19.68 -9.20 -12.51
CA LEU A 12 -19.01 -8.95 -11.24
C LEU A 12 -17.51 -8.88 -11.48
N GLU A 13 -17.04 -9.74 -12.36
CA GLU A 13 -15.64 -9.74 -12.73
C GLU A 13 -15.25 -8.33 -13.17
N ARG A 14 -16.16 -7.66 -13.90
CA ARG A 14 -15.89 -6.29 -14.33
C ARG A 14 -15.95 -5.37 -13.11
N LEU A 15 -16.74 -5.77 -12.12
CA LEU A 15 -16.86 -5.00 -10.89
C LEU A 15 -15.52 -4.99 -10.18
N GLU A 16 -14.74 -6.03 -10.41
CA GLU A 16 -13.41 -6.15 -9.84
C GLU A 16 -12.40 -5.48 -10.76
N GLN A 17 -12.74 -5.42 -12.05
CA GLN A 17 -11.89 -4.81 -13.06
C GLN A 17 -10.63 -5.61 -13.32
N LEU A 18 -9.67 -5.52 -12.40
CA LEU A 18 -8.41 -6.23 -12.54
C LEU A 18 -8.27 -7.32 -11.49
N PHE A 19 -9.35 -8.05 -11.23
CA PHE A 19 -9.35 -9.12 -10.24
C PHE A 19 -8.05 -9.92 -10.29
N LEU A 20 -7.18 -9.69 -9.31
CA LEU A 20 -5.89 -10.37 -9.24
C LEU A 20 -5.49 -10.63 -7.79
N LEU A 21 -5.22 -9.54 -7.07
CA LEU A 21 -4.81 -9.64 -5.66
C LEU A 21 -5.25 -8.41 -4.88
N ILE A 22 -4.49 -7.32 -5.01
CA ILE A 22 -4.80 -6.09 -4.32
C ILE A 22 -5.20 -4.98 -5.29
N PHE A 23 -5.71 -5.38 -6.47
CA PHE A 23 -6.13 -4.42 -7.48
C PHE A 23 -4.98 -3.47 -7.84
N PRO A 24 -4.18 -3.82 -8.86
CA PRO A 24 -3.06 -2.99 -9.30
C PRO A 24 -3.52 -1.69 -9.97
N ARG A 25 -3.33 -0.58 -9.27
CA ARG A 25 -3.73 0.73 -9.80
C ARG A 25 -2.75 1.82 -9.37
N GLU A 26 -2.57 2.80 -10.24
CA GLU A 26 -1.66 3.91 -9.95
C GLU A 26 -0.26 3.41 -9.63
N ASP A 27 0.67 4.34 -9.39
CA ASP A 27 2.05 3.99 -9.08
C ASP A 27 2.47 4.65 -7.76
N LEU A 28 1.54 4.71 -6.81
CA LEU A 28 1.82 5.31 -5.52
C LEU A 28 2.13 4.24 -4.48
N ASP A 29 2.81 3.19 -4.92
CA ASP A 29 3.17 2.08 -4.03
C ASP A 29 4.69 1.99 -3.88
N MET A 30 5.38 3.09 -4.17
CA MET A 30 6.83 3.12 -4.06
C MET A 30 7.26 3.07 -2.59
N ILE A 31 6.41 3.59 -1.72
CA ILE A 31 6.69 3.59 -0.29
C ILE A 31 6.42 2.22 0.33
N LEU A 32 5.27 1.64 -0.02
CA LEU A 32 4.89 0.33 0.49
C LEU A 32 5.78 -0.77 -0.07
N LYS A 33 6.36 -0.52 -1.24
CA LYS A 33 7.23 -1.49 -1.89
C LYS A 33 8.68 -1.29 -1.46
N MET A 34 9.25 -0.16 -1.85
CA MET A 34 10.63 0.15 -1.51
C MET A 34 10.85 0.15 0.01
N ASP A 35 9.77 0.40 0.76
CA ASP A 35 9.84 0.43 2.22
C ASP A 35 10.44 1.74 2.71
N SER A 36 11.67 2.04 2.29
CA SER A 36 12.34 3.25 2.69
C SER A 36 12.60 3.26 4.19
N LEU A 37 12.90 4.44 4.74
CA LEU A 37 13.17 4.59 6.17
C LEU A 37 14.50 3.95 6.53
N ARG A 38 15.44 3.95 5.59
CA ARG A 38 16.76 3.37 5.82
C ARG A 38 17.85 4.32 5.32
N ASP A 39 17.75 4.75 4.07
CA ASP A 39 18.73 5.66 3.49
C ASP A 39 18.59 7.06 4.11
N ILE A 40 17.52 7.27 4.86
CA ILE A 40 17.27 8.55 5.52
C ILE A 40 17.88 8.52 6.89
N GLU A 41 17.54 7.48 7.66
CA GLU A 41 18.08 7.31 8.98
C GLU A 41 19.58 7.04 8.87
N ALA A 42 20.01 6.66 7.67
CA ALA A 42 21.41 6.37 7.40
C ALA A 42 22.15 7.64 6.98
N LEU A 43 21.62 8.33 5.97
CA LEU A 43 22.24 9.56 5.51
C LEU A 43 22.25 10.59 6.63
N LEU A 44 21.37 10.40 7.61
CA LEU A 44 21.28 11.31 8.75
C LEU A 44 22.11 10.78 9.91
N THR A 45 22.13 9.48 10.13
CA THR A 45 22.90 8.91 11.22
C THR A 45 24.40 8.97 10.91
N GLY A 46 24.73 9.24 9.66
CA GLY A 46 26.13 9.32 9.26
C GLY A 46 26.51 10.66 8.67
N LEU A 47 25.58 11.32 7.99
CA LEU A 47 25.84 12.61 7.38
C LEU A 47 25.00 13.72 7.99
N PHE A 48 24.26 13.39 9.04
CA PHE A 48 23.40 14.36 9.71
C PHE A 48 22.59 15.16 8.67
N VAL A 49 22.34 16.43 8.94
CA VAL A 49 21.58 17.26 8.03
C VAL A 49 22.46 17.77 6.89
N GLN A 50 21.81 18.15 5.79
CA GLN A 50 22.53 18.66 4.61
C GLN A 50 23.44 17.58 4.04
N ASP A 51 23.57 17.57 2.71
CA ASP A 51 24.42 16.60 2.03
C ASP A 51 25.65 17.26 1.44
N ASN A 52 25.49 18.51 1.00
CA ASN A 52 26.59 19.26 0.41
C ASN A 52 27.12 18.56 -0.84
N VAL A 53 26.22 17.93 -1.58
CA VAL A 53 26.59 17.22 -2.80
C VAL A 53 25.60 17.50 -3.93
N ASN A 54 26.04 17.29 -5.15
CA ASN A 54 25.19 17.52 -6.32
C ASN A 54 24.02 16.54 -6.34
N LYS A 55 22.82 17.05 -6.05
CA LYS A 55 21.62 16.23 -6.05
C LYS A 55 21.21 15.84 -7.46
N ASP A 56 20.73 14.62 -7.62
CA ASP A 56 20.30 14.13 -8.92
C ASP A 56 19.59 12.78 -8.80
N ALA A 57 18.90 12.38 -9.86
CA ALA A 57 18.18 11.11 -9.87
C ALA A 57 18.65 10.22 -11.00
N THR B 1 -36.71 -13.82 -18.54
CA THR B 1 -36.24 -14.67 -19.67
C THR B 1 -34.75 -14.47 -19.93
N ARG B 2 -34.00 -14.13 -18.89
CA ARG B 2 -32.57 -13.91 -19.02
C ARG B 2 -31.92 -13.64 -17.66
N ALA B 3 -32.16 -14.54 -16.71
CA ALA B 3 -31.60 -14.39 -15.37
C ALA B 3 -30.08 -14.33 -15.43
N HIS B 4 -29.52 -13.22 -14.95
CA HIS B 4 -28.08 -13.02 -14.95
C HIS B 4 -27.63 -12.24 -13.72
N LEU B 5 -27.57 -12.91 -12.57
CA LEU B 5 -27.16 -12.26 -11.33
C LEU B 5 -27.13 -13.27 -10.16
N THR B 6 -27.81 -12.93 -9.05
CA THR B 6 -27.89 -13.78 -7.85
C THR B 6 -26.71 -14.74 -7.70
N GLU B 7 -26.81 -15.91 -8.33
CA GLU B 7 -25.77 -16.93 -8.23
C GLU B 7 -24.44 -16.44 -8.80
N VAL B 8 -24.41 -16.23 -10.11
CA VAL B 8 -23.18 -15.78 -10.78
C VAL B 8 -22.68 -14.49 -10.16
N GLU B 9 -23.60 -13.54 -9.93
CA GLU B 9 -23.21 -12.27 -9.33
C GLU B 9 -22.44 -12.53 -8.04
N SER B 10 -22.99 -13.39 -7.22
CA SER B 10 -22.35 -13.76 -5.96
C SER B 10 -21.05 -14.51 -6.26
N ARG B 11 -20.96 -15.05 -7.47
CA ARG B 11 -19.80 -15.81 -7.91
C ARG B 11 -18.59 -14.92 -8.10
N LEU B 12 -18.59 -14.11 -9.15
CA LEU B 12 -17.44 -13.24 -9.39
C LEU B 12 -17.29 -12.29 -8.21
N GLU B 13 -18.42 -11.84 -7.70
CA GLU B 13 -18.42 -10.98 -6.53
C GLU B 13 -17.62 -11.67 -5.42
N ARG B 14 -17.78 -12.99 -5.30
CA ARG B 14 -17.04 -13.74 -4.30
C ARG B 14 -15.58 -13.81 -4.71
N LEU B 15 -15.33 -13.74 -6.02
CA LEU B 15 -13.98 -13.76 -6.55
C LEU B 15 -13.25 -12.50 -6.09
N GLU B 16 -14.03 -11.45 -5.85
CA GLU B 16 -13.48 -10.20 -5.36
C GLU B 16 -13.44 -10.22 -3.83
N GLN B 17 -14.34 -11.03 -3.24
CA GLN B 17 -14.41 -11.18 -1.80
C GLN B 17 -14.94 -9.92 -1.12
N LEU B 18 -14.08 -8.91 -1.01
CA LEU B 18 -14.47 -7.66 -0.36
C LEU B 18 -14.52 -6.52 -1.37
N PHE B 19 -15.06 -6.78 -2.55
CA PHE B 19 -15.18 -5.77 -3.60
C PHE B 19 -15.55 -4.40 -3.03
N LEU B 20 -14.57 -3.51 -2.95
CA LEU B 20 -14.79 -2.17 -2.42
C LEU B 20 -13.92 -1.15 -3.15
N LEU B 21 -12.61 -1.26 -2.97
CA LEU B 21 -11.67 -0.34 -3.61
C LEU B 21 -10.33 -1.03 -3.88
N ILE B 22 -9.51 -1.14 -2.84
CA ILE B 22 -8.20 -1.76 -2.97
C ILE B 22 -8.13 -3.08 -2.19
N PHE B 23 -9.29 -3.69 -1.96
CA PHE B 23 -9.36 -4.95 -1.22
C PHE B 23 -8.71 -4.82 0.16
N PRO B 24 -9.50 -4.45 1.18
CA PRO B 24 -8.99 -4.28 2.54
C PRO B 24 -8.59 -5.62 3.18
N ARG B 25 -7.30 -5.82 3.34
CA ARG B 25 -6.79 -7.05 3.93
C ARG B 25 -5.54 -6.78 4.75
N GLU B 26 -5.36 -7.55 5.83
CA GLU B 26 -4.22 -7.40 6.71
C GLU B 26 -2.91 -7.56 5.94
N ASP B 27 -2.41 -6.46 5.38
CA ASP B 27 -1.17 -6.49 4.63
C ASP B 27 -0.22 -5.38 5.09
N LEU B 28 -0.41 -4.92 6.32
CA LEU B 28 0.43 -3.86 6.88
C LEU B 28 0.39 -2.61 6.00
N ASP B 29 -0.56 -1.72 6.29
CA ASP B 29 -0.70 -0.48 5.54
C ASP B 29 -0.39 0.73 6.42
N MET B 30 0.33 0.49 7.52
CA MET B 30 0.68 1.56 8.44
C MET B 30 1.70 2.50 7.80
N ILE B 31 2.50 1.96 6.89
CA ILE B 31 3.52 2.75 6.21
C ILE B 31 2.89 3.57 5.07
N LEU B 32 2.04 2.93 4.29
CA LEU B 32 1.37 3.59 3.17
C LEU B 32 0.36 4.62 3.66
N LYS B 33 -0.14 4.41 4.88
CA LYS B 33 -1.12 5.32 5.46
C LYS B 33 -0.43 6.43 6.25
N MET B 34 0.23 6.06 7.34
CA MET B 34 0.93 7.01 8.19
C MET B 34 1.99 7.79 7.39
N ASP B 35 2.48 7.18 6.31
CA ASP B 35 3.49 7.80 5.46
C ASP B 35 4.87 7.71 6.10
N SER B 36 5.01 8.26 7.30
CA SER B 36 6.29 8.23 8.01
C SER B 36 7.35 9.03 7.26
N LEU B 37 8.61 8.80 7.60
CA LEU B 37 9.72 9.50 6.96
C LEU B 37 9.75 10.97 7.36
N ARG B 38 9.28 11.25 8.57
CA ARG B 38 9.25 12.62 9.08
C ARG B 38 9.80 12.68 10.51
N ASP B 39 9.25 11.85 11.38
CA ASP B 39 9.70 11.80 12.77
C ASP B 39 11.09 11.18 12.88
N ILE B 40 11.55 10.59 11.78
CA ILE B 40 12.87 9.97 11.73
C ILE B 40 13.88 10.99 11.28
N GLU B 41 13.58 11.64 10.15
CA GLU B 41 14.45 12.68 9.62
C GLU B 41 14.45 13.86 10.59
N ALA B 42 13.45 13.89 11.47
CA ALA B 42 13.31 14.94 12.45
C ALA B 42 14.07 14.59 13.72
N LEU B 43 13.80 13.42 14.27
CA LEU B 43 14.48 12.98 15.48
C LEU B 43 15.99 12.87 15.21
N LEU B 44 16.34 12.75 13.94
CA LEU B 44 17.74 12.64 13.54
C LEU B 44 18.30 14.00 13.17
N THR B 45 17.49 14.83 12.51
CA THR B 45 17.96 16.16 12.12
C THR B 45 18.07 17.08 13.33
N GLY B 46 17.48 16.65 14.45
CA GLY B 46 17.51 17.46 15.66
C GLY B 46 18.16 16.74 16.84
N LEU B 47 18.00 15.42 16.89
CA LEU B 47 18.57 14.63 17.99
C LEU B 47 19.63 13.66 17.50
N PHE B 48 19.96 13.74 16.22
CA PHE B 48 20.95 12.85 15.62
C PHE B 48 20.69 11.39 16.04
N VAL B 49 21.75 10.61 16.23
CA VAL B 49 21.61 9.22 16.64
C VAL B 49 21.36 9.10 18.14
N GLN B 50 20.78 7.98 18.55
CA GLN B 50 20.50 7.74 19.95
C GLN B 50 19.49 8.76 20.49
N ASP B 51 18.62 8.31 21.39
CA ASP B 51 17.61 9.19 21.97
C ASP B 51 17.91 9.46 23.44
N ASN B 52 18.48 8.46 24.11
CA ASN B 52 18.82 8.60 25.53
C ASN B 52 17.58 8.85 26.37
N VAL B 53 16.47 8.26 25.96
CA VAL B 53 15.20 8.43 26.67
C VAL B 53 14.47 7.10 26.82
N ASN B 54 13.58 7.02 27.80
CA ASN B 54 12.82 5.80 28.04
C ASN B 54 11.88 5.50 26.87
N LYS B 55 12.23 4.47 26.09
CA LYS B 55 11.43 4.07 24.95
C LYS B 55 10.14 3.41 25.39
N ASP B 56 9.05 3.68 24.66
CA ASP B 56 7.75 3.11 24.98
C ASP B 56 6.74 3.41 23.88
N ALA B 57 5.62 2.70 23.90
CA ALA B 57 4.57 2.88 22.90
C ALA B 57 3.25 3.26 23.56
N THR A 1 -25.10 -29.61 -24.74
CA THR A 1 -23.85 -29.57 -23.93
C THR A 1 -23.60 -28.17 -23.37
N ARG A 2 -24.58 -27.65 -22.63
CA ARG A 2 -24.47 -26.33 -22.04
C ARG A 2 -25.10 -26.30 -20.65
N ALA A 3 -25.05 -25.13 -20.01
CA ALA A 3 -25.61 -24.98 -18.67
C ALA A 3 -26.05 -23.54 -18.43
N HIS A 4 -27.30 -23.37 -18.01
CA HIS A 4 -27.85 -22.04 -17.74
C HIS A 4 -27.06 -21.38 -16.60
N LEU A 5 -25.94 -20.76 -16.94
CA LEU A 5 -25.11 -20.09 -15.94
C LEU A 5 -23.87 -19.45 -16.57
N THR A 6 -23.34 -20.09 -17.60
CA THR A 6 -22.14 -19.61 -18.29
C THR A 6 -22.16 -18.10 -18.57
N GLU A 7 -22.87 -17.71 -19.64
CA GLU A 7 -22.96 -16.30 -20.05
C GLU A 7 -22.98 -15.35 -18.86
N VAL A 8 -24.04 -15.43 -18.06
CA VAL A 8 -24.17 -14.56 -16.90
C VAL A 8 -22.93 -14.62 -16.01
N GLU A 9 -22.26 -15.77 -16.02
CA GLU A 9 -21.04 -15.94 -15.24
C GLU A 9 -19.98 -15.00 -15.77
N SER A 10 -19.80 -15.01 -17.09
CA SER A 10 -18.85 -14.11 -17.70
C SER A 10 -19.32 -12.68 -17.50
N ARG A 11 -20.60 -12.53 -17.18
CA ARG A 11 -21.21 -11.24 -16.95
C ARG A 11 -20.74 -10.60 -15.65
N LEU A 12 -21.24 -11.08 -14.52
CA LEU A 12 -20.83 -10.50 -13.25
C LEU A 12 -19.33 -10.64 -13.08
N GLU A 13 -18.78 -11.70 -13.66
CA GLU A 13 -17.34 -11.92 -13.62
C GLU A 13 -16.64 -10.77 -14.34
N ARG A 14 -17.23 -10.33 -15.45
CA ARG A 14 -16.66 -9.21 -16.20
C ARG A 14 -16.99 -7.88 -15.54
N LEU A 15 -17.96 -7.90 -14.62
CA LEU A 15 -18.37 -6.69 -13.92
C LEU A 15 -17.51 -6.43 -12.70
N GLU A 16 -16.90 -7.49 -12.18
CA GLU A 16 -16.05 -7.37 -11.01
C GLU A 16 -14.57 -7.47 -11.37
N GLN A 17 -14.26 -8.06 -12.53
CA GLN A 17 -12.88 -8.19 -12.96
C GLN A 17 -12.41 -6.91 -13.67
N LEU A 18 -13.28 -5.91 -13.75
CA LEU A 18 -12.95 -4.66 -14.41
C LEU A 18 -12.91 -3.51 -13.41
N PHE A 19 -13.79 -3.57 -12.42
CA PHE A 19 -13.85 -2.52 -11.40
C PHE A 19 -14.13 -3.13 -10.03
N LEU A 20 -13.95 -2.32 -8.99
CA LEU A 20 -14.18 -2.77 -7.62
C LEU A 20 -13.30 -3.96 -7.28
N LEU A 21 -11.99 -3.79 -7.45
CA LEU A 21 -11.04 -4.86 -7.15
C LEU A 21 -9.92 -4.36 -6.24
N ILE A 22 -8.89 -3.77 -6.85
CA ILE A 22 -7.76 -3.25 -6.09
C ILE A 22 -7.51 -1.77 -6.38
N PHE A 23 -8.51 -1.11 -6.96
CA PHE A 23 -8.38 0.30 -7.31
C PHE A 23 -7.23 0.53 -8.28
N PRO A 24 -7.54 0.81 -9.56
CA PRO A 24 -6.50 1.03 -10.58
C PRO A 24 -5.72 2.32 -10.34
N ARG A 25 -4.42 2.17 -10.11
CA ARG A 25 -3.55 3.33 -9.86
C ARG A 25 -2.08 2.95 -10.09
N GLU A 26 -1.24 3.97 -10.25
CA GLU A 26 0.18 3.75 -10.48
C GLU A 26 1.01 4.84 -9.80
N ASP A 27 2.06 4.43 -9.09
CA ASP A 27 2.94 5.36 -8.40
C ASP A 27 4.08 4.62 -7.71
N LEU A 28 3.75 3.54 -7.01
CA LEU A 28 4.75 2.75 -6.31
C LEU A 28 5.40 3.55 -5.19
N ASP A 29 5.40 2.99 -3.99
CA ASP A 29 5.99 3.66 -2.83
C ASP A 29 5.30 4.99 -2.55
N MET A 30 3.97 4.97 -2.56
CA MET A 30 3.20 6.18 -2.30
C MET A 30 3.32 6.59 -0.84
N ILE A 31 3.28 5.61 0.05
CA ILE A 31 3.38 5.87 1.48
C ILE A 31 4.75 6.47 1.83
N LEU A 32 5.81 5.82 1.37
CA LEU A 32 7.16 6.29 1.63
C LEU A 32 7.41 7.62 0.91
N LYS A 33 6.73 7.82 -0.20
CA LYS A 33 6.89 9.05 -0.97
C LYS A 33 6.20 10.23 -0.27
N MET A 34 5.14 9.94 0.47
CA MET A 34 4.41 10.97 1.19
C MET A 34 5.00 11.21 2.58
N ASP A 35 5.73 10.21 3.09
CA ASP A 35 6.34 10.31 4.40
C ASP A 35 7.74 10.93 4.29
N SER A 36 7.84 12.20 4.65
CA SER A 36 9.12 12.92 4.59
C SER A 36 10.04 12.45 5.71
N LEU A 37 10.80 11.39 5.44
CA LEU A 37 11.74 10.85 6.41
C LEU A 37 13.19 11.01 5.94
N ARG A 38 13.37 11.24 4.64
CA ARG A 38 14.70 11.40 4.07
C ARG A 38 15.33 12.74 4.49
N ASP A 39 14.54 13.60 5.12
CA ASP A 39 15.04 14.90 5.57
C ASP A 39 15.96 14.74 6.78
N ILE A 40 16.00 13.54 7.35
CA ILE A 40 16.85 13.26 8.49
C ILE A 40 18.21 12.82 8.01
N GLU A 41 18.20 11.82 7.14
CA GLU A 41 19.43 11.32 6.55
C GLU A 41 20.03 12.40 5.66
N ALA A 42 19.17 13.33 5.23
CA ALA A 42 19.58 14.43 4.37
C ALA A 42 20.17 15.56 5.20
N LEU A 43 19.32 16.22 5.99
CA LEU A 43 19.77 17.31 6.83
C LEU A 43 20.97 16.87 7.67
N LEU A 44 21.09 15.56 7.89
CA LEU A 44 22.19 15.00 8.65
C LEU A 44 23.39 14.72 7.75
N THR A 45 23.11 14.25 6.53
CA THR A 45 24.18 13.95 5.59
C THR A 45 24.81 15.23 5.04
N GLY A 46 24.18 16.38 5.30
CA GLY A 46 24.70 17.64 4.80
C GLY A 46 25.07 18.62 5.89
N LEU A 47 24.36 18.56 7.03
CA LEU A 47 24.63 19.48 8.13
C LEU A 47 24.66 18.79 9.48
N PHE A 48 24.54 17.47 9.48
CA PHE A 48 24.55 16.68 10.70
C PHE A 48 23.76 17.36 11.83
N VAL A 49 22.44 17.40 11.67
CA VAL A 49 21.56 18.01 12.66
C VAL A 49 22.12 19.34 13.17
N GLN A 50 22.57 20.18 12.24
CA GLN A 50 23.12 21.49 12.60
C GLN A 50 22.08 22.35 13.30
N ASP A 51 21.04 22.74 12.55
CA ASP A 51 19.98 23.57 13.10
C ASP A 51 18.67 22.81 13.15
N ASN A 52 17.63 23.44 13.69
CA ASN A 52 16.32 22.81 13.81
C ASN A 52 15.22 23.87 13.85
N VAL A 53 14.20 23.70 13.00
CA VAL A 53 13.09 24.63 12.94
C VAL A 53 11.82 23.95 12.45
N ASN A 54 10.68 24.40 12.95
CA ASN A 54 9.39 23.83 12.55
C ASN A 54 8.45 24.92 12.04
N LYS A 55 8.24 24.94 10.73
CA LYS A 55 7.36 25.93 10.11
C LYS A 55 7.89 27.34 10.34
N ASP A 56 7.57 28.24 9.42
CA ASP A 56 8.01 29.62 9.52
C ASP A 56 9.54 29.71 9.51
N ALA A 57 10.12 29.77 8.32
CA ALA A 57 11.57 29.86 8.18
C ALA A 57 11.97 31.05 7.32
N THR B 1 -35.96 -14.83 -11.52
CA THR B 1 -37.41 -15.11 -11.68
C THR B 1 -38.04 -14.14 -12.68
N ARG B 2 -37.58 -12.89 -12.65
CA ARG B 2 -38.11 -11.87 -13.56
C ARG B 2 -37.27 -11.79 -14.83
N ALA B 3 -35.99 -12.13 -14.72
CA ALA B 3 -35.09 -12.09 -15.87
C ALA B 3 -33.96 -13.10 -15.72
N HIS B 4 -33.79 -13.93 -16.75
CA HIS B 4 -32.74 -14.95 -16.74
C HIS B 4 -31.36 -14.30 -16.65
N LEU B 5 -30.94 -13.98 -15.43
CA LEU B 5 -29.64 -13.35 -15.22
C LEU B 5 -29.38 -13.07 -13.74
N THR B 6 -30.44 -12.74 -13.00
CA THR B 6 -30.34 -12.43 -11.57
C THR B 6 -29.45 -13.41 -10.81
N GLU B 7 -30.00 -14.58 -10.45
CA GLU B 7 -29.29 -15.60 -9.69
C GLU B 7 -27.81 -15.66 -10.04
N VAL B 8 -27.52 -16.05 -11.27
CA VAL B 8 -26.13 -16.16 -11.73
C VAL B 8 -25.36 -14.87 -11.47
N GLU B 9 -26.07 -13.74 -11.48
CA GLU B 9 -25.46 -12.44 -11.22
C GLU B 9 -24.94 -12.43 -9.80
N SER B 10 -25.80 -12.84 -8.87
CA SER B 10 -25.39 -12.91 -7.48
C SER B 10 -24.31 -13.96 -7.34
N ARG B 11 -24.22 -14.84 -8.34
CA ARG B 11 -23.24 -15.91 -8.36
C ARG B 11 -21.83 -15.40 -8.58
N LEU B 12 -21.51 -15.02 -9.81
CA LEU B 12 -20.17 -14.52 -10.09
C LEU B 12 -19.88 -13.30 -9.24
N GLU B 13 -20.94 -12.55 -8.95
CA GLU B 13 -20.82 -11.38 -8.10
C GLU B 13 -20.34 -11.81 -6.72
N ARG B 14 -20.87 -12.94 -6.23
CA ARG B 14 -20.47 -13.46 -4.94
C ARG B 14 -19.13 -14.17 -5.03
N LEU B 15 -18.70 -14.48 -6.25
CA LEU B 15 -17.43 -15.17 -6.47
C LEU B 15 -16.27 -14.18 -6.53
N GLU B 16 -16.58 -12.95 -6.89
CA GLU B 16 -15.55 -11.92 -7.00
C GLU B 16 -15.60 -10.95 -5.82
N GLN B 17 -16.74 -10.87 -5.14
CA GLN B 17 -16.87 -9.99 -3.99
C GLN B 17 -16.36 -10.65 -2.71
N LEU B 18 -15.85 -11.87 -2.85
CA LEU B 18 -15.32 -12.60 -1.69
C LEU B 18 -13.82 -12.81 -1.81
N PHE B 19 -13.36 -13.01 -3.04
CA PHE B 19 -11.93 -13.22 -3.29
C PHE B 19 -11.50 -12.52 -4.57
N LEU B 20 -10.18 -12.41 -4.77
CA LEU B 20 -9.63 -11.76 -5.95
C LEU B 20 -10.11 -10.32 -6.07
N LEU B 21 -9.87 -9.54 -5.01
CA LEU B 21 -10.27 -8.14 -5.00
C LEU B 21 -9.10 -7.25 -4.60
N ILE B 22 -8.89 -7.07 -3.29
CA ILE B 22 -7.80 -6.24 -2.79
C ILE B 22 -6.90 -7.02 -1.84
N PHE B 23 -6.99 -8.35 -1.87
CA PHE B 23 -6.17 -9.18 -1.00
C PHE B 23 -6.45 -8.88 0.47
N PRO B 24 -7.17 -9.77 1.17
CA PRO B 24 -7.50 -9.59 2.59
C PRO B 24 -6.27 -9.64 3.48
N ARG B 25 -6.00 -8.53 4.16
CA ARG B 25 -4.85 -8.44 5.06
C ARG B 25 -5.01 -7.29 6.04
N GLU B 26 -4.27 -7.34 7.13
CA GLU B 26 -4.32 -6.30 8.15
C GLU B 26 -2.97 -5.62 8.33
N ASP B 27 -2.82 -4.88 9.43
CA ASP B 27 -1.56 -4.18 9.71
C ASP B 27 -1.30 -3.08 8.69
N LEU B 28 -1.58 -1.85 9.08
CA LEU B 28 -1.38 -0.71 8.19
C LEU B 28 0.07 -0.22 8.27
N ASP B 29 0.47 0.59 7.29
CA ASP B 29 1.82 1.12 7.24
C ASP B 29 2.84 0.00 7.14
N MET B 30 2.59 -0.96 6.26
CA MET B 30 3.49 -2.09 6.07
C MET B 30 4.79 -1.63 5.42
N ILE B 31 4.67 -0.75 4.44
CA ILE B 31 5.83 -0.23 3.72
C ILE B 31 6.74 0.55 4.67
N LEU B 32 6.16 1.50 5.39
CA LEU B 32 6.91 2.31 6.33
C LEU B 32 7.44 1.47 7.50
N LYS B 33 6.71 0.40 7.81
CA LYS B 33 7.11 -0.50 8.89
C LYS B 33 8.31 -1.36 8.49
N MET B 34 8.40 -1.65 7.20
CA MET B 34 9.49 -2.47 6.68
C MET B 34 10.69 -1.60 6.31
N ASP B 35 10.46 -0.32 6.08
CA ASP B 35 11.52 0.62 5.72
C ASP B 35 12.15 1.22 6.98
N SER B 36 13.32 0.73 7.34
CA SER B 36 14.02 1.22 8.53
C SER B 36 14.60 2.61 8.27
N LEU B 37 13.79 3.64 8.52
CA LEU B 37 14.22 5.01 8.32
C LEU B 37 14.28 5.78 9.64
N ARG B 38 13.60 5.25 10.66
CA ARG B 38 13.58 5.88 11.97
C ARG B 38 14.93 5.76 12.68
N ASP B 39 15.84 4.96 12.12
CA ASP B 39 17.16 4.78 12.71
C ASP B 39 18.03 6.02 12.51
N ILE B 40 17.55 6.96 11.70
CA ILE B 40 18.27 8.19 11.44
C ILE B 40 17.87 9.23 12.47
N GLU B 41 16.57 9.42 12.60
CA GLU B 41 16.03 10.36 13.57
C GLU B 41 16.31 9.80 14.98
N ALA B 42 16.54 8.50 15.05
CA ALA B 42 16.83 7.83 16.30
C ALA B 42 18.31 7.94 16.65
N LEU B 43 19.16 7.29 15.85
CA LEU B 43 20.60 7.35 16.07
C LEU B 43 21.06 8.81 16.19
N LEU B 44 20.28 9.71 15.60
CA LEU B 44 20.58 11.13 15.64
C LEU B 44 19.99 11.78 16.87
N THR B 45 18.79 11.35 17.26
CA THR B 45 18.13 11.91 18.44
C THR B 45 18.80 11.42 19.72
N GLY B 46 19.68 10.43 19.61
CA GLY B 46 20.34 9.89 20.78
C GLY B 46 21.86 10.05 20.74
N LEU B 47 22.45 10.04 19.55
CA LEU B 47 23.90 10.17 19.43
C LEU B 47 24.31 11.13 18.32
N PHE B 48 23.34 11.78 17.71
CA PHE B 48 23.59 12.74 16.63
C PHE B 48 24.69 12.24 15.69
N VAL B 49 24.37 11.21 14.91
CA VAL B 49 25.32 10.64 13.96
C VAL B 49 26.72 10.50 14.56
N GLN B 50 26.79 9.97 15.78
CA GLN B 50 28.06 9.79 16.46
C GLN B 50 28.97 8.84 15.69
N ASP B 51 28.58 7.57 15.62
CA ASP B 51 29.35 6.56 14.91
C ASP B 51 28.58 6.07 13.68
N ASN B 52 29.22 5.19 12.91
CA ASN B 52 28.61 4.64 11.70
C ASN B 52 29.20 3.27 11.38
N VAL B 53 28.33 2.30 11.14
CA VAL B 53 28.77 0.95 10.82
C VAL B 53 27.72 0.21 9.99
N ASN B 54 28.17 -0.66 9.11
CA ASN B 54 27.26 -1.43 8.25
C ASN B 54 27.54 -2.92 8.38
N LYS B 55 26.64 -3.63 9.06
CA LYS B 55 26.77 -5.07 9.26
C LYS B 55 28.04 -5.38 10.05
N ASP B 56 28.01 -6.50 10.78
CA ASP B 56 29.16 -6.91 11.58
C ASP B 56 29.49 -5.86 12.64
N ALA B 57 28.84 -5.97 13.79
CA ALA B 57 29.07 -5.03 14.88
C ALA B 57 29.41 -5.76 16.18
N THR A 1 -20.69 -25.83 -5.59
CA THR A 1 -20.68 -24.79 -6.66
C THR A 1 -21.76 -25.08 -7.71
N ARG A 2 -22.20 -24.02 -8.39
CA ARG A 2 -23.22 -24.16 -9.42
C ARG A 2 -22.63 -23.94 -10.81
N ALA A 3 -23.38 -24.31 -11.84
CA ALA A 3 -22.94 -24.15 -13.22
C ALA A 3 -23.82 -23.16 -13.97
N HIS A 4 -23.50 -21.88 -13.85
CA HIS A 4 -24.27 -20.83 -14.53
C HIS A 4 -23.70 -19.45 -14.19
N LEU A 5 -22.41 -19.26 -14.49
CA LEU A 5 -21.75 -18.00 -14.22
C LEU A 5 -20.88 -17.57 -15.40
N THR A 6 -20.02 -18.50 -15.85
CA THR A 6 -19.10 -18.27 -16.98
C THR A 6 -18.95 -16.80 -17.37
N GLU A 7 -19.92 -16.28 -18.11
CA GLU A 7 -19.89 -14.88 -18.55
C GLU A 7 -19.98 -13.92 -17.37
N VAL A 8 -21.02 -14.05 -16.55
CA VAL A 8 -21.20 -13.18 -15.40
C VAL A 8 -20.02 -13.27 -14.43
N GLU A 9 -19.63 -14.50 -14.06
CA GLU A 9 -18.50 -14.67 -13.15
C GLU A 9 -17.29 -13.94 -13.71
N SER A 10 -17.00 -14.17 -14.98
CA SER A 10 -15.89 -13.49 -15.62
C SER A 10 -16.13 -11.98 -15.63
N ARG A 11 -17.41 -11.62 -15.48
CA ARG A 11 -17.82 -10.22 -15.47
C ARG A 11 -17.38 -9.51 -14.21
N LEU A 12 -18.04 -9.79 -13.08
CA LEU A 12 -17.68 -9.11 -11.85
C LEU A 12 -16.23 -9.40 -11.50
N GLU A 13 -15.76 -10.55 -11.95
CA GLU A 13 -14.38 -10.95 -11.72
C GLU A 13 -13.46 -10.02 -12.50
N ARG A 14 -13.88 -9.64 -13.72
CA ARG A 14 -13.10 -8.74 -14.54
C ARG A 14 -13.37 -7.29 -14.17
N LEU A 15 -14.37 -7.07 -13.32
CA LEU A 15 -14.74 -5.72 -12.89
C LEU A 15 -14.02 -5.33 -11.62
N GLU A 16 -13.67 -6.31 -10.83
CA GLU A 16 -12.98 -6.06 -9.57
C GLU A 16 -11.54 -6.60 -9.56
N GLN A 17 -11.36 -7.85 -9.98
CA GLN A 17 -10.02 -8.45 -9.99
C GLN A 17 -8.99 -7.51 -10.61
N LEU A 18 -9.34 -6.89 -11.72
CA LEU A 18 -8.43 -5.97 -12.40
C LEU A 18 -8.72 -4.52 -12.01
N PHE A 19 -9.36 -4.33 -10.85
CA PHE A 19 -9.69 -3.00 -10.37
C PHE A 19 -9.37 -2.86 -8.88
N LEU A 20 -8.19 -2.32 -8.59
CA LEU A 20 -7.75 -2.14 -7.21
C LEU A 20 -6.74 -1.01 -7.10
N LEU A 21 -6.59 -0.46 -5.90
CA LEU A 21 -5.65 0.64 -5.67
C LEU A 21 -4.27 0.31 -6.24
N ILE A 22 -3.96 -0.98 -6.29
CA ILE A 22 -2.67 -1.43 -6.82
C ILE A 22 -2.55 -1.16 -8.32
N PHE A 23 -3.68 -0.86 -8.95
CA PHE A 23 -3.70 -0.58 -10.39
C PHE A 23 -2.62 0.43 -10.77
N PRO A 24 -1.53 -0.03 -11.42
CA PRO A 24 -0.44 0.85 -11.83
C PRO A 24 -0.84 1.79 -12.97
N ARG A 25 -0.61 3.08 -12.77
CA ARG A 25 -0.95 4.09 -13.77
C ARG A 25 -0.53 5.48 -13.32
N GLU A 26 -0.73 5.76 -12.04
CA GLU A 26 -0.36 7.06 -11.48
C GLU A 26 0.42 6.90 -10.18
N ASP A 27 0.85 8.02 -9.61
CA ASP A 27 1.62 7.99 -8.37
C ASP A 27 0.80 8.57 -7.21
N LEU A 28 -0.15 7.78 -6.71
CA LEU A 28 -0.99 8.21 -5.62
C LEU A 28 -0.22 8.20 -4.30
N ASP A 29 0.61 7.17 -4.12
CA ASP A 29 1.41 7.03 -2.91
C ASP A 29 2.75 6.38 -3.23
N MET A 30 3.77 7.20 -3.46
CA MET A 30 5.10 6.70 -3.77
C MET A 30 5.65 5.84 -2.63
N ILE A 31 5.14 6.07 -1.42
CA ILE A 31 5.59 5.33 -0.24
C ILE A 31 5.25 3.85 -0.37
N LEU A 32 3.97 3.55 -0.59
CA LEU A 32 3.52 2.16 -0.72
C LEU A 32 3.73 1.64 -2.14
N LYS A 33 4.06 2.53 -3.07
CA LYS A 33 4.27 2.15 -4.46
C LYS A 33 5.72 1.73 -4.70
N MET A 34 6.64 2.27 -3.91
CA MET A 34 8.05 1.96 -4.05
C MET A 34 8.58 1.16 -2.85
N ASP A 35 7.82 1.17 -1.76
CA ASP A 35 8.21 0.46 -0.55
C ASP A 35 9.40 1.13 0.13
N SER A 36 10.56 1.10 -0.55
CA SER A 36 11.77 1.71 -0.01
C SER A 36 12.26 0.97 1.23
N LEU A 37 13.26 1.54 1.89
CA LEU A 37 13.82 0.94 3.10
C LEU A 37 14.73 1.93 3.82
N ARG A 38 15.56 2.63 3.05
CA ARG A 38 16.48 3.61 3.62
C ARG A 38 16.02 5.03 3.30
N ASP A 39 16.09 5.39 2.01
CA ASP A 39 15.68 6.72 1.51
C ASP A 39 15.68 7.82 2.59
N ILE A 40 14.88 7.61 3.63
CA ILE A 40 14.78 8.56 4.73
C ILE A 40 15.89 8.31 5.72
N GLU A 41 15.91 7.10 6.25
CA GLU A 41 16.95 6.69 7.18
C GLU A 41 18.29 6.67 6.46
N ALA A 42 18.25 6.75 5.12
CA ALA A 42 19.47 6.76 4.32
C ALA A 42 19.99 8.18 4.17
N LEU A 43 19.15 9.06 3.65
CA LEU A 43 19.53 10.45 3.48
C LEU A 43 19.86 11.07 4.84
N LEU A 44 19.35 10.44 5.91
CA LEU A 44 19.59 10.91 7.26
C LEU A 44 20.80 10.21 7.87
N THR A 45 20.99 8.93 7.56
CA THR A 45 22.13 8.20 8.09
C THR A 45 23.42 8.61 7.38
N GLY A 46 23.28 9.33 6.27
CA GLY A 46 24.44 9.76 5.52
C GLY A 46 24.55 11.28 5.41
N LEU A 47 23.42 11.97 5.43
CA LEU A 47 23.42 13.44 5.33
C LEU A 47 22.81 14.10 6.56
N PHE A 48 22.43 13.29 7.53
CA PHE A 48 21.84 13.77 8.78
C PHE A 48 20.91 14.96 8.55
N VAL A 49 21.45 16.18 8.67
CA VAL A 49 20.66 17.39 8.48
C VAL A 49 20.42 17.67 6.99
N GLN A 50 19.20 18.07 6.67
CA GLN A 50 18.84 18.37 5.29
C GLN A 50 18.26 19.78 5.18
N ASP A 51 18.22 20.30 3.95
CA ASP A 51 17.69 21.64 3.72
C ASP A 51 16.38 21.58 2.93
N ASN A 52 15.30 22.02 3.56
CA ASN A 52 13.99 22.02 2.92
C ASN A 52 13.24 23.32 3.20
N VAL A 53 12.22 23.58 2.39
CA VAL A 53 11.41 24.79 2.55
C VAL A 53 10.14 24.72 1.72
N ASN A 54 9.12 25.46 2.13
CA ASN A 54 7.85 25.48 1.41
C ASN A 54 7.73 26.73 0.56
N LYS A 55 6.83 26.70 -0.43
CA LYS A 55 6.61 27.83 -1.32
C LYS A 55 7.93 28.36 -1.87
N ASP A 56 7.86 29.47 -2.60
CA ASP A 56 9.03 30.09 -3.18
C ASP A 56 8.68 31.38 -3.92
N ALA A 57 9.67 31.99 -4.56
CA ALA A 57 9.46 33.23 -5.30
C ALA A 57 10.25 33.23 -6.60
N THR B 1 -26.01 -11.50 -19.64
CA THR B 1 -26.41 -10.38 -20.52
C THR B 1 -26.74 -9.14 -19.71
N ARG B 2 -27.49 -8.22 -20.31
CA ARG B 2 -27.89 -6.98 -19.64
C ARG B 2 -28.55 -7.26 -18.30
N ALA B 3 -29.62 -8.04 -18.32
CA ALA B 3 -30.35 -8.38 -17.11
C ALA B 3 -30.31 -9.88 -16.82
N HIS B 4 -29.25 -10.32 -16.16
CA HIS B 4 -29.08 -11.73 -15.83
C HIS B 4 -27.76 -11.95 -15.09
N LEU B 5 -27.59 -11.26 -13.96
CA LEU B 5 -26.37 -11.38 -13.17
C LEU B 5 -26.71 -11.48 -11.68
N THR B 6 -27.52 -10.53 -11.20
CA THR B 6 -27.96 -10.46 -9.79
C THR B 6 -27.13 -11.34 -8.85
N GLU B 7 -27.42 -12.64 -8.83
CA GLU B 7 -26.71 -13.57 -7.97
C GLU B 7 -25.23 -13.69 -8.36
N VAL B 8 -24.97 -14.03 -9.62
CA VAL B 8 -23.60 -14.18 -10.09
C VAL B 8 -22.81 -12.87 -9.93
N GLU B 9 -23.38 -11.76 -10.41
CA GLU B 9 -22.70 -10.47 -10.29
C GLU B 9 -22.32 -10.24 -8.83
N SER B 10 -23.28 -10.42 -7.95
CA SER B 10 -23.04 -10.27 -6.52
C SER B 10 -21.99 -11.29 -6.07
N ARG B 11 -21.85 -12.35 -6.86
CA ARG B 11 -20.92 -13.43 -6.58
C ARG B 11 -19.48 -13.00 -6.78
N LEU B 12 -19.05 -12.84 -8.03
CA LEU B 12 -17.66 -12.45 -8.27
C LEU B 12 -17.38 -11.11 -7.63
N GLU B 13 -18.43 -10.31 -7.51
CA GLU B 13 -18.31 -9.01 -6.87
C GLU B 13 -17.99 -9.19 -5.40
N ARG B 14 -18.61 -10.20 -4.78
CA ARG B 14 -18.38 -10.48 -3.37
C ARG B 14 -17.13 -11.34 -3.19
N LEU B 15 -16.58 -11.83 -4.31
CA LEU B 15 -15.40 -12.68 -4.27
C LEU B 15 -14.13 -11.85 -4.41
N GLU B 16 -14.25 -10.72 -5.07
CA GLU B 16 -13.10 -9.85 -5.28
C GLU B 16 -13.21 -8.52 -4.54
N GLN B 17 -14.36 -7.86 -4.67
CA GLN B 17 -14.57 -6.56 -4.01
C GLN B 17 -14.13 -6.59 -2.56
N LEU B 18 -14.48 -7.65 -1.84
CA LEU B 18 -14.10 -7.79 -0.44
C LEU B 18 -12.85 -8.66 -0.28
N PHE B 19 -12.07 -8.74 -1.35
CA PHE B 19 -10.84 -9.53 -1.32
C PHE B 19 -9.69 -8.77 -1.97
N LEU B 20 -8.87 -8.12 -1.15
CA LEU B 20 -7.74 -7.35 -1.64
C LEU B 20 -6.67 -7.22 -0.55
N LEU B 21 -5.45 -6.90 -0.97
CA LEU B 21 -4.34 -6.74 -0.04
C LEU B 21 -4.72 -5.79 1.11
N ILE B 22 -5.62 -4.86 0.83
CA ILE B 22 -6.07 -3.90 1.82
C ILE B 22 -6.86 -4.58 2.94
N PHE B 23 -7.27 -5.83 2.71
CA PHE B 23 -8.04 -6.58 3.69
C PHE B 23 -7.37 -6.54 5.07
N PRO B 24 -7.94 -5.76 6.01
CA PRO B 24 -7.39 -5.63 7.36
C PRO B 24 -7.55 -6.91 8.17
N ARG B 25 -6.44 -7.39 8.73
CA ARG B 25 -6.45 -8.61 9.53
C ARG B 25 -5.06 -8.89 10.11
N GLU B 26 -4.04 -8.65 9.30
CA GLU B 26 -2.66 -8.88 9.73
C GLU B 26 -1.79 -7.66 9.43
N ASP B 27 -0.50 -7.78 9.71
CA ASP B 27 0.43 -6.68 9.48
C ASP B 27 0.80 -6.59 8.00
N LEU B 28 1.57 -7.57 7.52
CA LEU B 28 1.99 -7.61 6.12
C LEU B 28 2.99 -6.49 5.83
N ASP B 29 2.52 -5.25 5.87
CA ASP B 29 3.37 -4.10 5.60
C ASP B 29 2.93 -2.89 6.43
N MET B 30 3.54 -2.72 7.59
CA MET B 30 3.22 -1.61 8.47
C MET B 30 3.46 -0.27 7.79
N ILE B 31 4.35 -0.27 6.79
CA ILE B 31 4.67 0.95 6.06
C ILE B 31 3.46 1.49 5.32
N LEU B 32 2.88 0.65 4.46
CA LEU B 32 1.71 1.05 3.68
C LEU B 32 0.42 0.90 4.48
N LYS B 33 0.51 0.26 5.63
CA LYS B 33 -0.67 0.06 6.49
C LYS B 33 -0.88 1.24 7.44
N MET B 34 0.21 1.92 7.79
CA MET B 34 0.14 3.06 8.69
C MET B 34 0.46 4.37 7.98
N ASP B 35 1.07 4.27 6.80
CA ASP B 35 1.44 5.45 6.02
C ASP B 35 2.58 6.21 6.68
N SER B 36 2.32 6.77 7.86
CA SER B 36 3.33 7.53 8.60
C SER B 36 3.71 8.81 7.85
N LEU B 37 4.75 9.47 8.34
CA LEU B 37 5.22 10.72 7.73
C LEU B 37 6.58 11.11 8.30
N ARG B 38 6.72 10.99 9.61
CA ARG B 38 7.98 11.34 10.28
C ARG B 38 8.70 10.09 10.75
N ASP B 39 8.11 9.40 11.74
CA ASP B 39 8.66 8.17 12.32
C ASP B 39 10.17 7.99 12.10
N ILE B 40 10.57 7.96 10.82
CA ILE B 40 11.99 7.80 10.47
C ILE B 40 12.67 9.15 10.50
N GLU B 41 12.15 10.06 9.70
CA GLU B 41 12.67 11.41 9.65
C GLU B 41 12.40 12.10 10.99
N ALA B 42 11.56 11.48 11.82
CA ALA B 42 11.25 12.02 13.13
C ALA B 42 12.27 11.54 14.16
N LEU B 43 12.40 10.23 14.28
CA LEU B 43 13.36 9.64 15.20
C LEU B 43 14.78 10.10 14.83
N LEU B 44 14.94 10.52 13.58
CA LEU B 44 16.23 10.98 13.10
C LEU B 44 16.35 12.50 13.24
N THR B 45 15.25 13.22 13.05
CA THR B 45 15.29 14.68 13.18
C THR B 45 15.34 15.09 14.65
N GLY B 46 15.08 14.12 15.54
CA GLY B 46 15.10 14.41 16.96
C GLY B 46 16.14 13.60 17.72
N LEU B 47 16.45 12.40 17.24
CA LEU B 47 17.44 11.53 17.90
C LEU B 47 18.63 11.23 17.00
N PHE B 48 18.63 11.81 15.81
CA PHE B 48 19.71 11.63 14.84
C PHE B 48 20.26 10.19 14.84
N VAL B 49 21.31 9.95 15.62
CA VAL B 49 21.91 8.63 15.71
C VAL B 49 21.07 7.70 16.58
N GLN B 50 20.93 6.45 16.12
CA GLN B 50 20.15 5.45 16.86
C GLN B 50 20.99 4.21 17.12
N ASP B 51 20.54 3.38 18.06
CA ASP B 51 21.26 2.16 18.40
C ASP B 51 20.45 0.93 17.99
N ASN B 52 21.00 0.16 17.05
CA ASN B 52 20.33 -1.04 16.56
C ASN B 52 21.32 -2.20 16.41
N VAL B 53 20.79 -3.41 16.34
CA VAL B 53 21.62 -4.61 16.19
C VAL B 53 20.77 -5.83 15.83
N ASN B 54 21.41 -6.80 15.19
CA ASN B 54 20.71 -8.02 14.80
C ASN B 54 21.03 -9.17 15.76
N LYS B 55 20.17 -10.19 15.73
CA LYS B 55 20.34 -11.35 16.61
C LYS B 55 20.60 -10.94 18.05
N ASP B 56 20.90 -11.90 18.91
CA ASP B 56 21.17 -11.64 20.31
C ASP B 56 21.54 -12.92 21.05
N ALA B 57 21.73 -12.81 22.36
CA ALA B 57 22.09 -13.95 23.19
C ALA B 57 21.36 -13.93 24.52
N THR A 1 -29.88 -10.89 -22.75
CA THR A 1 -30.93 -11.57 -21.95
C THR A 1 -31.34 -12.89 -22.60
N ARG A 2 -30.45 -13.87 -22.52
CA ARG A 2 -30.71 -15.19 -23.10
C ARG A 2 -30.82 -16.25 -22.01
N ALA A 3 -30.09 -16.06 -20.92
CA ALA A 3 -30.11 -17.01 -19.81
C ALA A 3 -29.95 -16.31 -18.47
N HIS A 4 -30.42 -15.06 -18.41
CA HIS A 4 -30.32 -14.28 -17.17
C HIS A 4 -28.87 -14.11 -16.74
N LEU A 5 -28.37 -12.89 -16.83
CA LEU A 5 -26.98 -12.59 -16.45
C LEU A 5 -26.91 -11.59 -15.30
N THR A 6 -27.99 -10.87 -15.05
CA THR A 6 -28.03 -9.87 -14.00
C THR A 6 -27.60 -10.43 -12.64
N GLU A 7 -28.54 -11.05 -11.92
CA GLU A 7 -28.28 -11.62 -10.59
C GLU A 7 -26.84 -12.11 -10.42
N VAL A 8 -26.43 -13.07 -11.24
CA VAL A 8 -25.09 -13.62 -11.15
C VAL A 8 -24.01 -12.54 -11.29
N GLU A 9 -24.25 -11.60 -12.19
CA GLU A 9 -23.30 -10.51 -12.40
C GLU A 9 -23.10 -9.76 -11.09
N SER A 10 -24.20 -9.30 -10.51
CA SER A 10 -24.14 -8.61 -9.24
C SER A 10 -23.63 -9.56 -8.16
N ARG A 11 -23.64 -10.85 -8.47
CA ARG A 11 -23.20 -11.88 -7.56
C ARG A 11 -21.71 -11.84 -7.36
N LEU A 12 -20.94 -12.30 -8.36
CA LEU A 12 -19.50 -12.26 -8.17
C LEU A 12 -19.02 -10.83 -8.10
N GLU A 13 -19.85 -9.92 -8.61
CA GLU A 13 -19.56 -8.50 -8.52
C GLU A 13 -19.57 -8.12 -7.06
N ARG A 14 -20.52 -8.72 -6.32
CA ARG A 14 -20.63 -8.49 -4.89
C ARG A 14 -19.45 -9.16 -4.20
N LEU A 15 -18.96 -10.25 -4.79
CA LEU A 15 -17.81 -10.96 -4.25
C LEU A 15 -16.57 -10.09 -4.35
N GLU A 16 -16.57 -9.22 -5.35
CA GLU A 16 -15.47 -8.30 -5.58
C GLU A 16 -15.62 -7.06 -4.70
N GLN A 17 -16.86 -6.70 -4.43
CA GLN A 17 -17.15 -5.54 -3.58
C GLN A 17 -16.53 -5.73 -2.20
N LEU A 18 -16.41 -6.99 -1.78
CA LEU A 18 -15.84 -7.32 -0.49
C LEU A 18 -14.31 -7.38 -0.56
N PHE A 19 -13.77 -7.38 -1.78
CA PHE A 19 -12.33 -7.43 -1.98
C PHE A 19 -11.77 -8.77 -1.49
N LEU A 20 -11.62 -9.71 -2.41
CA LEU A 20 -11.10 -11.03 -2.06
C LEU A 20 -10.46 -11.70 -3.28
N LEU A 21 -9.56 -12.65 -3.03
CA LEU A 21 -8.88 -13.37 -4.10
C LEU A 21 -8.20 -12.41 -5.09
N ILE A 22 -7.93 -11.19 -4.64
CA ILE A 22 -7.28 -10.20 -5.49
C ILE A 22 -5.96 -9.73 -4.87
N PHE A 23 -6.01 -9.38 -3.58
CA PHE A 23 -4.83 -8.92 -2.87
C PHE A 23 -4.17 -7.73 -3.58
N PRO A 24 -3.26 -7.03 -2.89
CA PRO A 24 -2.57 -5.87 -3.46
C PRO A 24 -1.44 -6.28 -4.41
N ARG A 25 -1.47 -5.76 -5.62
CA ARG A 25 -0.45 -6.09 -6.62
C ARG A 25 0.56 -4.94 -6.74
N GLU A 26 0.11 -3.72 -6.51
CA GLU A 26 0.97 -2.54 -6.60
C GLU A 26 1.59 -2.22 -5.24
N ASP A 27 2.60 -1.36 -5.25
CA ASP A 27 3.27 -0.96 -4.02
C ASP A 27 2.92 0.47 -3.64
N LEU A 28 2.90 1.36 -4.63
CA LEU A 28 2.57 2.76 -4.39
C LEU A 28 3.60 3.42 -3.49
N ASP A 29 3.94 4.67 -3.80
CA ASP A 29 4.92 5.42 -3.01
C ASP A 29 4.24 6.54 -2.24
N MET A 30 3.12 7.02 -2.76
CA MET A 30 2.37 8.10 -2.12
C MET A 30 2.01 7.74 -0.68
N ILE A 31 1.84 6.44 -0.43
CA ILE A 31 1.49 5.97 0.90
C ILE A 31 2.61 6.25 1.89
N LEU A 32 3.75 5.59 1.70
CA LEU A 32 4.89 5.77 2.58
C LEU A 32 5.37 7.22 2.56
N LYS A 33 4.99 7.97 1.53
CA LYS A 33 5.38 9.36 1.41
C LYS A 33 4.49 10.26 2.26
N MET A 34 3.23 9.86 2.42
CA MET A 34 2.27 10.64 3.21
C MET A 34 2.23 10.16 4.67
N ASP A 35 2.83 8.99 4.93
CA ASP A 35 2.84 8.44 6.28
C ASP A 35 4.02 8.98 7.09
N SER A 36 4.15 10.31 7.12
CA SER A 36 5.24 10.96 7.86
C SER A 36 6.58 10.27 7.62
N LEU A 37 7.33 10.76 6.64
CA LEU A 37 8.64 10.19 6.31
C LEU A 37 9.75 11.19 6.57
N ARG A 38 9.43 12.48 6.44
CA ARG A 38 10.42 13.53 6.66
C ARG A 38 10.67 13.77 8.15
N ASP A 39 9.84 13.19 9.00
CA ASP A 39 10.01 13.35 10.45
C ASP A 39 11.22 12.58 10.96
N ILE A 40 11.79 11.74 10.10
CA ILE A 40 12.97 10.95 10.44
C ILE A 40 14.22 11.74 10.11
N GLU A 41 14.32 12.15 8.85
CA GLU A 41 15.43 12.94 8.39
C GLU A 41 15.40 14.31 9.09
N ALA A 42 14.23 14.65 9.63
CA ALA A 42 14.03 15.91 10.32
C ALA A 42 14.40 15.77 11.79
N LEU A 43 13.79 14.79 12.45
CA LEU A 43 14.08 14.55 13.86
C LEU A 43 15.57 14.26 14.05
N LEU A 44 16.21 13.78 12.99
CA LEU A 44 17.63 13.46 13.03
C LEU A 44 18.46 14.65 12.57
N THR A 45 18.00 15.37 11.55
CA THR A 45 18.74 16.54 11.06
C THR A 45 18.68 17.68 12.06
N GLY A 46 17.78 17.56 13.05
CA GLY A 46 17.64 18.60 14.05
C GLY A 46 18.00 18.13 15.45
N LEU A 47 17.71 16.87 15.76
CA LEU A 47 18.00 16.32 17.08
C LEU A 47 19.30 15.52 17.09
N PHE A 48 19.91 15.40 15.92
CA PHE A 48 21.17 14.67 15.77
C PHE A 48 21.16 13.37 16.59
N VAL A 49 22.16 13.17 17.44
CA VAL A 49 22.24 11.97 18.27
C VAL A 49 21.83 12.26 19.71
N GLN A 50 21.42 11.23 20.42
CA GLN A 50 21.00 11.37 21.81
C GLN A 50 22.06 10.84 22.77
N ASP A 51 22.82 11.76 23.36
CA ASP A 51 23.88 11.39 24.29
C ASP A 51 23.30 10.85 25.60
N ASN A 52 23.32 9.54 25.75
CA ASN A 52 22.79 8.90 26.95
C ASN A 52 23.46 7.55 27.18
N VAL A 53 23.54 7.14 28.44
CA VAL A 53 24.15 5.87 28.81
C VAL A 53 23.11 4.87 29.29
N ASN A 54 22.04 5.38 29.88
CA ASN A 54 20.95 4.54 30.39
C ASN A 54 19.60 5.10 30.00
N LYS A 55 18.54 4.42 30.41
CA LYS A 55 17.18 4.85 30.10
C LYS A 55 16.63 5.72 31.22
N ASP A 56 15.97 6.82 30.83
CA ASP A 56 15.40 7.74 31.80
C ASP A 56 13.91 7.45 32.00
N ALA A 57 13.41 7.80 33.18
CA ALA A 57 12.00 7.58 33.51
C ALA A 57 11.54 8.53 34.61
N THR B 1 -31.90 -21.57 -8.62
CA THR B 1 -30.58 -22.00 -9.16
C THR B 1 -30.75 -22.82 -10.43
N ARG B 2 -31.63 -22.38 -11.32
CA ARG B 2 -31.88 -23.09 -12.57
C ARG B 2 -31.95 -22.12 -13.74
N ALA B 3 -30.96 -21.24 -13.83
CA ALA B 3 -30.91 -20.25 -14.91
C ALA B 3 -29.47 -19.99 -15.35
N HIS B 4 -28.62 -20.99 -15.19
CA HIS B 4 -27.20 -20.85 -15.58
C HIS B 4 -26.54 -19.73 -14.80
N LEU B 5 -25.62 -20.09 -13.91
CA LEU B 5 -24.91 -19.10 -13.10
C LEU B 5 -23.41 -19.13 -13.35
N THR B 6 -22.92 -20.21 -13.93
CA THR B 6 -21.50 -20.37 -14.21
C THR B 6 -20.91 -19.18 -14.99
N GLU B 7 -21.04 -19.22 -16.31
CA GLU B 7 -20.52 -18.17 -17.19
C GLU B 7 -20.49 -16.79 -16.54
N VAL B 8 -21.67 -16.30 -16.15
CA VAL B 8 -21.77 -14.98 -15.53
C VAL B 8 -20.89 -14.87 -14.28
N GLU B 9 -20.85 -15.95 -13.49
CA GLU B 9 -20.04 -15.96 -12.28
C GLU B 9 -18.59 -15.69 -12.65
N SER B 10 -18.06 -16.50 -13.55
CA SER B 10 -16.69 -16.33 -14.02
C SER B 10 -16.57 -14.98 -14.73
N ARG B 11 -17.71 -14.40 -15.08
CA ARG B 11 -17.77 -13.12 -15.76
C ARG B 11 -17.34 -11.98 -14.86
N LEU B 12 -18.20 -11.60 -13.92
CA LEU B 12 -17.79 -10.49 -13.05
C LEU B 12 -16.62 -10.93 -12.19
N GLU B 13 -16.46 -12.24 -12.06
CA GLU B 13 -15.34 -12.79 -11.35
C GLU B 13 -14.07 -12.42 -12.11
N ARG B 14 -14.18 -12.45 -13.44
CA ARG B 14 -13.08 -12.07 -14.30
C ARG B 14 -12.88 -10.57 -14.22
N LEU B 15 -13.98 -9.86 -13.96
CA LEU B 15 -13.93 -8.40 -13.81
C LEU B 15 -13.14 -8.03 -12.56
N GLU B 16 -13.18 -8.94 -11.59
CA GLU B 16 -12.49 -8.76 -10.33
C GLU B 16 -11.03 -9.19 -10.48
N GLN B 17 -10.80 -10.18 -11.33
CA GLN B 17 -9.45 -10.68 -11.57
C GLN B 17 -8.55 -9.57 -12.09
N LEU B 18 -9.16 -8.61 -12.79
CA LEU B 18 -8.43 -7.48 -13.33
C LEU B 18 -8.25 -6.38 -12.29
N PHE B 19 -8.97 -6.49 -11.17
CA PHE B 19 -8.89 -5.51 -10.10
C PHE B 19 -9.42 -4.15 -10.57
N LEU B 20 -10.69 -3.89 -10.29
CA LEU B 20 -11.32 -2.63 -10.68
C LEU B 20 -12.50 -2.31 -9.78
N LEU B 21 -12.85 -1.03 -9.72
CA LEU B 21 -13.97 -0.57 -8.90
C LEU B 21 -13.82 -1.02 -7.44
N ILE B 22 -12.60 -1.33 -7.03
CA ILE B 22 -12.33 -1.76 -5.67
C ILE B 22 -11.34 -0.82 -4.98
N PHE B 23 -10.22 -0.53 -5.66
CA PHE B 23 -9.21 0.36 -5.12
C PHE B 23 -8.71 -0.13 -3.76
N PRO B 24 -7.58 0.42 -3.29
CA PRO B 24 -7.01 0.04 -1.99
C PRO B 24 -7.73 0.69 -0.82
N ARG B 25 -8.17 -0.12 0.13
CA ARG B 25 -8.90 0.38 1.29
C ARG B 25 -7.98 0.43 2.52
N GLU B 26 -7.02 -0.50 2.57
CA GLU B 26 -6.08 -0.57 3.68
C GLU B 26 -4.83 0.25 3.39
N ASP B 27 -4.03 0.48 4.43
CA ASP B 27 -2.79 1.25 4.28
C ASP B 27 -1.57 0.35 4.39
N LEU B 28 -1.60 -0.57 5.35
CA LEU B 28 -0.49 -1.49 5.56
C LEU B 28 0.78 -0.75 5.96
N ASP B 29 1.52 -1.32 6.89
CA ASP B 29 2.76 -0.72 7.36
C ASP B 29 3.98 -1.52 6.89
N MET B 30 3.77 -2.81 6.65
CA MET B 30 4.84 -3.69 6.20
C MET B 30 5.48 -3.16 4.91
N ILE B 31 4.69 -2.45 4.12
CA ILE B 31 5.17 -1.88 2.86
C ILE B 31 6.24 -0.83 3.12
N LEU B 32 5.84 0.27 3.74
CA LEU B 32 6.76 1.36 4.03
C LEU B 32 7.89 0.89 4.96
N LYS B 33 7.67 -0.23 5.64
CA LYS B 33 8.66 -0.78 6.54
C LYS B 33 9.72 -1.57 5.79
N MET B 34 9.31 -2.19 4.68
CA MET B 34 10.22 -2.99 3.86
C MET B 34 10.85 -2.15 2.74
N ASP B 35 10.29 -0.97 2.50
CA ASP B 35 10.80 -0.09 1.46
C ASP B 35 11.94 0.80 1.97
N SER B 36 12.95 0.17 2.58
CA SER B 36 14.11 0.88 3.11
C SER B 36 13.68 2.14 3.89
N LEU B 37 13.52 1.99 5.20
CA LEU B 37 13.12 3.11 6.04
C LEU B 37 14.21 3.46 7.04
N ARG B 38 15.00 2.46 7.43
CA ARG B 38 16.09 2.66 8.38
C ARG B 38 17.29 3.33 7.74
N ASP B 39 17.30 3.41 6.41
CA ASP B 39 18.41 4.03 5.69
C ASP B 39 18.41 5.55 5.88
N ILE B 40 17.33 6.07 6.45
CA ILE B 40 17.21 7.51 6.70
C ILE B 40 17.78 7.82 8.07
N GLU B 41 17.24 7.14 9.07
CA GLU B 41 17.72 7.32 10.44
C GLU B 41 19.15 6.81 10.54
N ALA B 42 19.56 6.00 9.56
CA ALA B 42 20.89 5.43 9.52
C ALA B 42 21.85 6.38 8.79
N LEU B 43 21.46 6.78 7.58
CA LEU B 43 22.28 7.69 6.80
C LEU B 43 22.48 9.00 7.57
N LEU B 44 21.53 9.30 8.46
CA LEU B 44 21.58 10.51 9.25
C LEU B 44 22.28 10.26 10.58
N THR B 45 22.03 9.09 11.20
CA THR B 45 22.67 8.78 12.47
C THR B 45 24.16 8.50 12.27
N GLY B 46 24.58 8.34 11.03
CA GLY B 46 25.97 8.07 10.73
C GLY B 46 26.64 9.16 9.92
N LEU B 47 25.88 9.78 9.01
CA LEU B 47 26.43 10.84 8.17
C LEU B 47 26.08 12.22 8.71
N PHE B 48 25.32 12.26 9.80
CA PHE B 48 24.91 13.51 10.43
C PHE B 48 24.53 14.57 9.39
N VAL B 49 25.14 15.75 9.46
CA VAL B 49 24.84 16.81 8.50
C VAL B 49 25.94 16.94 7.45
N GLN B 50 25.60 17.53 6.31
CA GLN B 50 26.56 17.71 5.23
C GLN B 50 27.01 19.17 5.14
N ASP B 51 28.20 19.44 5.66
CA ASP B 51 28.74 20.80 5.64
C ASP B 51 29.13 21.22 4.23
N ASN B 52 28.28 22.03 3.61
CA ASN B 52 28.54 22.50 2.25
C ASN B 52 27.84 23.84 2.00
N VAL B 53 28.41 24.64 1.10
CA VAL B 53 27.84 25.94 0.77
C VAL B 53 27.26 25.94 -0.64
N ASN B 54 27.83 25.13 -1.51
CA ASN B 54 27.37 25.04 -2.89
C ASN B 54 27.27 23.58 -3.34
N LYS B 55 26.87 23.38 -4.58
CA LYS B 55 26.73 22.04 -5.13
C LYS B 55 28.01 21.59 -5.83
N ASP B 56 28.42 20.35 -5.58
CA ASP B 56 29.63 19.82 -6.19
C ASP B 56 29.30 19.00 -7.42
N ALA B 57 30.25 18.92 -8.36
CA ALA B 57 30.06 18.17 -9.59
C ALA B 57 31.39 17.76 -10.20
N THR A 1 -34.77 -21.41 -12.32
CA THR A 1 -33.53 -21.19 -11.52
C THR A 1 -33.11 -19.73 -11.56
N ARG A 2 -32.83 -19.17 -10.38
CA ARG A 2 -32.42 -17.78 -10.26
C ARG A 2 -31.06 -17.67 -9.58
N ALA A 3 -30.01 -17.95 -10.33
CA ALA A 3 -28.65 -17.88 -9.79
C ALA A 3 -27.72 -17.14 -10.76
N HIS A 4 -26.69 -17.83 -11.27
CA HIS A 4 -25.73 -17.24 -12.20
C HIS A 4 -25.32 -15.83 -11.75
N LEU A 5 -25.31 -15.61 -10.44
CA LEU A 5 -24.94 -14.32 -9.88
C LEU A 5 -24.07 -14.49 -8.64
N THR A 6 -24.32 -15.57 -7.88
CA THR A 6 -23.57 -15.85 -6.67
C THR A 6 -22.19 -16.39 -6.98
N GLU A 7 -22.11 -17.27 -7.97
CA GLU A 7 -20.85 -17.87 -8.36
C GLU A 7 -19.97 -16.86 -9.11
N VAL A 8 -20.59 -16.09 -9.99
CA VAL A 8 -19.84 -15.09 -10.75
C VAL A 8 -19.41 -13.92 -9.86
N GLU A 9 -20.31 -13.50 -8.97
CA GLU A 9 -19.99 -12.42 -8.05
C GLU A 9 -18.84 -12.88 -7.15
N SER A 10 -18.99 -14.07 -6.61
CA SER A 10 -17.96 -14.66 -5.78
C SER A 10 -16.69 -14.87 -6.62
N ARG A 11 -16.87 -14.95 -7.93
CA ARG A 11 -15.78 -15.17 -8.87
C ARG A 11 -14.86 -13.96 -8.92
N LEU A 12 -15.34 -12.87 -9.54
CA LEU A 12 -14.48 -11.70 -9.64
C LEU A 12 -14.13 -11.19 -8.25
N GLU A 13 -14.99 -11.51 -7.29
CA GLU A 13 -14.74 -11.15 -5.91
C GLU A 13 -13.51 -11.91 -5.43
N ARG A 14 -13.38 -13.15 -5.91
CA ARG A 14 -12.24 -13.98 -5.57
C ARG A 14 -11.01 -13.42 -6.26
N LEU A 15 -11.23 -12.81 -7.43
CA LEU A 15 -10.14 -12.19 -8.18
C LEU A 15 -9.63 -10.98 -7.42
N GLU A 16 -10.53 -10.39 -6.66
CA GLU A 16 -10.23 -9.22 -5.85
C GLU A 16 -9.53 -9.63 -4.56
N GLN A 17 -9.87 -10.81 -4.06
CA GLN A 17 -9.29 -11.33 -2.84
C GLN A 17 -7.80 -11.63 -3.02
N LEU A 18 -7.49 -12.36 -4.09
CA LEU A 18 -6.11 -12.72 -4.39
C LEU A 18 -5.27 -11.47 -4.67
N PHE A 19 -5.92 -10.42 -5.13
CA PHE A 19 -5.24 -9.17 -5.44
C PHE A 19 -4.24 -9.36 -6.58
N LEU A 20 -3.86 -8.24 -7.21
CA LEU A 20 -2.91 -8.28 -8.32
C LEU A 20 -1.99 -7.07 -8.29
N LEU A 21 -0.88 -7.19 -7.57
CA LEU A 21 0.08 -6.11 -7.45
C LEU A 21 -0.59 -4.80 -7.04
N ILE A 22 -1.36 -4.87 -5.95
CA ILE A 22 -2.09 -3.71 -5.43
C ILE A 22 -2.71 -2.87 -6.54
N PHE A 23 -3.09 -3.53 -7.63
CA PHE A 23 -3.71 -2.85 -8.77
C PHE A 23 -2.69 -1.95 -9.49
N PRO A 24 -2.13 -2.41 -10.62
CA PRO A 24 -1.15 -1.64 -11.39
C PRO A 24 -1.71 -0.32 -11.89
N ARG A 25 -0.93 0.39 -12.68
CA ARG A 25 -1.35 1.68 -13.23
C ARG A 25 -1.50 2.71 -12.12
N GLU A 26 -2.56 2.59 -11.34
CA GLU A 26 -2.82 3.52 -10.23
C GLU A 26 -2.17 3.00 -8.94
N ASP A 27 -0.85 2.97 -8.93
CA ASP A 27 -0.11 2.51 -7.76
C ASP A 27 -0.49 3.31 -6.51
N LEU A 28 -0.54 4.63 -6.65
CA LEU A 28 -0.89 5.50 -5.54
C LEU A 28 0.11 5.34 -4.39
N ASP A 29 0.17 6.35 -3.53
CA ASP A 29 1.08 6.31 -2.39
C ASP A 29 0.40 6.79 -1.12
N MET A 30 -0.93 6.75 -1.12
CA MET A 30 -1.71 7.18 0.04
C MET A 30 -1.64 6.13 1.15
N ILE A 31 -1.60 4.87 0.77
CA ILE A 31 -1.53 3.77 1.73
C ILE A 31 -0.23 3.82 2.51
N LEU A 32 0.88 4.02 1.81
CA LEU A 32 2.18 4.09 2.45
C LEU A 32 2.39 5.44 3.11
N LYS A 33 1.73 6.47 2.59
CA LYS A 33 1.83 7.81 3.15
C LYS A 33 1.09 7.91 4.48
N MET A 34 0.06 7.08 4.64
CA MET A 34 -0.73 7.07 5.86
C MET A 34 -0.23 5.99 6.83
N ASP A 35 0.40 4.95 6.28
CA ASP A 35 0.93 3.87 7.09
C ASP A 35 2.26 4.24 7.73
N SER A 36 3.18 4.73 6.90
CA SER A 36 4.50 5.13 7.38
C SER A 36 5.35 5.69 6.24
N LEU A 37 5.93 6.85 6.46
CA LEU A 37 6.78 7.50 5.46
C LEU A 37 7.40 8.77 6.01
N ARG A 38 6.57 9.69 6.46
CA ARG A 38 7.03 10.96 7.02
C ARG A 38 7.49 10.77 8.46
N ASP A 39 6.89 9.81 9.14
CA ASP A 39 7.25 9.53 10.54
C ASP A 39 8.62 8.86 10.62
N ILE A 40 9.15 8.47 9.46
CA ILE A 40 10.46 7.82 9.40
C ILE A 40 11.53 8.89 9.24
N GLU A 41 11.35 9.71 8.21
CA GLU A 41 12.27 10.81 7.96
C GLU A 41 12.19 11.80 9.12
N ALA A 42 11.07 11.75 9.85
CA ALA A 42 10.85 12.63 10.99
C ALA A 42 11.46 12.03 12.25
N LEU A 43 10.89 10.92 12.72
CA LEU A 43 11.40 10.26 13.92
C LEU A 43 12.92 10.09 13.83
N LEU A 44 13.42 10.02 12.59
CA LEU A 44 14.85 9.85 12.36
C LEU A 44 15.54 11.21 12.30
N THR A 45 14.95 12.17 11.59
CA THR A 45 15.56 13.51 11.50
C THR A 45 15.56 14.23 12.84
N GLY A 46 14.86 13.66 13.83
CA GLY A 46 14.80 14.27 15.14
C GLY A 46 15.37 13.40 16.25
N LEU A 47 15.29 12.08 16.08
CA LEU A 47 15.79 11.17 17.08
C LEU A 47 17.16 10.60 16.70
N PHE A 48 17.65 10.99 15.53
CA PHE A 48 18.96 10.53 15.06
C PHE A 48 20.06 11.06 15.96
N VAL A 49 20.14 12.38 16.08
CA VAL A 49 21.15 13.05 16.90
C VAL A 49 22.56 12.55 16.59
N GLN A 50 23.56 13.31 17.05
CA GLN A 50 24.95 12.96 16.82
C GLN A 50 25.82 13.28 18.03
N ASP A 51 26.27 12.25 18.72
CA ASP A 51 27.10 12.43 19.91
C ASP A 51 28.53 11.95 19.65
N ASN A 52 29.37 12.86 19.18
CA ASN A 52 30.76 12.52 18.89
C ASN A 52 31.55 13.77 18.50
N VAL A 53 32.86 13.60 18.33
CA VAL A 53 33.73 14.72 17.95
C VAL A 53 34.38 14.47 16.59
N ASN A 54 34.24 15.43 15.69
CA ASN A 54 34.81 15.32 14.36
C ASN A 54 34.25 14.11 13.62
N LYS A 55 34.72 13.89 12.39
CA LYS A 55 34.26 12.76 11.59
C LYS A 55 35.43 11.83 11.25
N ASP A 56 35.10 10.67 10.71
CA ASP A 56 36.12 9.68 10.33
C ASP A 56 36.50 9.83 8.87
N ALA A 57 35.49 10.06 8.02
CA ALA A 57 35.73 10.22 6.59
C ALA A 57 34.48 10.75 5.89
N THR B 1 -29.35 -16.43 -20.89
CA THR B 1 -29.11 -17.77 -21.49
C THR B 1 -27.61 -18.07 -21.59
N ARG B 2 -26.93 -17.38 -22.49
CA ARG B 2 -25.50 -17.57 -22.68
C ARG B 2 -24.72 -16.38 -22.15
N ALA B 3 -25.22 -15.76 -21.08
CA ALA B 3 -24.57 -14.61 -20.48
C ALA B 3 -24.52 -14.75 -18.96
N HIS B 4 -25.18 -13.83 -18.23
CA HIS B 4 -25.20 -13.85 -16.77
C HIS B 4 -23.81 -14.15 -16.20
N LEU B 5 -22.78 -13.74 -16.92
CA LEU B 5 -21.41 -13.97 -16.48
C LEU B 5 -20.54 -12.73 -16.75
N THR B 6 -20.85 -12.01 -17.81
CA THR B 6 -20.11 -10.81 -18.18
C THR B 6 -20.45 -9.64 -17.28
N GLU B 7 -21.74 -9.50 -16.98
CA GLU B 7 -22.21 -8.41 -16.13
C GLU B 7 -21.83 -8.65 -14.67
N VAL B 8 -21.96 -9.88 -14.22
CA VAL B 8 -21.63 -10.23 -12.84
C VAL B 8 -20.12 -10.20 -12.63
N GLU B 9 -19.37 -10.71 -13.61
CA GLU B 9 -17.92 -10.71 -13.52
C GLU B 9 -17.44 -9.27 -13.49
N SER B 10 -17.98 -8.48 -14.41
CA SER B 10 -17.65 -7.07 -14.47
C SER B 10 -18.13 -6.39 -13.20
N ARG B 11 -19.11 -7.01 -12.54
CA ARG B 11 -19.68 -6.48 -11.32
C ARG B 11 -18.70 -6.52 -10.16
N LEU B 12 -18.41 -7.72 -9.65
CA LEU B 12 -17.48 -7.81 -8.55
C LEU B 12 -16.12 -7.27 -8.96
N GLU B 13 -15.86 -7.32 -10.27
CA GLU B 13 -14.63 -6.77 -10.81
C GLU B 13 -14.64 -5.26 -10.58
N ARG B 14 -15.83 -4.67 -10.72
CA ARG B 14 -16.00 -3.25 -10.49
C ARG B 14 -15.83 -2.96 -9.01
N LEU B 15 -16.22 -3.93 -8.19
CA LEU B 15 -16.08 -3.80 -6.75
C LEU B 15 -14.61 -3.81 -6.37
N GLU B 16 -13.83 -4.48 -7.21
CA GLU B 16 -12.40 -4.58 -7.02
C GLU B 16 -11.70 -3.31 -7.53
N GLN B 17 -12.28 -2.70 -8.55
CA GLN B 17 -11.72 -1.49 -9.12
C GLN B 17 -11.81 -0.33 -8.13
N LEU B 18 -12.99 -0.13 -7.57
CA LEU B 18 -13.21 0.94 -6.60
C LEU B 18 -12.34 0.74 -5.36
N PHE B 19 -12.01 -0.52 -5.08
CA PHE B 19 -11.19 -0.85 -3.91
C PHE B 19 -11.90 -0.50 -2.62
N LEU B 20 -11.46 -1.10 -1.52
CA LEU B 20 -12.07 -0.85 -0.21
C LEU B 20 -11.00 -0.85 0.88
N LEU B 21 -10.41 0.32 1.13
CA LEU B 21 -9.38 0.45 2.15
C LEU B 21 -8.29 -0.60 1.97
N ILE B 22 -7.75 -0.68 0.76
CA ILE B 22 -6.69 -1.63 0.43
C ILE B 22 -6.95 -3.00 1.05
N PHE B 23 -8.22 -3.36 1.19
CA PHE B 23 -8.60 -4.64 1.76
C PHE B 23 -8.25 -4.71 3.25
N PRO B 24 -9.25 -4.51 4.13
CA PRO B 24 -9.04 -4.55 5.59
C PRO B 24 -8.51 -5.91 6.06
N ARG B 25 -8.39 -6.07 7.38
CA ARG B 25 -7.90 -7.31 7.96
C ARG B 25 -6.44 -7.55 7.59
N GLU B 26 -6.20 -7.93 6.35
CA GLU B 26 -4.85 -8.20 5.88
C GLU B 26 -3.97 -6.96 6.02
N ASP B 27 -4.24 -5.95 5.22
CA ASP B 27 -3.48 -4.70 5.26
C ASP B 27 -2.07 -4.92 4.73
N LEU B 28 -1.28 -5.70 5.46
CA LEU B 28 0.10 -5.99 5.06
C LEU B 28 0.92 -4.71 4.97
N ASP B 29 2.24 -4.87 4.88
CA ASP B 29 3.13 -3.72 4.78
C ASP B 29 4.21 -3.96 3.72
N MET B 30 3.95 -4.90 2.81
CA MET B 30 4.89 -5.21 1.75
C MET B 30 4.90 -4.13 0.68
N ILE B 31 3.72 -3.55 0.42
CA ILE B 31 3.59 -2.49 -0.57
C ILE B 31 4.39 -1.26 -0.17
N LEU B 32 4.26 -0.87 1.10
CA LEU B 32 4.97 0.30 1.62
C LEU B 32 6.43 -0.04 1.89
N LYS B 33 6.70 -1.30 2.19
CA LYS B 33 8.06 -1.76 2.46
C LYS B 33 8.89 -1.79 1.19
N MET B 34 8.21 -2.00 0.06
CA MET B 34 8.88 -2.07 -1.23
C MET B 34 8.85 -0.71 -1.94
N ASP B 35 7.85 0.10 -1.61
CA ASP B 35 7.70 1.42 -2.20
C ASP B 35 8.63 2.43 -1.55
N SER B 36 8.60 2.48 -0.21
CA SER B 36 9.44 3.40 0.54
C SER B 36 9.23 3.24 2.03
N LEU B 37 10.32 3.10 2.77
CA LEU B 37 10.27 2.93 4.22
C LEU B 37 11.66 2.89 4.82
N ARG B 38 12.48 1.95 4.36
CA ARG B 38 13.84 1.82 4.85
C ARG B 38 14.77 2.84 4.19
N ASP B 39 14.42 3.23 2.97
CA ASP B 39 15.22 4.22 2.23
C ASP B 39 15.04 5.61 2.82
N ILE B 40 14.08 5.74 3.73
CA ILE B 40 13.80 7.01 4.39
C ILE B 40 14.66 7.12 5.64
N GLU B 41 14.53 6.12 6.49
CA GLU B 41 15.31 6.05 7.71
C GLU B 41 16.79 5.91 7.35
N ALA B 42 17.04 5.44 6.13
CA ALA B 42 18.39 5.26 5.63
C ALA B 42 18.93 6.54 5.01
N LEU B 43 18.34 6.95 3.89
CA LEU B 43 18.76 8.18 3.22
C LEU B 43 18.84 9.33 4.22
N LEU B 44 18.05 9.22 5.29
CA LEU B 44 18.03 10.24 6.32
C LEU B 44 19.09 9.96 7.39
N THR B 45 19.21 8.70 7.81
CA THR B 45 20.21 8.36 8.84
C THR B 45 21.64 8.50 8.29
N GLY B 46 21.77 8.73 6.98
CA GLY B 46 23.07 8.88 6.38
C GLY B 46 23.29 10.22 5.73
N LEU B 47 22.21 10.83 5.23
CA LEU B 47 22.31 12.13 4.57
C LEU B 47 21.90 13.27 5.49
N PHE B 48 21.49 12.93 6.71
CA PHE B 48 21.07 13.93 7.68
C PHE B 48 22.25 14.81 8.09
N VAL B 49 23.30 14.16 8.61
CA VAL B 49 24.51 14.85 9.05
C VAL B 49 24.20 16.02 9.99
N GLN B 50 25.23 16.50 10.68
CA GLN B 50 25.06 17.61 11.62
C GLN B 50 26.27 18.54 11.57
N ASP B 51 26.07 19.74 11.03
CA ASP B 51 27.14 20.72 10.93
C ASP B 51 26.88 21.91 11.84
N ASN B 52 27.37 21.83 13.07
CA ASN B 52 27.19 22.89 14.05
C ASN B 52 27.96 22.60 15.33
N VAL B 53 27.97 23.56 16.25
CA VAL B 53 28.66 23.42 17.51
C VAL B 53 27.69 23.46 18.69
N ASN B 54 27.76 22.45 19.54
CA ASN B 54 26.88 22.37 20.71
C ASN B 54 25.41 22.35 20.29
N LYS B 55 24.52 22.31 21.28
CA LYS B 55 23.09 22.29 21.01
C LYS B 55 22.40 23.50 21.62
N ASP B 56 21.14 23.71 21.26
CA ASP B 56 20.37 24.82 21.77
C ASP B 56 19.55 24.42 22.99
N ALA B 57 18.97 23.22 22.94
CA ALA B 57 18.16 22.72 24.04
C ALA B 57 17.86 21.23 23.87
N THR A 1 -32.69 -15.82 -15.27
CA THR A 1 -31.58 -15.84 -14.29
C THR A 1 -32.07 -16.34 -12.92
N ARG A 2 -31.17 -16.34 -11.94
CA ARG A 2 -31.51 -16.79 -10.60
C ARG A 2 -30.35 -16.54 -9.64
N ALA A 3 -30.47 -17.09 -8.43
CA ALA A 3 -29.43 -16.92 -7.41
C ALA A 3 -28.21 -17.77 -7.73
N HIS A 4 -27.56 -17.48 -8.85
CA HIS A 4 -26.38 -18.21 -9.26
C HIS A 4 -25.27 -17.25 -9.71
N LEU A 5 -24.03 -17.64 -9.48
CA LEU A 5 -22.88 -16.82 -9.86
C LEU A 5 -21.79 -17.68 -10.49
N THR A 6 -21.39 -18.75 -9.78
CA THR A 6 -20.37 -19.70 -10.23
C THR A 6 -19.43 -19.12 -11.30
N GLU A 7 -19.83 -19.20 -12.56
CA GLU A 7 -19.01 -18.70 -13.65
C GLU A 7 -18.74 -17.21 -13.50
N VAL A 8 -19.78 -16.40 -13.65
CA VAL A 8 -19.64 -14.95 -13.54
C VAL A 8 -18.99 -14.55 -12.23
N GLU A 9 -19.15 -15.37 -11.19
CA GLU A 9 -18.54 -15.08 -9.90
C GLU A 9 -17.02 -15.16 -10.04
N SER A 10 -16.57 -16.22 -10.66
CA SER A 10 -15.15 -16.40 -10.90
C SER A 10 -14.69 -15.34 -11.91
N ARG A 11 -15.66 -14.77 -12.60
CA ARG A 11 -15.41 -13.74 -13.60
C ARG A 11 -14.97 -12.44 -12.97
N LEU A 12 -15.90 -11.72 -12.36
CA LEU A 12 -15.53 -10.45 -11.74
C LEU A 12 -14.52 -10.69 -10.63
N GLU A 13 -14.65 -11.84 -9.98
CA GLU A 13 -13.72 -12.22 -8.93
C GLU A 13 -12.32 -12.33 -9.53
N ARG A 14 -12.23 -12.82 -10.77
CA ARG A 14 -10.95 -12.94 -11.45
C ARG A 14 -10.54 -11.58 -12.04
N LEU A 15 -11.51 -10.67 -12.13
CA LEU A 15 -11.28 -9.34 -12.66
C LEU A 15 -10.62 -8.45 -11.61
N GLU A 16 -10.89 -8.78 -10.36
CA GLU A 16 -10.34 -8.03 -9.25
C GLU A 16 -9.18 -8.78 -8.61
N GLN A 17 -9.14 -10.09 -8.81
CA GLN A 17 -8.06 -10.92 -8.26
C GLN A 17 -6.72 -10.51 -8.87
N LEU A 18 -6.76 -10.16 -10.15
CA LEU A 18 -5.56 -9.74 -10.86
C LEU A 18 -5.27 -8.26 -10.60
N PHE A 19 -6.12 -7.62 -9.81
CA PHE A 19 -5.96 -6.20 -9.48
C PHE A 19 -6.18 -5.32 -10.72
N LEU A 20 -5.09 -4.93 -11.38
CA LEU A 20 -5.17 -4.09 -12.57
C LEU A 20 -6.10 -2.91 -12.35
N LEU A 21 -6.23 -2.48 -11.09
CA LEU A 21 -7.09 -1.35 -10.75
C LEU A 21 -6.62 -0.67 -9.47
N ILE A 22 -6.30 -1.47 -8.46
CA ILE A 22 -5.84 -0.92 -7.19
C ILE A 22 -4.57 -0.09 -7.37
N PHE A 23 -3.75 -0.48 -8.34
CA PHE A 23 -2.51 0.24 -8.62
C PHE A 23 -2.47 0.72 -10.07
N PRO A 24 -3.25 1.77 -10.39
CA PRO A 24 -3.31 2.33 -11.75
C PRO A 24 -2.23 3.38 -12.00
N ARG A 25 -1.22 3.42 -11.15
CA ARG A 25 -0.14 4.38 -11.30
C ARG A 25 0.94 3.86 -12.23
N GLU A 26 1.52 2.71 -11.89
CA GLU A 26 2.57 2.10 -12.69
C GLU A 26 3.75 3.05 -12.83
N ASP A 27 3.95 3.91 -11.84
CA ASP A 27 5.04 4.87 -11.85
C ASP A 27 5.43 5.26 -10.43
N LEU A 28 4.45 5.69 -9.65
CA LEU A 28 4.69 6.09 -8.27
C LEU A 28 3.86 5.24 -7.31
N ASP A 29 3.89 5.61 -6.03
CA ASP A 29 3.15 4.88 -5.01
C ASP A 29 2.48 5.84 -4.04
N MET A 30 1.21 6.17 -4.31
CA MET A 30 0.46 7.10 -3.47
C MET A 30 0.20 6.51 -2.08
N ILE A 31 -0.09 5.21 -2.02
CA ILE A 31 -0.37 4.56 -0.74
C ILE A 31 0.89 4.38 0.09
N LEU A 32 1.96 3.95 -0.55
CA LEU A 32 3.23 3.73 0.13
C LEU A 32 3.91 5.04 0.49
N LYS A 33 3.57 6.11 -0.22
CA LYS A 33 4.15 7.43 0.04
C LYS A 33 3.31 8.19 1.06
N MET A 34 2.02 7.89 1.11
CA MET A 34 1.11 8.55 2.04
C MET A 34 1.10 7.85 3.39
N ASP A 35 1.46 6.56 3.39
CA ASP A 35 1.49 5.78 4.62
C ASP A 35 2.92 5.58 5.11
N SER A 36 3.30 6.32 6.15
CA SER A 36 4.64 6.22 6.71
C SER A 36 5.69 6.59 5.68
N LEU A 37 6.39 7.69 5.91
CA LEU A 37 7.43 8.15 4.99
C LEU A 37 8.09 9.42 5.51
N ARG A 38 7.29 10.32 6.08
CA ARG A 38 7.80 11.57 6.61
C ARG A 38 8.11 11.45 8.10
N ASP A 39 7.44 10.52 8.77
CA ASP A 39 7.65 10.30 10.19
C ASP A 39 9.02 9.69 10.48
N ILE A 40 9.70 9.25 9.41
CA ILE A 40 11.02 8.66 9.54
C ILE A 40 12.08 9.74 9.41
N GLU A 41 12.03 10.46 8.29
CA GLU A 41 12.96 11.55 8.07
C GLU A 41 12.73 12.63 9.12
N ALA A 42 11.55 12.59 9.74
CA ALA A 42 11.19 13.54 10.79
C ALA A 42 11.67 13.04 12.14
N LEU A 43 11.25 11.84 12.51
CA LEU A 43 11.67 11.25 13.77
C LEU A 43 13.18 11.30 13.89
N LEU A 44 13.85 11.31 12.73
CA LEU A 44 15.30 11.37 12.68
C LEU A 44 15.78 12.82 12.63
N THR A 45 15.07 13.67 11.90
CA THR A 45 15.46 15.09 11.81
C THR A 45 15.29 15.79 13.16
N GLY A 46 14.61 15.13 14.10
CA GLY A 46 14.40 15.72 15.40
C GLY A 46 14.97 14.88 16.54
N LEU A 47 15.03 13.57 16.34
CA LEU A 47 15.55 12.68 17.37
C LEU A 47 16.98 12.21 17.06
N PHE A 48 17.54 12.72 15.97
CA PHE A 48 18.90 12.36 15.56
C PHE A 48 19.84 12.30 16.76
N VAL A 49 20.71 11.28 16.77
CA VAL A 49 21.66 11.11 17.85
C VAL A 49 22.91 11.95 17.62
N GLN A 50 23.50 12.45 18.71
CA GLN A 50 24.69 13.28 18.61
C GLN A 50 25.60 13.03 19.81
N ASP A 51 26.63 12.21 19.61
CA ASP A 51 27.58 11.89 20.67
C ASP A 51 28.96 11.64 20.11
N ASN A 52 29.04 10.84 19.04
CA ASN A 52 30.31 10.53 18.41
C ASN A 52 30.43 11.23 17.06
N VAL A 53 31.54 11.93 16.85
CA VAL A 53 31.77 12.65 15.61
C VAL A 53 33.02 12.13 14.90
N ASN A 54 34.06 11.84 15.68
CA ASN A 54 35.32 11.34 15.14
C ASN A 54 35.49 9.85 15.43
N LYS A 55 34.38 9.11 15.39
CA LYS A 55 34.41 7.67 15.65
C LYS A 55 33.20 6.99 15.02
N ASP A 56 33.29 5.66 14.89
CA ASP A 56 32.20 4.89 14.30
C ASP A 56 31.47 4.10 15.38
N ALA A 57 30.14 4.15 15.34
CA ALA A 57 29.32 3.44 16.31
C ALA A 57 29.00 2.03 15.84
N THR B 1 -26.00 -21.71 -19.16
CA THR B 1 -25.44 -20.35 -18.96
C THR B 1 -25.12 -19.68 -20.28
N ARG B 2 -25.11 -18.34 -20.28
CA ARG B 2 -24.82 -17.58 -21.49
C ARG B 2 -23.79 -16.49 -21.20
N ALA B 3 -23.41 -15.77 -22.25
CA ALA B 3 -22.43 -14.70 -22.11
C ALA B 3 -23.03 -13.46 -21.44
N HIS B 4 -23.45 -13.63 -20.18
CA HIS B 4 -24.05 -12.53 -19.43
C HIS B 4 -23.46 -12.46 -18.02
N LEU B 5 -23.36 -11.25 -17.49
CA LEU B 5 -22.82 -11.05 -16.16
C LEU B 5 -23.67 -10.04 -15.38
N THR B 6 -23.89 -8.88 -15.99
CA THR B 6 -24.69 -7.79 -15.40
C THR B 6 -24.81 -7.88 -13.88
N GLU B 7 -25.80 -8.64 -13.40
CA GLU B 7 -26.03 -8.78 -11.97
C GLU B 7 -24.80 -9.36 -11.27
N VAL B 8 -24.51 -10.62 -11.55
CA VAL B 8 -23.36 -11.28 -10.93
C VAL B 8 -22.07 -10.50 -11.14
N GLU B 9 -21.99 -9.73 -12.22
CA GLU B 9 -20.82 -8.93 -12.49
C GLU B 9 -20.70 -7.85 -11.44
N SER B 10 -21.80 -7.18 -11.17
CA SER B 10 -21.83 -6.16 -10.13
C SER B 10 -21.66 -6.84 -8.77
N ARG B 11 -21.88 -8.15 -8.76
CA ARG B 11 -21.77 -8.95 -7.56
C ARG B 11 -20.33 -9.10 -7.13
N LEU B 12 -19.56 -9.93 -7.83
CA LEU B 12 -18.18 -10.12 -7.45
C LEU B 12 -17.42 -8.79 -7.56
N GLU B 13 -17.84 -7.98 -8.51
CA GLU B 13 -17.25 -6.66 -8.68
C GLU B 13 -17.47 -5.84 -7.42
N ARG B 14 -18.63 -6.03 -6.80
CA ARG B 14 -18.95 -5.31 -5.57
C ARG B 14 -18.29 -6.02 -4.38
N LEU B 15 -17.87 -7.26 -4.60
CA LEU B 15 -17.23 -8.06 -3.57
C LEU B 15 -15.77 -7.66 -3.42
N GLU B 16 -15.22 -7.16 -4.50
CA GLU B 16 -13.83 -6.72 -4.52
C GLU B 16 -13.74 -5.20 -4.44
N GLN B 17 -14.81 -4.52 -4.81
CA GLN B 17 -14.84 -3.06 -4.77
C GLN B 17 -14.72 -2.58 -3.33
N LEU B 18 -15.33 -3.32 -2.41
CA LEU B 18 -15.28 -2.99 -1.00
C LEU B 18 -13.99 -3.50 -0.36
N PHE B 19 -13.16 -4.16 -1.17
CA PHE B 19 -11.89 -4.70 -0.68
C PHE B 19 -12.12 -5.85 0.30
N LEU B 20 -12.09 -5.55 1.60
CA LEU B 20 -12.30 -6.58 2.62
C LEU B 20 -11.46 -7.82 2.33
N LEU B 21 -10.33 -7.63 1.66
CA LEU B 21 -9.45 -8.74 1.32
C LEU B 21 -8.02 -8.27 1.12
N ILE B 22 -7.84 -7.17 0.38
CA ILE B 22 -6.53 -6.62 0.12
C ILE B 22 -5.82 -6.25 1.42
N PHE B 23 -6.60 -5.84 2.42
CA PHE B 23 -6.05 -5.47 3.72
C PHE B 23 -6.66 -6.31 4.84
N PRO B 24 -6.26 -7.58 4.95
CA PRO B 24 -6.78 -8.50 5.97
C PRO B 24 -5.99 -8.43 7.29
N ARG B 25 -5.22 -7.36 7.45
CA ARG B 25 -4.43 -7.18 8.66
C ARG B 25 -5.24 -6.50 9.75
N GLU B 26 -5.73 -5.30 9.45
CA GLU B 26 -6.53 -4.54 10.41
C GLU B 26 -5.73 -4.26 11.68
N ASP B 27 -4.41 -4.16 11.54
CA ASP B 27 -3.54 -3.90 12.67
C ASP B 27 -2.21 -3.30 12.21
N LEU B 28 -1.58 -3.96 11.24
CA LEU B 28 -0.31 -3.50 10.71
C LEU B 28 -0.42 -3.22 9.22
N ASP B 29 0.70 -2.83 8.60
CA ASP B 29 0.74 -2.51 7.18
C ASP B 29 1.96 -3.14 6.52
N MET B 30 1.78 -4.34 5.98
CA MET B 30 2.86 -5.06 5.32
C MET B 30 3.34 -4.35 4.05
N ILE B 31 2.40 -3.80 3.30
CA ILE B 31 2.72 -3.10 2.06
C ILE B 31 3.38 -1.75 2.31
N LEU B 32 2.83 -1.01 3.26
CA LEU B 32 3.35 0.31 3.59
C LEU B 32 4.67 0.21 4.36
N LYS B 33 4.90 -0.93 5.01
CA LYS B 33 6.12 -1.14 5.77
C LYS B 33 7.21 -1.76 4.89
N MET B 34 6.80 -2.49 3.87
CA MET B 34 7.74 -3.13 2.96
C MET B 34 8.13 -2.18 1.82
N ASP B 35 7.27 -1.21 1.54
CA ASP B 35 7.53 -0.25 0.49
C ASP B 35 7.97 1.09 1.06
N SER B 36 9.26 1.38 0.97
CA SER B 36 9.81 2.63 1.49
C SER B 36 9.56 2.76 2.99
N LEU B 37 10.64 2.72 3.76
CA LEU B 37 10.53 2.83 5.22
C LEU B 37 11.92 2.81 5.86
N ARG B 38 12.80 1.97 5.33
CA ARG B 38 14.16 1.87 5.86
C ARG B 38 15.12 2.77 5.10
N ASP B 39 14.78 3.08 3.85
CA ASP B 39 15.62 3.95 3.02
C ASP B 39 15.61 5.39 3.52
N ILE B 40 14.70 5.69 4.45
CA ILE B 40 14.60 7.02 5.02
C ILE B 40 15.48 7.12 6.25
N GLU B 41 15.24 6.23 7.21
CA GLU B 41 16.05 6.19 8.41
C GLU B 41 17.49 5.86 8.04
N ALA B 42 17.67 5.28 6.86
CA ALA B 42 18.98 4.92 6.35
C ALA B 42 19.62 6.11 5.64
N LEU B 43 18.91 6.62 4.63
CA LEU B 43 19.42 7.78 3.90
C LEU B 43 19.80 8.88 4.87
N LEU B 44 19.15 8.88 6.03
CA LEU B 44 19.42 9.86 7.07
C LEU B 44 20.52 9.37 8.00
N THR B 45 20.51 8.09 8.32
CA THR B 45 21.54 7.55 9.22
C THR B 45 22.92 7.57 8.55
N GLY B 46 22.95 7.85 7.26
CA GLY B 46 24.21 7.90 6.54
C GLY B 46 24.47 9.24 5.89
N LEU B 47 23.40 9.95 5.51
CA LEU B 47 23.54 11.25 4.86
C LEU B 47 23.27 12.41 5.83
N PHE B 48 23.00 12.07 7.08
CA PHE B 48 22.71 13.08 8.10
C PHE B 48 23.64 14.29 7.98
N VAL B 49 23.06 15.48 8.13
CA VAL B 49 23.83 16.71 8.03
C VAL B 49 24.50 17.05 9.37
N GLN B 50 25.70 17.63 9.28
CA GLN B 50 26.45 18.00 10.49
C GLN B 50 27.23 19.28 10.26
N ASP B 51 26.68 20.39 10.73
CA ASP B 51 27.34 21.69 10.59
C ASP B 51 27.03 22.59 11.77
N ASN B 52 25.75 22.66 12.15
CA ASN B 52 25.32 23.48 13.27
C ASN B 52 24.95 22.62 14.46
N VAL B 53 25.52 22.94 15.63
CA VAL B 53 25.24 22.19 16.85
C VAL B 53 24.62 23.09 17.91
N ASN B 54 25.12 24.33 18.00
CA ASN B 54 24.61 25.28 18.98
C ASN B 54 23.77 26.36 18.31
N LYS B 55 23.01 25.96 17.30
CA LYS B 55 22.15 26.89 16.57
C LYS B 55 21.02 26.15 15.86
N ASP B 56 19.99 26.90 15.47
CA ASP B 56 18.85 26.31 14.78
C ASP B 56 18.87 26.67 13.30
N ALA B 57 18.64 25.67 12.46
CA ALA B 57 18.63 25.88 11.01
C ALA B 57 17.24 26.24 10.51
N THR A 1 -29.23 -28.16 -13.22
CA THR A 1 -28.93 -27.39 -14.46
C THR A 1 -29.75 -26.10 -14.53
N ARG A 2 -30.09 -25.57 -13.36
CA ARG A 2 -30.87 -24.34 -13.29
C ARG A 2 -30.13 -23.26 -12.50
N ALA A 3 -30.79 -22.11 -12.32
CA ALA A 3 -30.19 -21.01 -11.59
C ALA A 3 -28.99 -20.44 -12.34
N HIS A 4 -28.97 -19.12 -12.50
CA HIS A 4 -27.87 -18.45 -13.20
C HIS A 4 -26.78 -18.02 -12.24
N LEU A 5 -25.54 -18.41 -12.54
CA LEU A 5 -24.40 -18.06 -11.70
C LEU A 5 -23.09 -18.50 -12.34
N THR A 6 -22.65 -19.73 -12.01
CA THR A 6 -21.42 -20.32 -12.54
C THR A 6 -20.60 -19.36 -13.44
N GLU A 7 -20.71 -19.53 -14.76
CA GLU A 7 -19.98 -18.70 -15.72
C GLU A 7 -19.85 -17.25 -15.25
N VAL A 8 -20.96 -16.52 -15.23
CA VAL A 8 -20.96 -15.12 -14.82
C VAL A 8 -20.18 -14.94 -13.51
N GLU A 9 -20.17 -15.97 -12.67
CA GLU A 9 -19.44 -15.90 -11.41
C GLU A 9 -17.96 -15.84 -11.71
N SER A 10 -17.51 -16.72 -12.58
CA SER A 10 -16.12 -16.72 -12.99
C SER A 10 -15.81 -15.45 -13.76
N ARG A 11 -16.87 -14.75 -14.17
CA ARG A 11 -16.75 -13.51 -14.93
C ARG A 11 -16.37 -12.34 -14.02
N LEU A 12 -17.34 -11.84 -13.26
CA LEU A 12 -17.07 -10.71 -12.40
C LEU A 12 -15.99 -11.09 -11.40
N GLU A 13 -15.89 -12.38 -11.12
CA GLU A 13 -14.85 -12.88 -10.25
C GLU A 13 -13.52 -12.81 -10.98
N ARG A 14 -13.55 -13.09 -12.28
CA ARG A 14 -12.35 -13.04 -13.11
C ARG A 14 -11.78 -11.64 -13.06
N LEU A 15 -12.65 -10.64 -13.08
CA LEU A 15 -12.18 -9.26 -13.01
C LEU A 15 -11.83 -8.89 -11.57
N GLU A 16 -12.43 -9.62 -10.64
CA GLU A 16 -12.18 -9.41 -9.22
C GLU A 16 -10.72 -9.78 -8.91
N GLN A 17 -10.21 -10.78 -9.61
CA GLN A 17 -8.83 -11.21 -9.42
C GLN A 17 -7.86 -10.19 -10.01
N LEU A 18 -8.33 -9.48 -11.03
CA LEU A 18 -7.51 -8.46 -11.69
C LEU A 18 -7.74 -7.08 -11.07
N PHE A 19 -8.62 -7.02 -10.07
CA PHE A 19 -8.93 -5.75 -9.38
C PHE A 19 -9.20 -4.62 -10.37
N LEU A 20 -8.14 -3.91 -10.78
CA LEU A 20 -8.26 -2.81 -11.72
C LEU A 20 -9.09 -1.68 -11.13
N LEU A 21 -9.14 -1.60 -9.80
CA LEU A 21 -9.90 -0.57 -9.11
C LEU A 21 -9.24 -0.19 -7.79
N ILE A 22 -8.89 -1.21 -7.00
CA ILE A 22 -8.25 -0.99 -5.71
C ILE A 22 -6.75 -0.77 -5.87
N PHE A 23 -6.16 -1.46 -6.84
CA PHE A 23 -4.73 -1.34 -7.09
C PHE A 23 -4.46 -0.47 -8.33
N PRO A 24 -4.26 0.84 -8.13
CA PRO A 24 -4.00 1.77 -9.23
C PRO A 24 -2.63 1.53 -9.88
N ARG A 25 -2.23 2.44 -10.75
CA ARG A 25 -0.94 2.34 -11.44
C ARG A 25 -0.32 3.69 -11.67
N GLU A 26 0.39 4.20 -10.67
CA GLU A 26 1.05 5.50 -10.76
C GLU A 26 2.56 5.35 -10.65
N ASP A 27 3.29 6.38 -11.03
CA ASP A 27 4.75 6.36 -10.97
C ASP A 27 5.25 6.88 -9.63
N LEU A 28 4.68 6.36 -8.54
CA LEU A 28 5.07 6.77 -7.19
C LEU A 28 4.28 6.01 -6.14
N ASP A 29 4.90 5.77 -4.99
CA ASP A 29 4.25 5.06 -3.90
C ASP A 29 3.47 6.03 -3.01
N MET A 30 2.28 6.39 -3.48
CA MET A 30 1.41 7.31 -2.75
C MET A 30 1.24 6.88 -1.29
N ILE A 31 1.36 5.58 -1.06
CA ILE A 31 1.22 5.04 0.30
C ILE A 31 2.48 5.30 1.11
N LEU A 32 3.60 4.77 0.64
CA LEU A 32 4.88 4.93 1.31
C LEU A 32 5.22 6.41 1.54
N LYS A 33 4.58 7.30 0.78
CA LYS A 33 4.85 8.73 0.92
C LYS A 33 3.76 9.48 1.69
N MET A 34 2.54 8.94 1.69
CA MET A 34 1.43 9.60 2.39
C MET A 34 1.16 9.00 3.77
N ASP A 35 1.92 7.95 4.14
CA ASP A 35 1.73 7.32 5.44
C ASP A 35 2.99 7.39 6.29
N SER A 36 3.12 8.49 7.05
CA SER A 36 4.28 8.68 7.91
C SER A 36 5.59 8.49 7.14
N LEU A 37 6.67 8.16 7.87
CA LEU A 37 7.96 7.95 7.25
C LEU A 37 8.47 9.23 6.59
N ARG A 38 8.07 10.38 7.13
CA ARG A 38 8.48 11.66 6.61
C ARG A 38 9.06 12.53 7.72
N ASP A 39 8.41 12.52 8.87
CA ASP A 39 8.86 13.31 10.02
C ASP A 39 10.15 12.73 10.60
N ILE A 40 10.53 11.54 10.14
CA ILE A 40 11.74 10.89 10.61
C ILE A 40 12.90 11.34 9.74
N GLU A 41 12.75 11.13 8.43
CA GLU A 41 13.76 11.56 7.48
C GLU A 41 13.89 13.08 7.52
N ALA A 42 12.85 13.73 8.05
CA ALA A 42 12.83 15.18 8.15
C ALA A 42 13.51 15.63 9.44
N LEU A 43 12.92 15.26 10.58
CA LEU A 43 13.51 15.61 11.87
C LEU A 43 14.98 15.24 11.93
N LEU A 44 15.36 14.25 11.11
CA LEU A 44 16.75 13.81 11.05
C LEU A 44 17.52 14.60 10.00
N THR A 45 16.88 14.85 8.86
CA THR A 45 17.53 15.60 7.78
C THR A 45 17.80 17.05 8.21
N GLY A 46 17.17 17.48 9.31
CA GLY A 46 17.35 18.84 9.78
C GLY A 46 17.96 18.92 11.17
N LEU A 47 17.38 18.18 12.11
CA LEU A 47 17.87 18.19 13.49
C LEU A 47 18.80 17.02 13.79
N PHE A 48 18.97 16.15 12.81
CA PHE A 48 19.83 14.97 12.96
C PHE A 48 19.69 14.33 14.34
N VAL A 49 18.49 14.39 14.91
CA VAL A 49 18.23 13.83 16.21
C VAL A 49 18.10 12.31 16.14
N GLN A 50 18.82 11.61 17.02
CA GLN A 50 18.78 10.16 17.07
C GLN A 50 17.39 9.65 17.47
N ASP A 51 16.98 9.99 18.68
CA ASP A 51 15.68 9.58 19.19
C ASP A 51 14.98 10.71 19.92
N ASN A 52 15.72 11.41 20.77
CA ASN A 52 15.17 12.53 21.54
C ASN A 52 14.19 12.02 22.60
N VAL A 53 14.63 12.06 23.87
CA VAL A 53 13.79 11.62 24.97
C VAL A 53 13.72 12.67 26.07
N ASN A 54 12.54 13.24 26.27
CA ASN A 54 12.34 14.27 27.28
C ASN A 54 10.98 14.13 27.94
N LYS A 55 9.93 14.11 27.11
CA LYS A 55 8.56 13.98 27.60
C LYS A 55 7.57 13.84 26.45
N ASP A 56 7.76 14.66 25.42
CA ASP A 56 6.88 14.62 24.25
C ASP A 56 7.46 13.73 23.16
N ALA A 57 6.60 13.18 22.32
CA ALA A 57 7.03 12.31 21.24
C ALA A 57 6.10 12.45 20.02
N THR B 1 -33.77 -10.20 -22.19
CA THR B 1 -34.53 -11.28 -22.88
C THR B 1 -33.94 -12.65 -22.56
N ARG B 2 -32.63 -12.79 -22.76
CA ARG B 2 -31.95 -14.05 -22.49
C ARG B 2 -30.51 -13.81 -22.04
N ALA B 3 -29.69 -14.85 -22.06
CA ALA B 3 -28.30 -14.75 -21.65
C ALA B 3 -28.19 -14.51 -20.15
N HIS B 4 -27.33 -15.29 -19.49
CA HIS B 4 -27.14 -15.17 -18.05
C HIS B 4 -25.97 -14.23 -17.74
N LEU B 5 -26.24 -13.24 -16.88
CA LEU B 5 -25.21 -12.28 -16.49
C LEU B 5 -25.73 -11.34 -15.40
N THR B 6 -26.32 -10.21 -15.82
CA THR B 6 -26.86 -9.19 -14.90
C THR B 6 -26.63 -9.52 -13.41
N GLU B 7 -27.66 -10.04 -12.73
CA GLU B 7 -27.58 -10.37 -11.31
C GLU B 7 -26.19 -10.89 -10.92
N VAL B 8 -25.86 -12.09 -11.37
CA VAL B 8 -24.58 -12.70 -11.05
C VAL B 8 -23.42 -11.72 -11.26
N GLU B 9 -23.60 -10.79 -12.20
CA GLU B 9 -22.58 -9.79 -12.47
C GLU B 9 -22.47 -8.89 -11.26
N SER B 10 -23.60 -8.41 -10.79
CA SER B 10 -23.63 -7.57 -9.61
C SER B 10 -23.17 -8.39 -8.40
N ARG B 11 -23.14 -9.71 -8.57
CA ARG B 11 -22.73 -10.62 -7.51
C ARG B 11 -21.23 -10.64 -7.33
N LEU B 12 -20.52 -11.31 -8.25
CA LEU B 12 -19.08 -11.39 -8.13
C LEU B 12 -18.48 -9.99 -8.19
N GLU B 13 -19.21 -9.08 -8.82
CA GLU B 13 -18.79 -7.70 -8.88
C GLU B 13 -19.00 -7.07 -7.51
N ARG B 14 -20.09 -7.47 -6.84
CA ARG B 14 -20.38 -6.98 -5.50
C ARG B 14 -19.24 -7.32 -4.56
N LEU B 15 -18.69 -8.52 -4.72
CA LEU B 15 -17.56 -8.93 -3.89
C LEU B 15 -16.28 -8.30 -4.40
N GLU B 16 -16.28 -7.94 -5.68
CA GLU B 16 -15.14 -7.29 -6.30
C GLU B 16 -14.92 -5.92 -5.67
N GLN B 17 -16.03 -5.27 -5.30
CA GLN B 17 -15.96 -3.95 -4.68
C GLN B 17 -15.45 -4.07 -3.24
N LEU B 18 -15.71 -5.22 -2.62
CA LEU B 18 -15.27 -5.47 -1.26
C LEU B 18 -13.90 -6.16 -1.23
N PHE B 19 -13.34 -6.42 -2.41
CA PHE B 19 -12.03 -7.07 -2.52
C PHE B 19 -11.92 -8.30 -1.61
N LEU B 20 -11.49 -8.09 -0.37
CA LEU B 20 -11.36 -9.19 0.57
C LEU B 20 -10.30 -10.19 0.11
N LEU B 21 -9.36 -9.71 -0.71
CA LEU B 21 -8.30 -10.56 -1.21
C LEU B 21 -7.02 -9.75 -1.44
N ILE B 22 -7.16 -8.62 -2.11
CA ILE B 22 -6.01 -7.75 -2.39
C ILE B 22 -5.69 -6.86 -1.20
N PHE B 23 -6.73 -6.44 -0.48
CA PHE B 23 -6.56 -5.58 0.68
C PHE B 23 -6.72 -6.37 1.98
N PRO B 24 -5.61 -6.88 2.53
CA PRO B 24 -5.63 -7.66 3.77
C PRO B 24 -5.98 -6.80 4.99
N ARG B 25 -5.84 -7.38 6.18
CA ARG B 25 -6.14 -6.68 7.41
C ARG B 25 -5.21 -7.14 8.53
N GLU B 26 -4.00 -6.58 8.56
CA GLU B 26 -3.01 -6.94 9.57
C GLU B 26 -2.59 -5.74 10.40
N ASP B 27 -3.34 -4.64 10.29
CA ASP B 27 -3.03 -3.42 11.04
C ASP B 27 -1.71 -2.82 10.59
N LEU B 28 -0.60 -3.47 10.97
CA LEU B 28 0.73 -2.99 10.60
C LEU B 28 0.81 -2.71 9.11
N ASP B 29 1.65 -1.75 8.74
CA ASP B 29 1.80 -1.38 7.33
C ASP B 29 2.95 -2.13 6.67
N MET B 30 2.69 -3.39 6.30
CA MET B 30 3.68 -4.24 5.66
C MET B 30 4.32 -3.51 4.46
N ILE B 31 3.57 -2.61 3.86
CA ILE B 31 4.06 -1.85 2.71
C ILE B 31 5.02 -0.76 3.15
N LEU B 32 4.52 0.16 3.97
CA LEU B 32 5.32 1.26 4.48
C LEU B 32 6.59 0.77 5.17
N LYS B 33 6.61 -0.50 5.57
CA LYS B 33 7.78 -1.06 6.26
C LYS B 33 8.63 -1.94 5.36
N MET B 34 8.04 -2.51 4.32
CA MET B 34 8.78 -3.40 3.42
C MET B 34 9.23 -2.69 2.14
N ASP B 35 8.86 -1.42 1.99
CA ASP B 35 9.23 -0.67 0.79
C ASP B 35 10.09 0.55 1.15
N SER B 36 11.40 0.35 1.21
CA SER B 36 12.33 1.42 1.53
C SER B 36 11.91 2.16 2.80
N LEU B 37 12.34 3.41 2.94
CA LEU B 37 12.02 4.21 4.11
C LEU B 37 12.59 3.59 5.38
N ARG B 38 13.70 2.89 5.24
CA ARG B 38 14.35 2.25 6.38
C ARG B 38 15.83 2.63 6.43
N ASP B 39 16.49 2.64 5.27
CA ASP B 39 17.90 2.99 5.19
C ASP B 39 18.11 4.48 5.45
N ILE B 40 17.02 5.23 5.50
CA ILE B 40 17.07 6.65 5.76
C ILE B 40 17.02 6.89 7.26
N GLU B 41 15.98 6.36 7.88
CA GLU B 41 15.82 6.46 9.32
C GLU B 41 16.96 5.73 10.00
N ALA B 42 17.60 4.82 9.25
CA ALA B 42 18.71 4.03 9.77
C ALA B 42 20.02 4.80 9.61
N LEU B 43 20.41 5.06 8.36
CA LEU B 43 21.63 5.80 8.09
C LEU B 43 21.66 7.10 8.89
N LEU B 44 20.47 7.59 9.26
CA LEU B 44 20.36 8.82 10.03
C LEU B 44 20.37 8.49 11.52
N THR B 45 19.67 7.44 11.91
CA THR B 45 19.62 7.04 13.31
C THR B 45 20.99 6.60 13.82
N GLY B 46 21.92 6.36 12.90
CA GLY B 46 23.24 5.92 13.29
C GLY B 46 24.34 6.87 12.86
N LEU B 47 24.34 7.26 11.60
CA LEU B 47 25.36 8.17 11.08
C LEU B 47 24.88 9.61 11.02
N PHE B 48 23.63 9.83 11.39
CA PHE B 48 23.04 11.17 11.40
C PHE B 48 23.48 11.98 10.18
N VAL B 49 23.68 11.31 9.05
CA VAL B 49 24.11 11.98 7.83
C VAL B 49 22.95 12.70 7.16
N GLN B 50 23.17 13.97 6.82
CA GLN B 50 22.15 14.77 6.17
C GLN B 50 21.80 14.23 4.79
N ASP B 51 22.78 14.23 3.90
CA ASP B 51 22.58 13.74 2.54
C ASP B 51 23.78 12.90 2.07
N ASN B 52 24.98 13.38 2.34
CA ASN B 52 26.20 12.68 1.95
C ASN B 52 26.37 12.69 0.43
N VAL B 53 27.33 13.48 -0.04
CA VAL B 53 27.59 13.59 -1.47
C VAL B 53 29.08 13.40 -1.76
N ASN B 54 29.41 12.30 -2.44
CA ASN B 54 30.80 12.00 -2.79
C ASN B 54 30.89 11.36 -4.16
N LYS B 55 30.14 10.28 -4.35
CA LYS B 55 30.13 9.57 -5.63
C LYS B 55 29.07 8.47 -5.63
N ASP B 56 29.00 7.71 -4.54
CA ASP B 56 28.03 6.63 -4.41
C ASP B 56 26.77 7.11 -3.72
N ALA B 57 25.66 6.44 -4.00
CA ALA B 57 24.38 6.80 -3.40
C ALA B 57 23.50 5.57 -3.21
#